data_8QQI
#
_entry.id   8QQI
#
_cell.length_a   1.00
_cell.length_b   1.00
_cell.length_c   1.00
_cell.angle_alpha   90.00
_cell.angle_beta   90.00
_cell.angle_gamma   90.00
#
_symmetry.space_group_name_H-M   'P 1'
#
loop_
_entity.id
_entity.type
_entity.pdbx_description
1 polymer 'DNA gyrase subunit A'
2 polymer 'DNA gyrase subunit B'
3 polymer 'Mu217 chain E'
4 polymer 'Mu217 chain F'
5 non-polymer ~{N}-[[(2~{S},5~{R})-5-(4-pyridin-3-ylphenyl)pyrrolidin-2-yl]methyl]isoquinoline-5-sulfonamide
6 non-polymer 'MAGNESIUM ION'
#
loop_
_entity_poly.entity_id
_entity_poly.type
_entity_poly.pdbx_seq_one_letter_code
_entity_poly.pdbx_strand_id
1 'polypeptide(L)'
;SSDLAREITPVNIEEELKSSYLDYAMSVIVGRALPDVRDGLKPVHRRVLYAMNVLGNDWNKAYKKSARVVGDVIGKYHPH
GDSAVYDTIVRMAQPFSLRYMLVDGQGNFGSIDGDSAAAMRYTEIRLAKIAHELMADLEKETVDFVDNYDGTEKIPDVMP
TKIPNLLVNGSSGIAVGMATNIPPHNLTEVINGCLAYIDDEDISIEGLMEHIPGPDFPTAAIINGRRGIEEAYRTGRGKV
YIRARAEVEVDAKTGRETIIVHEIPYQVNKARLIEKIAELVKEKRVEGISALRDESDKDGMRIVIEVKRDAVGEVVLNNL
YSQTQLQVSFGINMVALHHGQPKIMNLKDIIAAFVRHRREVVTRRTIFELRKARDRAHILEALAVALANIDPIIELIRHA
PTPAEAKTALVANPWQLGNVAAMLERAGDDAARPEWLEPEFGVRDGLYYLTEQQAQAILDLRLQKLTGLEHEKLLDEYKE
LLDQIAELLRILGSADRLMEVIREELELVREQFGDKRRTEITAN
;
A,C
2 'polypeptide(L)'
;GPSNSYDSSSIKVLKGLDAVRKRPGMYIGDTDDGTGLHHMVFEVVDNAIDEALAGHCKEIIVTIHADNSVSVQDDGRGIP
TGIHPEEGVSAAEVIMTVLHAGGKFDDNSYKVSGGLHGVGVSVVNALSQKLELVIQREGKIHRQIYEHGVPQAPLAVTGE
TEKTGTMVRFWPSLETFTNVTEFEYEILAKRLRELSFLNSGVSIRLRDKRDGKEDHFHYEGGIKAFVEYLNKNKTPIHPN
IFYFSTEKDGIGVEVALQWNDGFQENIYCFTNNIPQRDGGTHLAGFRAAMTRTLNAYMDKEGYSKKAKVSATGDDAREGL
IAVVSVKVPDPKFSSQTKDKLVSSEVKSAVEQQMNELLAEYLLENPTDAKIVVGKIIDAARAREAARRAREMTRRKGALD
LAGLPGKLADCQERDPALSELYLVEGDSAGGSAKQGRNRKNQAILPLKGKILNVEKARFDKMLSSQEVATLITALGCGIG
RDEYNPDKLRYHSIIIMTDADVDGSHIRTLLLTFFYRQMPEIVERGHVYIAQPPLYKVKKGKQEQYIKDDEAMDQYQISI
ALDGATLHTNASAPALAGEALEKLVSEYNATQKMINRMERRYPKAMLKELIYQPTLTEADLSDEQTVTRWVNALVSELND
KEQHGSQWKFDVHTNAEQNLFEPIVRVRTHGVDTDYPLDHEFITGGEYRRICTLGEKLRGLLEEDAFIERGERRQPVASF
EQALDWLVKESRRGLSIQRYKGLGEMNPEQLWETTMDPESRRMLRVTVKDAIAADQLFTTLMGDAVEPRRAFIEENALKA
A
;
B,D
3 'polydeoxyribonucleotide'
;(DA)(DT)(DC)(DA)(DG)(DG)(DC)(DA)(DT)(DA)(DA)(DA)(DA)(DT)(DC)(DA)(DC)(DC)(DC)(DG)
(DC)(DA)(DC)(DA)(DG)(DA)
;
E
4 'polydeoxyribonucleotide'
;(DT)(DC)(DT)(DG)(DT)(DG)(DC)(DG)(DG)(DG)(DT)(DG)(DA)(DT)(DT)(DT)(DT)(DA)(DT)(DG)
(DC)(DC)(DT)(DG)(DA)(DT)
;
F
#
# COMPACT_ATOMS: atom_id res chain seq x y z
N ILE A 8 -17.76 -29.52 -31.69
CA ILE A 8 -18.54 -28.29 -31.62
C ILE A 8 -19.96 -28.60 -31.16
N THR A 9 -20.18 -28.50 -29.86
CA THR A 9 -21.50 -28.78 -29.29
C THR A 9 -22.39 -27.54 -29.43
N PRO A 10 -23.54 -27.65 -30.07
CA PRO A 10 -24.41 -26.48 -30.25
C PRO A 10 -25.14 -26.09 -28.98
N VAL A 11 -25.51 -24.81 -28.90
CA VAL A 11 -26.34 -24.27 -27.82
C VAL A 11 -27.44 -23.43 -28.43
N ASN A 12 -28.51 -23.25 -27.66
CA ASN A 12 -29.62 -22.39 -28.06
C ASN A 12 -29.38 -20.97 -27.58
N ILE A 13 -29.92 -20.01 -28.33
CA ILE A 13 -29.75 -18.61 -27.96
C ILE A 13 -30.70 -18.21 -26.83
N GLU A 14 -31.73 -19.01 -26.55
CA GLU A 14 -32.65 -18.69 -25.47
C GLU A 14 -32.05 -18.98 -24.10
N GLU A 15 -31.29 -20.07 -23.98
CA GLU A 15 -30.70 -20.43 -22.70
C GLU A 15 -29.34 -19.81 -22.46
N GLU A 16 -28.66 -19.34 -23.51
CA GLU A 16 -27.41 -18.61 -23.32
C GLU A 16 -27.68 -17.19 -22.82
N LEU A 17 -28.76 -16.56 -23.28
CA LEU A 17 -29.12 -15.23 -22.83
C LEU A 17 -29.61 -15.24 -21.38
N LYS A 18 -30.39 -16.27 -21.01
CA LYS A 18 -30.97 -16.33 -19.68
C LYS A 18 -29.93 -16.64 -18.62
N SER A 19 -28.97 -17.51 -18.94
CA SER A 19 -27.95 -17.90 -17.97
C SER A 19 -26.95 -16.79 -17.72
N SER A 20 -26.61 -16.02 -18.76
CA SER A 20 -25.61 -14.97 -18.61
C SER A 20 -26.16 -13.74 -17.90
N TYR A 21 -27.43 -13.40 -18.15
CA TYR A 21 -27.99 -12.18 -17.58
C TYR A 21 -28.32 -12.31 -16.10
N LEU A 22 -28.69 -13.51 -15.65
CA LEU A 22 -28.99 -13.71 -14.24
C LEU A 22 -27.75 -13.74 -13.37
N ASP A 23 -26.59 -14.11 -13.94
CA ASP A 23 -25.35 -14.09 -13.16
C ASP A 23 -24.89 -12.67 -12.90
N TYR A 24 -25.10 -11.76 -13.85
CA TYR A 24 -24.72 -10.36 -13.66
C TYR A 24 -25.69 -9.67 -12.70
N ALA A 25 -26.98 -9.97 -12.80
CA ALA A 25 -27.99 -9.24 -12.04
C ALA A 25 -27.95 -9.56 -10.57
N MET A 26 -27.65 -10.81 -10.20
CA MET A 26 -27.60 -11.18 -8.79
C MET A 26 -26.36 -10.62 -8.10
N SER A 27 -25.28 -10.37 -8.85
CA SER A 27 -24.05 -9.88 -8.25
C SER A 27 -24.15 -8.39 -7.92
N VAL A 28 -24.86 -7.62 -8.75
CA VAL A 28 -25.02 -6.19 -8.48
C VAL A 28 -25.95 -5.97 -7.28
N ILE A 29 -26.99 -6.80 -7.16
CA ILE A 29 -27.98 -6.65 -6.09
C ILE A 29 -27.37 -6.97 -4.73
N VAL A 30 -26.66 -8.09 -4.64
CA VAL A 30 -26.14 -8.55 -3.35
C VAL A 30 -24.75 -7.97 -3.07
N GLY A 31 -23.88 -7.91 -4.08
CA GLY A 31 -22.49 -7.58 -3.83
C GLY A 31 -21.99 -6.18 -4.13
N ARG A 32 -22.82 -5.31 -4.73
CA ARG A 32 -22.36 -3.98 -5.10
C ARG A 32 -23.16 -2.87 -4.45
N ALA A 33 -24.49 -2.89 -4.57
CA ALA A 33 -25.37 -1.87 -4.03
C ALA A 33 -26.28 -2.50 -2.98
N LEU A 34 -27.32 -1.73 -2.58
CA LEU A 34 -28.39 -2.17 -1.67
C LEU A 34 -27.86 -2.58 -0.31
N PRO A 35 -27.60 -1.62 0.59
CA PRO A 35 -26.92 -1.94 1.85
C PRO A 35 -27.75 -2.82 2.78
N ASP A 36 -27.03 -3.44 3.73
CA ASP A 36 -27.65 -4.32 4.70
C ASP A 36 -28.50 -3.53 5.70
N VAL A 37 -29.50 -4.20 6.27
CA VAL A 37 -30.39 -3.54 7.22
C VAL A 37 -29.85 -3.53 8.64
N ARG A 38 -28.81 -4.31 8.93
CA ARG A 38 -28.31 -4.41 10.29
C ARG A 38 -27.21 -3.41 10.60
N ASP A 39 -26.44 -2.97 9.60
CA ASP A 39 -25.42 -1.96 9.81
C ASP A 39 -25.49 -0.79 8.84
N GLY A 40 -26.28 -0.89 7.76
CA GLY A 40 -26.46 0.24 6.87
C GLY A 40 -25.29 0.55 5.96
N LEU A 41 -24.44 -0.42 5.68
CA LEU A 41 -23.23 -0.20 4.90
C LEU A 41 -23.21 -1.10 3.66
N LYS A 42 -22.75 -0.54 2.55
CA LYS A 42 -22.43 -1.28 1.34
C LYS A 42 -21.09 -1.99 1.52
N PRO A 43 -20.78 -3.00 0.69
CA PRO A 43 -19.46 -3.67 0.79
C PRO A 43 -18.26 -2.78 0.51
N VAL A 44 -18.43 -1.64 -0.17
CA VAL A 44 -17.31 -0.74 -0.41
C VAL A 44 -16.87 -0.05 0.87
N HIS A 45 -17.83 0.37 1.70
CA HIS A 45 -17.53 1.15 2.89
C HIS A 45 -16.88 0.30 3.99
N ARG A 46 -17.31 -0.96 4.09
CA ARG A 46 -16.85 -1.84 5.16
C ARG A 46 -15.37 -2.17 5.04
N ARG A 47 -14.89 -2.37 3.81
CA ARG A 47 -13.48 -2.68 3.59
C ARG A 47 -12.58 -1.47 3.84
N VAL A 48 -13.07 -0.27 3.51
CA VAL A 48 -12.31 0.96 3.77
C VAL A 48 -12.17 1.19 5.27
N LEU A 49 -13.27 1.04 6.02
CA LEU A 49 -13.22 1.23 7.46
C LEU A 49 -12.38 0.16 8.15
N TYR A 50 -12.44 -1.09 7.67
CA TYR A 50 -11.64 -2.16 8.24
C TYR A 50 -10.15 -1.94 7.97
N ALA A 51 -9.80 -1.47 6.77
CA ALA A 51 -8.40 -1.20 6.45
C ALA A 51 -7.87 -0.01 7.23
N MET A 52 -8.70 1.00 7.49
CA MET A 52 -8.27 2.09 8.36
C MET A 52 -8.15 1.65 9.82
N ASN A 53 -8.96 0.67 10.24
CA ASN A 53 -8.87 0.15 11.60
C ASN A 53 -7.63 -0.70 11.81
N VAL A 54 -7.20 -1.45 10.78
CA VAL A 54 -6.04 -2.33 10.91
C VAL A 54 -4.75 -1.51 11.04
N LEU A 55 -4.64 -0.43 10.28
CA LEU A 55 -3.42 0.39 10.27
C LEU A 55 -3.16 1.14 11.57
N GLY A 56 -4.19 1.35 12.38
CA GLY A 56 -4.02 2.12 13.60
C GLY A 56 -4.20 3.60 13.37
N ASN A 57 -5.14 3.97 12.51
CA ASN A 57 -5.41 5.36 12.16
C ASN A 57 -6.51 5.90 13.08
N ASP A 58 -6.15 6.08 14.34
CA ASP A 58 -7.11 6.46 15.37
C ASP A 58 -7.41 7.97 15.31
N TRP A 59 -8.37 8.39 16.14
CA TRP A 59 -8.81 9.77 16.15
C TRP A 59 -7.91 10.69 16.97
N ASN A 60 -7.17 10.15 17.93
CA ASN A 60 -6.29 10.96 18.79
C ASN A 60 -4.83 10.87 18.40
N LYS A 61 -4.52 10.30 17.23
CA LYS A 61 -3.16 10.23 16.72
C LYS A 61 -2.98 11.21 15.58
N ALA A 62 -1.80 11.18 14.97
CA ALA A 62 -1.48 12.11 13.90
C ALA A 62 -2.18 11.73 12.60
N TYR A 63 -2.27 12.69 11.70
CA TYR A 63 -2.88 12.47 10.40
C TYR A 63 -2.00 11.58 9.53
N LYS A 64 -2.62 10.99 8.51
CA LYS A 64 -1.94 10.09 7.59
C LYS A 64 -2.40 10.40 6.17
N LYS A 65 -1.49 10.24 5.22
CA LYS A 65 -1.81 10.49 3.81
C LYS A 65 -2.81 9.48 3.28
N SER A 66 -3.67 9.94 2.37
CA SER A 66 -4.71 9.08 1.80
C SER A 66 -4.17 8.07 0.81
N ALA A 67 -2.96 8.30 0.27
CA ALA A 67 -2.37 7.38 -0.69
C ALA A 67 -2.05 6.03 -0.06
N ARG A 68 -1.63 6.04 1.21
CA ARG A 68 -1.39 4.79 1.95
C ARG A 68 -2.67 3.97 2.09
N VAL A 69 -3.77 4.64 2.45
CA VAL A 69 -5.04 3.95 2.66
C VAL A 69 -5.58 3.39 1.35
N VAL A 70 -5.51 4.18 0.28
CA VAL A 70 -6.00 3.73 -1.02
C VAL A 70 -5.14 2.57 -1.55
N GLY A 71 -3.82 2.64 -1.34
CA GLY A 71 -2.95 1.55 -1.75
C GLY A 71 -3.20 0.26 -0.99
N ASP A 72 -3.45 0.35 0.33
CA ASP A 72 -3.76 -0.84 1.12
C ASP A 72 -5.09 -1.46 0.71
N VAL A 73 -6.11 -0.61 0.48
CA VAL A 73 -7.44 -1.10 0.09
C VAL A 73 -7.38 -1.79 -1.27
N ILE A 74 -6.65 -1.20 -2.22
CA ILE A 74 -6.55 -1.82 -3.55
C ILE A 74 -5.73 -3.09 -3.50
N GLY A 75 -4.57 -3.06 -2.82
CA GLY A 75 -3.68 -4.20 -2.84
C GLY A 75 -4.10 -5.37 -1.98
N LYS A 76 -5.00 -5.16 -1.01
CA LYS A 76 -5.32 -6.27 -0.11
C LYS A 76 -6.78 -6.72 -0.17
N TYR A 77 -7.74 -5.79 -0.29
CA TYR A 77 -9.14 -6.16 -0.13
C TYR A 77 -9.99 -5.91 -1.35
N HIS A 78 -9.89 -4.72 -1.97
CA HIS A 78 -10.83 -4.33 -3.01
C HIS A 78 -10.12 -4.26 -4.36
N PRO A 79 -10.37 -5.21 -5.27
CA PRO A 79 -9.64 -5.21 -6.55
C PRO A 79 -10.32 -4.39 -7.65
N HIS A 80 -11.27 -3.53 -7.30
CA HIS A 80 -12.10 -2.83 -8.29
C HIS A 80 -11.63 -1.37 -8.41
N GLY A 81 -10.65 -1.14 -9.26
CA GLY A 81 -10.31 0.21 -9.68
C GLY A 81 -9.59 1.02 -8.62
N ASP A 82 -9.31 2.26 -8.97
CA ASP A 82 -8.57 3.18 -8.11
C ASP A 82 -9.28 4.50 -7.88
N SER A 83 -9.90 5.08 -8.91
CA SER A 83 -10.52 6.39 -8.76
C SER A 83 -11.86 6.32 -8.03
N ALA A 84 -12.54 5.16 -8.07
CA ALA A 84 -13.81 5.02 -7.38
C ALA A 84 -13.62 4.85 -5.87
N VAL A 85 -12.47 4.35 -5.44
CA VAL A 85 -12.20 4.21 -4.01
C VAL A 85 -11.97 5.58 -3.37
N TYR A 86 -11.29 6.48 -4.07
CA TYR A 86 -11.04 7.81 -3.53
C TYR A 86 -12.30 8.68 -3.55
N ASP A 87 -13.26 8.39 -4.42
CA ASP A 87 -14.47 9.18 -4.49
C ASP A 87 -15.40 8.93 -3.31
N THR A 88 -15.44 7.70 -2.79
CA THR A 88 -16.28 7.43 -1.64
C THR A 88 -15.64 7.82 -0.31
N ILE A 89 -14.32 8.04 -0.29
CA ILE A 89 -13.69 8.56 0.91
C ILE A 89 -14.06 10.02 1.15
N VAL A 90 -14.05 10.83 0.08
CA VAL A 90 -14.35 12.25 0.23
C VAL A 90 -15.83 12.52 0.46
N ARG A 91 -16.71 11.56 0.22
CA ARG A 91 -18.11 11.71 0.58
C ARG A 91 -18.34 11.55 2.08
N MET A 92 -17.43 10.88 2.79
CA MET A 92 -17.54 10.72 4.23
C MET A 92 -16.97 11.92 5.00
N ALA A 93 -16.29 12.85 4.32
CA ALA A 93 -15.62 13.95 4.98
C ALA A 93 -16.29 15.30 4.75
N GLN A 94 -17.20 15.40 3.79
CA GLN A 94 -17.84 16.69 3.49
C GLN A 94 -19.00 16.93 4.44
N PRO A 95 -19.05 18.09 5.12
CA PRO A 95 -20.11 18.32 6.11
C PRO A 95 -21.48 18.59 5.50
N PHE A 96 -21.56 18.93 4.21
CA PHE A 96 -22.84 19.14 3.55
C PHE A 96 -23.37 17.89 2.88
N SER A 97 -22.68 16.75 3.03
CA SER A 97 -23.06 15.51 2.39
C SER A 97 -23.60 14.46 3.37
N LEU A 98 -22.98 14.31 4.54
CA LEU A 98 -23.43 13.36 5.54
C LEU A 98 -23.86 14.09 6.80
N ARG A 99 -24.88 13.53 7.48
CA ARG A 99 -25.36 14.13 8.71
C ARG A 99 -24.38 13.94 9.86
N TYR A 100 -23.77 12.75 9.94
CA TYR A 100 -22.72 12.47 10.93
C TYR A 100 -21.53 11.92 10.17
N MET A 101 -20.44 12.68 10.13
CA MET A 101 -19.29 12.32 9.32
C MET A 101 -18.48 11.20 9.96
N LEU A 102 -17.83 10.39 9.12
CA LEU A 102 -17.05 9.25 9.58
C LEU A 102 -15.55 9.39 9.36
N VAL A 103 -15.12 10.37 8.56
CA VAL A 103 -13.70 10.62 8.28
C VAL A 103 -13.40 12.07 8.64
N ASP A 104 -12.29 12.31 9.32
CA ASP A 104 -11.95 13.67 9.75
C ASP A 104 -11.55 14.55 8.56
N GLY A 105 -10.42 14.24 7.94
CA GLY A 105 -9.99 14.96 6.75
C GLY A 105 -9.38 16.33 6.99
N GLN A 106 -8.36 16.68 6.20
CA GLN A 106 -7.71 17.98 6.30
C GLN A 106 -7.08 18.33 4.96
N GLY A 107 -7.37 19.52 4.45
CA GLY A 107 -6.85 19.95 3.16
C GLY A 107 -7.89 20.62 2.29
N ASN A 108 -8.04 20.15 1.06
CA ASN A 108 -9.03 20.65 0.12
C ASN A 108 -9.93 19.50 -0.29
N PHE A 109 -11.17 19.52 0.21
CA PHE A 109 -12.13 18.44 -0.04
C PHE A 109 -13.37 18.94 -0.79
N GLY A 110 -13.22 19.98 -1.61
CA GLY A 110 -14.32 20.49 -2.38
C GLY A 110 -15.15 21.52 -1.64
N SER A 111 -16.18 22.01 -2.34
CA SER A 111 -17.02 23.08 -1.83
C SER A 111 -18.46 22.83 -2.22
N ILE A 112 -19.35 23.69 -1.74
CA ILE A 112 -20.77 23.59 -2.08
C ILE A 112 -21.08 24.27 -3.41
N ASP A 113 -20.13 24.99 -3.99
CA ASP A 113 -20.28 25.60 -5.31
C ASP A 113 -19.87 24.67 -6.44
N GLY A 114 -19.50 23.43 -6.15
CA GLY A 114 -19.14 22.48 -7.18
C GLY A 114 -17.66 22.30 -7.41
N ASP A 115 -16.81 22.84 -6.54
CA ASP A 115 -15.37 22.65 -6.67
C ASP A 115 -14.99 21.20 -6.38
N SER A 116 -14.04 20.68 -7.14
CA SER A 116 -13.59 19.31 -6.93
C SER A 116 -12.52 19.28 -5.84
N ALA A 117 -12.30 18.08 -5.30
CA ALA A 117 -11.27 17.88 -4.30
C ALA A 117 -9.89 17.85 -4.94
N ALA A 118 -8.86 17.95 -4.10
CA ALA A 118 -7.49 17.91 -4.58
C ALA A 118 -7.05 16.48 -4.88
N ALA A 119 -5.79 16.32 -5.24
CA ALA A 119 -5.27 15.00 -5.54
C ALA A 119 -5.01 14.22 -4.25
N MET A 120 -4.63 12.94 -4.42
CA MET A 120 -4.38 12.07 -3.28
C MET A 120 -3.09 12.42 -2.55
N ARG A 121 -2.18 13.16 -3.18
CA ARG A 121 -0.90 13.47 -2.57
C ARG A 121 -0.95 14.64 -1.61
N TYR A 122 -2.06 15.37 -1.55
CA TYR A 122 -2.13 16.62 -0.80
C TYR A 122 -3.07 16.58 0.39
N THR A 123 -3.82 15.50 0.60
CA THR A 123 -4.84 15.44 1.63
C THR A 123 -4.48 14.41 2.69
N GLU A 124 -4.88 14.70 3.93
CA GLU A 124 -4.62 13.83 5.08
C GLU A 124 -5.93 13.48 5.76
N ILE A 125 -6.08 12.20 6.15
CA ILE A 125 -7.31 11.69 6.74
C ILE A 125 -6.99 10.89 7.99
N ARG A 126 -8.00 10.77 8.86
CA ARG A 126 -7.99 9.84 9.98
C ARG A 126 -9.44 9.57 10.38
N LEU A 127 -9.62 8.56 11.22
CA LEU A 127 -10.96 8.17 11.65
C LEU A 127 -11.57 9.20 12.59
N ALA A 128 -12.89 9.32 12.53
CA ALA A 128 -13.62 10.16 13.46
C ALA A 128 -13.88 9.39 14.76
N LYS A 129 -14.33 10.13 15.78
CA LYS A 129 -14.59 9.50 17.07
C LYS A 129 -15.85 8.64 17.03
N ILE A 130 -16.83 9.03 16.21
CA ILE A 130 -18.07 8.27 16.10
C ILE A 130 -17.89 6.99 15.28
N ALA A 131 -16.80 6.88 14.51
CA ALA A 131 -16.56 5.68 13.72
C ALA A 131 -15.98 4.53 14.53
N HIS A 132 -15.51 4.80 15.76
CA HIS A 132 -15.02 3.74 16.62
C HIS A 132 -16.16 2.95 17.28
N GLU A 133 -17.37 3.52 17.31
CA GLU A 133 -18.52 2.80 17.84
C GLU A 133 -19.07 1.77 16.85
N LEU A 134 -18.74 1.89 15.57
CA LEU A 134 -19.18 0.92 14.58
C LEU A 134 -18.37 -0.37 14.65
N MET A 135 -17.09 -0.28 15.01
CA MET A 135 -16.20 -1.44 15.09
C MET A 135 -15.90 -1.84 16.53
N ALA A 136 -16.86 -1.67 17.43
CA ALA A 136 -16.64 -2.00 18.83
C ALA A 136 -16.74 -3.51 19.04
N ASP A 137 -15.80 -4.04 19.85
CA ASP A 137 -15.70 -5.46 20.20
C ASP A 137 -15.60 -6.36 18.96
N LEU A 138 -14.76 -5.94 18.00
CA LEU A 138 -14.60 -6.71 16.78
C LEU A 138 -13.74 -7.95 17.00
N GLU A 139 -12.78 -7.89 17.92
CA GLU A 139 -11.85 -8.98 18.16
C GLU A 139 -12.29 -9.90 19.30
N LYS A 140 -13.60 -10.03 19.52
CA LYS A 140 -14.12 -10.92 20.56
C LYS A 140 -15.09 -11.96 19.99
N GLU A 141 -14.97 -12.26 18.70
CA GLU A 141 -15.76 -13.28 17.98
C GLU A 141 -17.25 -13.02 18.07
N THR A 142 -17.65 -11.84 17.57
CA THR A 142 -19.05 -11.45 17.54
C THR A 142 -19.66 -11.46 16.14
N VAL A 143 -18.84 -11.45 15.09
CA VAL A 143 -19.30 -11.51 13.71
C VAL A 143 -18.53 -12.61 12.99
N ASP A 144 -18.94 -12.87 11.74
CA ASP A 144 -18.31 -13.88 10.91
C ASP A 144 -17.34 -13.26 9.92
N PHE A 145 -16.38 -14.07 9.47
CA PHE A 145 -15.32 -13.63 8.57
C PHE A 145 -15.35 -14.47 7.30
N VAL A 146 -15.03 -13.84 6.17
CA VAL A 146 -15.01 -14.49 4.87
C VAL A 146 -13.63 -14.31 4.25
N ASP A 147 -13.40 -15.01 3.14
CA ASP A 147 -12.12 -15.02 2.46
C ASP A 147 -12.03 -13.88 1.44
N ASN A 148 -10.85 -13.73 0.86
CA ASN A 148 -10.59 -12.74 -0.18
C ASN A 148 -10.82 -13.34 -1.56
N TYR A 149 -10.39 -12.61 -2.59
CA TYR A 149 -10.43 -13.13 -3.95
C TYR A 149 -9.34 -14.16 -4.21
N ASP A 150 -8.23 -14.11 -3.46
CA ASP A 150 -7.14 -15.06 -3.63
C ASP A 150 -6.74 -15.71 -2.30
N GLY A 151 -7.58 -15.62 -1.29
CA GLY A 151 -7.27 -16.20 0.00
C GLY A 151 -6.27 -15.36 0.79
N THR A 152 -5.75 -15.99 1.85
CA THR A 152 -4.70 -15.50 2.75
C THR A 152 -5.03 -14.24 3.54
N GLU A 153 -6.26 -13.73 3.42
CA GLU A 153 -6.73 -12.61 4.22
C GLU A 153 -8.19 -12.83 4.56
N LYS A 154 -8.64 -12.23 5.66
CA LYS A 154 -10.01 -12.37 6.13
C LYS A 154 -10.67 -11.01 6.31
N ILE A 155 -11.92 -10.90 5.88
CA ILE A 155 -12.70 -9.67 5.93
C ILE A 155 -13.97 -9.98 6.72
N PRO A 156 -14.40 -9.11 7.64
CA PRO A 156 -15.66 -9.36 8.35
C PRO A 156 -16.88 -9.28 7.44
N ASP A 157 -17.87 -10.12 7.75
CA ASP A 157 -19.09 -10.18 6.97
C ASP A 157 -20.04 -9.02 7.28
N VAL A 158 -20.07 -8.58 8.54
CA VAL A 158 -20.93 -7.49 8.98
C VAL A 158 -20.25 -6.82 10.17
N MET A 159 -20.66 -5.59 10.48
CA MET A 159 -20.03 -4.85 11.57
C MET A 159 -20.86 -4.93 12.84
N PRO A 160 -20.23 -5.06 14.02
CA PRO A 160 -20.96 -5.09 15.29
C PRO A 160 -21.23 -3.70 15.85
N THR A 161 -22.09 -2.96 15.16
CA THR A 161 -22.31 -1.55 15.45
C THR A 161 -23.17 -1.37 16.71
N LYS A 162 -22.95 -0.24 17.39
CA LYS A 162 -23.76 0.17 18.52
C LYS A 162 -24.64 1.37 18.21
N ILE A 163 -24.48 1.98 17.05
CA ILE A 163 -25.19 3.19 16.66
C ILE A 163 -26.10 2.85 15.48
N PRO A 164 -27.39 3.18 15.54
CA PRO A 164 -28.30 2.77 14.45
C PRO A 164 -28.08 3.55 13.17
N ASN A 165 -27.36 2.95 12.22
CA ASN A 165 -27.18 3.56 10.92
C ASN A 165 -28.36 3.21 10.02
N LEU A 166 -28.32 3.69 8.77
CA LEU A 166 -29.36 3.64 7.73
C LEU A 166 -30.56 4.54 8.05
N LEU A 167 -30.60 5.12 9.26
CA LEU A 167 -31.60 6.11 9.60
C LEU A 167 -30.98 7.46 9.89
N VAL A 168 -29.92 7.48 10.70
CA VAL A 168 -29.23 8.74 10.99
C VAL A 168 -28.47 9.24 9.76
N ASN A 169 -28.04 8.34 8.89
CA ASN A 169 -27.57 8.68 7.55
C ASN A 169 -28.58 8.09 6.56
N GLY A 170 -28.32 8.13 5.26
CA GLY A 170 -29.27 7.58 4.32
C GLY A 170 -28.69 6.51 3.42
N SER A 171 -29.29 6.36 2.24
CA SER A 171 -28.76 5.48 1.20
C SER A 171 -29.23 5.95 -0.16
N SER A 172 -28.42 5.71 -1.18
CA SER A 172 -28.75 6.11 -2.54
C SER A 172 -27.99 5.19 -3.48
N GLY A 173 -28.69 4.27 -4.12
CA GLY A 173 -28.05 3.32 -5.02
C GLY A 173 -29.03 2.85 -6.08
N ILE A 174 -28.46 2.47 -7.23
CA ILE A 174 -29.23 1.96 -8.37
C ILE A 174 -28.77 0.54 -8.65
N ALA A 175 -29.72 -0.38 -8.74
CA ALA A 175 -29.46 -1.79 -9.04
C ALA A 175 -30.17 -2.17 -10.33
N VAL A 176 -30.23 -3.47 -10.62
CA VAL A 176 -30.93 -3.99 -11.79
C VAL A 176 -32.34 -4.38 -11.33
N GLY A 177 -33.31 -3.52 -11.63
CA GLY A 177 -34.70 -3.76 -11.28
C GLY A 177 -35.22 -2.99 -10.08
N MET A 178 -34.34 -2.34 -9.32
CA MET A 178 -34.75 -1.67 -8.09
C MET A 178 -33.74 -0.60 -7.73
N ALA A 179 -34.15 0.30 -6.83
CA ALA A 179 -33.30 1.38 -6.36
C ALA A 179 -33.79 1.81 -4.98
N THR A 180 -32.94 2.55 -4.26
CA THR A 180 -33.23 2.95 -2.89
C THR A 180 -33.03 4.46 -2.72
N ASN A 181 -33.77 5.04 -1.77
CA ASN A 181 -33.66 6.47 -1.45
C ASN A 181 -34.19 6.68 -0.03
N ILE A 182 -33.29 6.91 0.93
CA ILE A 182 -33.65 7.04 2.34
C ILE A 182 -33.10 8.37 2.89
N PRO A 183 -33.90 9.15 3.61
CA PRO A 183 -33.41 10.45 4.12
C PRO A 183 -32.75 10.32 5.48
N PRO A 184 -31.92 11.29 5.88
CA PRO A 184 -31.31 11.25 7.22
C PRO A 184 -32.29 11.63 8.33
N HIS A 185 -31.92 11.27 9.56
CA HIS A 185 -32.74 11.53 10.73
C HIS A 185 -31.84 12.06 11.85
N ASN A 186 -32.39 12.14 13.07
CA ASN A 186 -31.73 12.69 14.24
C ASN A 186 -31.44 11.57 15.23
N LEU A 187 -30.27 11.65 15.88
CA LEU A 187 -29.80 10.53 16.71
C LEU A 187 -30.56 10.43 18.03
N THR A 188 -30.80 11.56 18.69
CA THR A 188 -31.45 11.55 20.00
C THR A 188 -32.93 11.19 19.91
N GLU A 189 -33.53 11.27 18.73
CA GLU A 189 -34.92 10.84 18.55
C GLU A 189 -35.02 9.35 18.23
N VAL A 190 -34.09 8.84 17.42
CA VAL A 190 -34.16 7.42 17.07
C VAL A 190 -33.73 6.55 18.24
N ILE A 191 -32.87 7.07 19.14
CA ILE A 191 -32.53 6.32 20.35
C ILE A 191 -33.71 6.25 21.30
N ASN A 192 -34.49 7.33 21.40
CA ASN A 192 -35.71 7.31 22.20
C ASN A 192 -36.75 6.37 21.64
N GLY A 193 -36.85 6.30 20.31
CA GLY A 193 -37.76 5.32 19.69
C GLY A 193 -37.32 3.88 19.92
N CYS A 194 -36.00 3.64 19.91
CA CYS A 194 -35.48 2.30 20.19
C CYS A 194 -35.74 1.89 21.64
N LEU A 195 -35.62 2.84 22.58
CA LEU A 195 -35.93 2.53 23.97
C LEU A 195 -37.41 2.30 24.19
N ALA A 196 -38.26 3.03 23.46
CA ALA A 196 -39.70 2.83 23.54
C ALA A 196 -40.12 1.49 22.95
N TYR A 197 -39.37 0.97 21.98
CA TYR A 197 -39.65 -0.39 21.49
C TYR A 197 -39.24 -1.44 22.51
N ILE A 198 -38.16 -1.21 23.25
CA ILE A 198 -37.71 -2.18 24.26
C ILE A 198 -38.70 -2.25 25.41
N ASP A 199 -39.23 -1.10 25.84
CA ASP A 199 -40.18 -1.09 26.95
C ASP A 199 -41.52 -1.73 26.58
N ASP A 200 -41.89 -1.72 25.30
CA ASP A 200 -43.15 -2.31 24.86
C ASP A 200 -43.01 -2.74 23.41
N GLU A 201 -43.11 -4.05 23.16
CA GLU A 201 -42.90 -4.58 21.83
C GLU A 201 -44.12 -4.47 20.93
N ASP A 202 -45.28 -4.12 21.47
CA ASP A 202 -46.50 -3.96 20.68
C ASP A 202 -46.80 -2.50 20.36
N ILE A 203 -45.76 -1.68 20.23
CA ILE A 203 -45.93 -0.26 19.98
C ILE A 203 -46.35 -0.05 18.53
N SER A 204 -47.35 0.80 18.31
CA SER A 204 -47.89 1.04 16.99
C SER A 204 -47.06 2.08 16.25
N ILE A 205 -47.44 2.36 15.00
CA ILE A 205 -46.75 3.38 14.20
C ILE A 205 -47.06 4.77 14.75
N GLU A 206 -48.30 5.01 15.16
CA GLU A 206 -48.68 6.31 15.71
C GLU A 206 -48.03 6.55 17.07
N GLY A 207 -47.88 5.50 17.88
CA GLY A 207 -47.20 5.64 19.15
C GLY A 207 -45.70 5.76 19.04
N LEU A 208 -45.12 5.28 17.95
CA LEU A 208 -43.70 5.40 17.69
C LEU A 208 -43.34 6.71 17.00
N MET A 209 -44.33 7.42 16.47
CA MET A 209 -44.10 8.65 15.73
C MET A 209 -44.12 9.90 16.60
N GLU A 210 -44.47 9.77 17.88
CA GLU A 210 -44.38 10.90 18.78
C GLU A 210 -42.96 11.14 19.28
N HIS A 211 -42.06 10.17 19.09
CA HIS A 211 -40.64 10.35 19.37
C HIS A 211 -39.85 10.74 18.13
N ILE A 212 -40.24 10.25 16.96
CA ILE A 212 -39.58 10.55 15.70
C ILE A 212 -40.57 11.30 14.81
N PRO A 213 -40.54 12.63 14.79
CA PRO A 213 -41.52 13.39 14.00
C PRO A 213 -41.23 13.39 12.50
N GLY A 214 -39.96 13.38 12.10
CA GLY A 214 -39.63 13.43 10.69
C GLY A 214 -38.15 13.47 10.40
N PRO A 215 -37.78 13.63 9.14
CA PRO A 215 -36.37 13.66 8.75
C PRO A 215 -35.67 14.93 9.18
N ASP A 216 -34.34 14.85 9.27
CA ASP A 216 -33.49 15.98 9.63
C ASP A 216 -32.34 16.04 8.65
N PHE A 217 -32.14 17.21 8.06
CA PHE A 217 -31.13 17.39 7.01
C PHE A 217 -29.95 18.21 7.52
N PRO A 218 -28.74 17.96 7.01
CA PRO A 218 -27.57 18.73 7.46
C PRO A 218 -27.53 20.17 6.98
N THR A 219 -28.41 20.56 6.04
CA THR A 219 -28.44 21.91 5.51
C THR A 219 -29.68 22.68 5.96
N ALA A 220 -30.28 22.28 7.09
CA ALA A 220 -31.45 22.89 7.72
C ALA A 220 -32.68 22.98 6.80
N ALA A 221 -33.04 24.19 6.39
CA ALA A 221 -34.22 24.53 5.59
C ALA A 221 -35.53 24.11 6.23
N ILE A 222 -36.62 24.11 5.47
CA ILE A 222 -37.98 23.88 5.97
C ILE A 222 -38.61 22.74 5.19
N ILE A 223 -39.27 21.83 5.90
CA ILE A 223 -40.13 20.81 5.28
C ILE A 223 -41.56 21.32 5.30
N ASN A 224 -42.19 21.36 4.12
CA ASN A 224 -43.50 22.00 3.93
C ASN A 224 -44.57 20.92 3.77
N GLY A 225 -45.20 20.52 4.87
CA GLY A 225 -46.26 19.53 4.83
C GLY A 225 -46.01 18.29 5.67
N ARG A 226 -47.07 17.67 6.17
CA ARG A 226 -46.96 16.49 7.01
C ARG A 226 -47.62 15.25 6.43
N ARG A 227 -48.27 15.35 5.28
CA ARG A 227 -49.06 14.23 4.77
C ARG A 227 -48.16 13.14 4.18
N GLY A 228 -47.07 13.53 3.52
CA GLY A 228 -46.18 12.57 2.90
C GLY A 228 -45.25 11.85 3.85
N ILE A 229 -45.13 12.31 5.09
CA ILE A 229 -44.27 11.64 6.07
C ILE A 229 -44.98 10.43 6.67
N GLU A 230 -46.27 10.57 6.98
CA GLU A 230 -47.01 9.48 7.60
C GLU A 230 -47.29 8.35 6.62
N GLU A 231 -47.34 8.65 5.33
CA GLU A 231 -47.56 7.61 4.33
C GLU A 231 -46.31 6.76 4.14
N ALA A 232 -45.12 7.36 4.24
CA ALA A 232 -43.88 6.63 4.04
C ALA A 232 -43.54 5.73 5.22
N TYR A 233 -43.94 6.12 6.43
CA TYR A 233 -43.62 5.33 7.61
C TYR A 233 -44.54 4.13 7.79
N ARG A 234 -45.68 4.10 7.10
CA ARG A 234 -46.59 2.96 7.16
C ARG A 234 -46.39 2.00 6.00
N THR A 235 -46.09 2.51 4.81
CA THR A 235 -45.96 1.70 3.60
C THR A 235 -44.52 1.50 3.18
N GLY A 236 -43.77 2.60 3.02
CA GLY A 236 -42.40 2.52 2.54
C GLY A 236 -42.14 3.50 1.42
N ARG A 237 -43.20 4.05 0.83
CA ARG A 237 -43.09 4.99 -0.27
C ARG A 237 -43.91 6.24 0.04
N GLY A 238 -43.33 7.41 -0.25
CA GLY A 238 -43.99 8.68 -0.01
C GLY A 238 -43.18 9.80 -0.62
N LYS A 239 -43.76 11.00 -0.61
CA LYS A 239 -43.14 12.16 -1.23
C LYS A 239 -43.31 13.39 -0.34
N VAL A 240 -42.20 14.11 -0.10
CA VAL A 240 -42.20 15.31 0.72
C VAL A 240 -41.66 16.48 -0.11
N TYR A 241 -41.79 17.68 0.44
CA TYR A 241 -41.32 18.91 -0.20
C TYR A 241 -40.39 19.66 0.74
N ILE A 242 -39.30 20.19 0.18
CA ILE A 242 -38.29 20.92 0.93
C ILE A 242 -38.26 22.35 0.41
N ARG A 243 -38.32 23.33 1.31
CA ARG A 243 -38.39 24.74 0.97
C ARG A 243 -37.26 25.50 1.64
N ALA A 244 -36.66 26.43 0.90
CA ALA A 244 -35.59 27.27 1.42
C ALA A 244 -36.14 28.31 2.40
N ARG A 245 -35.23 28.90 3.18
CA ARG A 245 -35.59 29.93 4.15
C ARG A 245 -35.13 31.29 3.63
N ALA A 246 -36.08 32.22 3.55
CA ALA A 246 -35.81 33.55 3.01
C ALA A 246 -36.80 34.53 3.62
N GLU A 247 -36.49 35.82 3.49
CA GLU A 247 -37.33 36.87 4.05
C GLU A 247 -37.15 38.15 3.25
N VAL A 248 -38.11 39.06 3.40
CA VAL A 248 -38.12 40.34 2.72
C VAL A 248 -38.04 41.44 3.77
N GLU A 249 -37.05 42.33 3.62
CA GLU A 249 -36.86 43.44 4.54
C GLU A 249 -36.89 44.76 3.79
N VAL A 250 -37.30 45.81 4.49
CA VAL A 250 -37.45 47.14 3.90
C VAL A 250 -36.40 48.07 4.51
N ASP A 251 -36.22 49.22 3.87
CA ASP A 251 -35.27 50.22 4.34
C ASP A 251 -35.96 51.17 5.31
N ALA A 252 -35.15 51.77 6.19
CA ALA A 252 -35.69 52.68 7.20
C ALA A 252 -36.10 54.02 6.58
N LYS A 253 -35.28 54.56 5.67
CA LYS A 253 -35.57 55.84 5.07
C LYS A 253 -36.38 55.70 3.78
N THR A 254 -35.85 54.96 2.81
CA THR A 254 -36.52 54.75 1.54
C THR A 254 -37.44 53.53 1.63
N GLY A 255 -38.22 53.32 0.57
CA GLY A 255 -39.12 52.19 0.49
C GLY A 255 -38.56 51.02 -0.27
N ARG A 256 -37.24 50.98 -0.43
CA ARG A 256 -36.59 49.90 -1.16
C ARG A 256 -36.65 48.59 -0.39
N GLU A 257 -36.79 47.49 -1.11
CA GLU A 257 -36.90 46.16 -0.52
C GLU A 257 -35.85 45.23 -1.10
N THR A 258 -35.36 44.32 -0.26
CA THR A 258 -34.38 43.33 -0.66
C THR A 258 -34.80 41.96 -0.15
N ILE A 259 -34.33 40.92 -0.82
CA ILE A 259 -34.62 39.53 -0.46
C ILE A 259 -33.30 38.88 -0.05
N ILE A 260 -33.27 38.32 1.16
CA ILE A 260 -32.08 37.67 1.71
C ILE A 260 -32.36 36.19 1.86
N VAL A 261 -31.48 35.36 1.32
CA VAL A 261 -31.61 33.91 1.38
C VAL A 261 -30.55 33.39 2.36
N HIS A 262 -31.01 32.64 3.37
CA HIS A 262 -30.14 32.13 4.41
C HIS A 262 -29.78 30.66 4.25
N GLU A 263 -30.72 29.83 3.79
CA GLU A 263 -30.52 28.39 3.66
C GLU A 263 -31.06 27.92 2.32
N ILE A 264 -30.51 26.80 1.84
CA ILE A 264 -30.91 26.20 0.57
C ILE A 264 -31.26 24.74 0.80
N PRO A 265 -32.11 24.14 -0.07
CA PRO A 265 -32.48 22.73 0.13
C PRO A 265 -31.35 21.71 -0.05
N TYR A 266 -31.69 20.45 0.19
CA TYR A 266 -30.73 19.35 0.15
C TYR A 266 -30.35 19.01 -1.29
N GLN A 267 -29.07 18.69 -1.48
CA GLN A 267 -28.47 18.31 -2.78
C GLN A 267 -28.64 19.40 -3.85
N VAL A 268 -28.49 20.67 -3.46
CA VAL A 268 -28.69 21.79 -4.37
C VAL A 268 -27.39 22.57 -4.47
N ASN A 269 -26.90 22.76 -5.70
CA ASN A 269 -25.74 23.59 -5.96
C ASN A 269 -26.13 25.06 -5.91
N LYS A 270 -25.18 25.91 -5.51
CA LYS A 270 -25.47 27.32 -5.32
C LYS A 270 -25.12 28.17 -6.55
N ALA A 271 -23.99 27.88 -7.19
CA ALA A 271 -23.58 28.62 -8.38
C ALA A 271 -24.53 28.39 -9.54
N ARG A 272 -25.01 27.15 -9.70
CA ARG A 272 -25.99 26.84 -10.74
C ARG A 272 -27.32 27.55 -10.47
N LEU A 273 -27.69 27.67 -9.19
CA LEU A 273 -28.91 28.39 -8.82
C LEU A 273 -28.81 29.88 -9.17
N ILE A 274 -27.65 30.50 -8.88
CA ILE A 274 -27.46 31.91 -9.20
C ILE A 274 -27.44 32.13 -10.71
N GLU A 275 -26.80 31.22 -11.45
CA GLU A 275 -26.78 31.30 -12.91
C GLU A 275 -28.18 31.12 -13.52
N LYS A 276 -28.98 30.23 -12.93
CA LYS A 276 -30.34 30.02 -13.42
C LYS A 276 -31.23 31.23 -13.16
N ILE A 277 -31.07 31.87 -12.00
CA ILE A 277 -31.83 33.07 -11.70
C ILE A 277 -31.43 34.22 -12.64
N ALA A 278 -30.13 34.35 -12.92
CA ALA A 278 -29.66 35.39 -13.83
C ALA A 278 -30.14 35.15 -15.27
N GLU A 279 -30.16 33.88 -15.70
CA GLU A 279 -30.67 33.54 -17.03
C GLU A 279 -32.17 33.81 -17.12
N LEU A 280 -32.91 33.51 -16.05
CA LEU A 280 -34.35 33.77 -16.03
C LEU A 280 -34.67 35.25 -16.08
N VAL A 281 -33.82 36.09 -15.46
CA VAL A 281 -34.00 37.54 -15.57
C VAL A 281 -33.67 38.01 -16.98
N LYS A 282 -32.61 37.46 -17.59
CA LYS A 282 -32.19 37.89 -18.92
C LYS A 282 -33.19 37.51 -20.00
N GLU A 283 -33.84 36.37 -19.86
CA GLU A 283 -34.82 35.92 -20.85
C GLU A 283 -36.20 36.53 -20.67
N LYS A 284 -36.36 37.43 -19.69
CA LYS A 284 -37.61 38.16 -19.39
C LYS A 284 -38.76 37.20 -19.07
N ARG A 285 -38.53 36.35 -18.07
CA ARG A 285 -39.57 35.49 -17.54
C ARG A 285 -39.92 35.79 -16.08
N VAL A 286 -39.05 36.47 -15.35
CA VAL A 286 -39.34 36.96 -13.99
C VAL A 286 -39.12 38.46 -14.00
N GLU A 287 -40.14 39.21 -13.58
CA GLU A 287 -40.09 40.67 -13.58
C GLU A 287 -39.99 41.20 -12.16
N GLY A 288 -39.20 42.25 -11.97
CA GLY A 288 -39.03 42.89 -10.69
C GLY A 288 -37.65 42.76 -10.07
N ILE A 289 -36.68 42.21 -10.79
CA ILE A 289 -35.33 42.00 -10.28
C ILE A 289 -34.38 42.91 -11.05
N SER A 290 -33.58 43.69 -10.31
CA SER A 290 -32.63 44.60 -10.92
C SER A 290 -31.17 44.25 -10.64
N ALA A 291 -30.89 43.51 -9.57
CA ALA A 291 -29.51 43.16 -9.23
C ALA A 291 -29.50 41.83 -8.49
N LEU A 292 -28.32 41.19 -8.49
CA LEU A 292 -28.17 39.87 -7.87
C LEU A 292 -26.71 39.69 -7.51
N ARG A 293 -26.42 39.53 -6.22
CA ARG A 293 -25.04 39.36 -5.77
C ARG A 293 -24.90 38.10 -4.90
N ASP A 294 -23.73 37.94 -4.28
CA ASP A 294 -23.44 36.78 -3.44
C ASP A 294 -22.41 37.23 -2.42
N GLU A 295 -22.87 37.50 -1.20
CA GLU A 295 -22.02 37.96 -0.10
C GLU A 295 -22.09 36.92 1.02
N SER A 296 -21.31 35.85 0.90
CA SER A 296 -21.43 34.75 1.84
C SER A 296 -20.61 34.98 3.11
N ASP A 297 -19.35 35.36 2.95
CA ASP A 297 -18.37 35.67 4.01
C ASP A 297 -18.17 34.43 4.88
N LYS A 298 -17.95 34.61 6.18
CA LYS A 298 -17.67 33.51 7.08
C LYS A 298 -18.75 33.28 8.13
N ASP A 299 -19.66 34.24 8.33
CA ASP A 299 -20.71 34.09 9.33
C ASP A 299 -21.82 33.15 8.87
N GLY A 300 -21.92 32.88 7.57
CA GLY A 300 -22.92 31.97 7.07
C GLY A 300 -23.16 32.09 5.58
N MET A 301 -24.43 32.13 5.18
CA MET A 301 -24.83 32.26 3.79
C MET A 301 -25.73 33.47 3.64
N ARG A 302 -25.51 34.25 2.58
CA ARG A 302 -26.33 35.43 2.32
C ARG A 302 -26.30 35.72 0.83
N ILE A 303 -27.48 35.72 0.21
CA ILE A 303 -27.66 36.07 -1.19
C ILE A 303 -28.62 37.24 -1.24
N VAL A 304 -28.23 38.32 -1.92
CA VAL A 304 -28.98 39.56 -1.94
C VAL A 304 -29.59 39.75 -3.33
N ILE A 305 -30.91 39.95 -3.37
CA ILE A 305 -31.65 40.21 -4.60
C ILE A 305 -32.34 41.55 -4.45
N GLU A 306 -32.14 42.43 -5.43
CA GLU A 306 -32.73 43.77 -5.40
C GLU A 306 -34.09 43.76 -6.09
N VAL A 307 -35.03 44.50 -5.52
CA VAL A 307 -36.40 44.60 -6.01
C VAL A 307 -36.63 46.01 -6.53
N LYS A 308 -37.29 46.13 -7.67
CA LYS A 308 -37.59 47.43 -8.26
C LYS A 308 -38.66 48.16 -7.44
N ARG A 309 -38.76 49.47 -7.67
CA ARG A 309 -39.64 50.31 -6.87
C ARG A 309 -41.12 50.08 -7.23
N ASP A 310 -41.41 49.76 -8.49
CA ASP A 310 -42.77 49.58 -8.94
C ASP A 310 -43.30 48.16 -8.73
N ALA A 311 -42.52 47.28 -8.13
CA ALA A 311 -42.92 45.90 -7.88
C ALA A 311 -43.12 45.66 -6.38
N VAL A 312 -43.73 44.52 -6.07
CA VAL A 312 -44.01 44.11 -4.70
C VAL A 312 -43.13 42.92 -4.36
N GLY A 313 -42.44 42.98 -3.22
CA GLY A 313 -41.45 41.98 -2.88
C GLY A 313 -42.03 40.63 -2.51
N GLU A 314 -43.30 40.56 -2.12
CA GLU A 314 -43.91 39.28 -1.79
C GLU A 314 -44.22 38.47 -3.04
N VAL A 315 -44.69 39.15 -4.09
CA VAL A 315 -45.06 38.47 -5.33
C VAL A 315 -43.82 37.92 -6.04
N VAL A 316 -42.71 38.68 -6.00
CA VAL A 316 -41.47 38.22 -6.61
C VAL A 316 -40.92 37.01 -5.86
N LEU A 317 -41.06 37.00 -4.53
CA LEU A 317 -40.61 35.86 -3.74
C LEU A 317 -41.48 34.64 -3.99
N ASN A 318 -42.79 34.84 -4.17
CA ASN A 318 -43.66 33.70 -4.46
C ASN A 318 -43.49 33.17 -5.87
N ASN A 319 -43.04 34.01 -6.80
CA ASN A 319 -42.79 33.54 -8.16
C ASN A 319 -41.50 32.71 -8.25
N LEU A 320 -40.52 32.98 -7.39
CA LEU A 320 -39.26 32.24 -7.43
C LEU A 320 -39.37 30.85 -6.83
N TYR A 321 -40.40 30.59 -6.02
CA TYR A 321 -40.57 29.27 -5.44
C TYR A 321 -41.02 28.25 -6.48
N SER A 322 -41.88 28.66 -7.40
CA SER A 322 -42.46 27.76 -8.38
C SER A 322 -41.72 27.73 -9.71
N GLN A 323 -40.65 28.51 -9.86
CA GLN A 323 -39.91 28.54 -11.11
C GLN A 323 -38.45 28.14 -10.96
N THR A 324 -37.78 28.61 -9.91
CA THR A 324 -36.38 28.27 -9.68
C THR A 324 -36.27 27.07 -8.75
N GLN A 325 -35.05 26.70 -8.41
CA GLN A 325 -34.79 25.56 -7.52
C GLN A 325 -34.69 25.99 -6.07
N LEU A 326 -35.64 26.79 -5.61
CA LEU A 326 -35.78 27.13 -4.20
C LEU A 326 -36.80 26.24 -3.51
N GLN A 327 -37.40 25.31 -4.24
CA GLN A 327 -38.25 24.29 -3.64
C GLN A 327 -38.12 23.03 -4.48
N VAL A 328 -37.70 21.93 -3.86
CA VAL A 328 -37.49 20.67 -4.56
C VAL A 328 -38.42 19.61 -4.00
N SER A 329 -38.33 18.40 -4.54
CA SER A 329 -39.14 17.27 -4.12
C SER A 329 -38.25 16.08 -3.81
N PHE A 330 -38.66 15.28 -2.83
CA PHE A 330 -37.91 14.11 -2.40
C PHE A 330 -38.83 12.89 -2.44
N GLY A 331 -38.40 11.86 -3.16
CA GLY A 331 -39.16 10.63 -3.26
C GLY A 331 -38.59 9.51 -2.42
N ILE A 332 -39.33 9.11 -1.39
CA ILE A 332 -38.86 8.13 -0.41
C ILE A 332 -39.16 6.73 -0.92
N ASN A 333 -38.15 5.85 -0.90
CA ASN A 333 -38.31 4.46 -1.33
C ASN A 333 -37.31 3.63 -0.55
N MET A 334 -37.79 2.82 0.39
CA MET A 334 -36.93 2.11 1.33
C MET A 334 -36.84 0.64 0.96
N VAL A 335 -35.71 0.24 0.38
CA VAL A 335 -35.41 -1.18 0.18
C VAL A 335 -34.04 -1.47 0.76
N ALA A 336 -33.90 -2.66 1.36
CA ALA A 336 -32.65 -3.07 1.99
C ALA A 336 -32.60 -4.58 2.02
N LEU A 337 -31.39 -5.12 2.22
CA LEU A 337 -31.19 -6.57 2.23
C LEU A 337 -31.57 -7.13 3.59
N HIS A 338 -32.50 -8.07 3.59
CA HIS A 338 -32.94 -8.76 4.81
C HIS A 338 -32.88 -10.25 4.55
N HIS A 339 -31.98 -10.94 5.27
CA HIS A 339 -31.67 -12.37 5.09
C HIS A 339 -31.25 -12.69 3.66
N GLY A 340 -30.50 -11.77 3.05
CA GLY A 340 -29.93 -12.00 1.74
C GLY A 340 -30.83 -11.69 0.56
N GLN A 341 -32.00 -11.12 0.78
CA GLN A 341 -32.92 -10.82 -0.31
C GLN A 341 -33.51 -9.43 -0.13
N PRO A 342 -33.81 -8.72 -1.23
CA PRO A 342 -34.38 -7.37 -1.11
C PRO A 342 -35.80 -7.39 -0.57
N LYS A 343 -36.18 -6.30 0.10
CA LYS A 343 -37.47 -6.21 0.76
C LYS A 343 -37.79 -4.73 0.99
N ILE A 344 -39.06 -4.37 0.82
CA ILE A 344 -39.55 -3.03 1.15
C ILE A 344 -40.01 -3.02 2.60
N MET A 345 -39.53 -2.04 3.37
CA MET A 345 -39.74 -2.02 4.81
C MET A 345 -40.33 -0.69 5.25
N ASN A 346 -41.07 -0.74 6.36
CA ASN A 346 -41.61 0.44 7.01
C ASN A 346 -40.74 0.77 8.23
N LEU A 347 -41.21 1.72 9.06
CA LEU A 347 -40.41 2.22 10.17
C LEU A 347 -40.24 1.18 11.28
N LYS A 348 -41.28 0.39 11.54
CA LYS A 348 -41.24 -0.56 12.64
C LYS A 348 -40.33 -1.75 12.34
N ASP A 349 -40.17 -2.10 11.07
CA ASP A 349 -39.30 -3.22 10.70
C ASP A 349 -37.82 -2.87 10.87
N ILE A 350 -37.46 -1.61 10.64
CA ILE A 350 -36.06 -1.19 10.77
C ILE A 350 -35.65 -1.13 12.24
N ILE A 351 -36.56 -0.68 13.11
CA ILE A 351 -36.27 -0.61 14.54
C ILE A 351 -36.13 -2.01 15.14
N ALA A 352 -37.01 -2.93 14.74
CA ALA A 352 -37.01 -4.27 15.31
C ALA A 352 -35.83 -5.13 14.82
N ALA A 353 -35.20 -4.75 13.72
CA ALA A 353 -34.06 -5.49 13.18
C ALA A 353 -32.73 -5.04 13.79
N PHE A 354 -32.74 -4.04 14.65
CA PHE A 354 -31.56 -3.54 15.34
C PHE A 354 -31.37 -4.16 16.72
N VAL A 355 -32.46 -4.34 17.46
CA VAL A 355 -32.41 -4.94 18.78
C VAL A 355 -32.02 -6.42 18.71
N ARG A 356 -32.45 -7.12 17.66
CA ARG A 356 -32.07 -8.51 17.45
C ARG A 356 -30.57 -8.66 17.22
N HIS A 357 -29.99 -7.72 16.45
CA HIS A 357 -28.55 -7.70 16.23
C HIS A 357 -27.80 -7.43 17.53
N ARG A 358 -28.31 -6.51 18.36
CA ARG A 358 -27.68 -6.21 19.64
C ARG A 358 -27.72 -7.41 20.58
N ARG A 359 -28.82 -8.15 20.58
CA ARG A 359 -28.95 -9.36 21.40
C ARG A 359 -27.92 -10.41 21.00
N GLU A 360 -27.74 -10.61 19.68
CA GLU A 360 -26.77 -11.59 19.21
C GLU A 360 -25.35 -11.21 19.57
N VAL A 361 -25.01 -9.92 19.44
CA VAL A 361 -23.64 -9.45 19.73
C VAL A 361 -23.28 -9.63 21.21
N VAL A 362 -24.21 -9.27 22.11
CA VAL A 362 -23.93 -9.38 23.54
C VAL A 362 -23.82 -10.85 23.97
N THR A 363 -24.74 -11.70 23.49
CA THR A 363 -24.67 -13.10 23.89
C THR A 363 -23.56 -13.87 23.19
N ARG A 364 -22.94 -13.32 22.13
CA ARG A 364 -21.74 -13.93 21.60
C ARG A 364 -20.47 -13.40 22.25
N ARG A 365 -20.50 -12.20 22.83
CA ARG A 365 -19.34 -11.69 23.54
C ARG A 365 -19.17 -12.37 24.91
N THR A 366 -20.30 -12.68 25.56
CA THR A 366 -20.27 -13.22 26.93
C THR A 366 -19.62 -14.60 26.98
N ILE A 367 -19.88 -15.46 25.99
CA ILE A 367 -19.34 -16.82 25.97
C ILE A 367 -17.82 -16.80 25.79
N PHE A 368 -17.33 -15.92 24.90
CA PHE A 368 -15.89 -15.75 24.69
C PHE A 368 -15.19 -15.29 25.95
N GLU A 369 -15.77 -14.30 26.65
CA GLU A 369 -15.17 -13.81 27.88
C GLU A 369 -15.15 -14.88 28.98
N LEU A 370 -16.22 -15.67 29.07
CA LEU A 370 -16.29 -16.74 30.07
C LEU A 370 -15.26 -17.82 29.83
N ARG A 371 -15.09 -18.23 28.56
CA ARG A 371 -14.10 -19.26 28.23
C ARG A 371 -12.68 -18.79 28.50
N LYS A 372 -12.38 -17.53 28.16
CA LYS A 372 -11.05 -16.96 28.43
C LYS A 372 -10.75 -16.90 29.92
N ALA A 373 -11.74 -16.49 30.73
CA ALA A 373 -11.56 -16.42 32.18
C ALA A 373 -11.32 -17.80 32.79
N ARG A 374 -12.05 -18.81 32.32
CA ARG A 374 -11.88 -20.14 32.89
C ARG A 374 -10.53 -20.76 32.51
N ASP A 375 -10.04 -20.50 31.30
CA ASP A 375 -8.70 -20.97 30.93
C ASP A 375 -7.61 -20.30 31.77
N ARG A 376 -7.74 -18.98 32.01
CA ARG A 376 -6.75 -18.28 32.82
C ARG A 376 -6.75 -18.78 34.27
N ALA A 377 -7.93 -19.05 34.83
CA ALA A 377 -8.01 -19.58 36.19
C ALA A 377 -7.42 -20.98 36.28
N HIS A 378 -7.61 -21.79 35.22
CA HIS A 378 -7.01 -23.13 35.18
C HIS A 378 -5.49 -23.08 35.16
N ILE A 379 -4.92 -22.10 34.45
CA ILE A 379 -3.46 -21.94 34.48
C ILE A 379 -2.97 -21.45 35.86
N LEU A 380 -3.70 -20.49 36.44
CA LEU A 380 -3.27 -19.89 37.71
C LEU A 380 -3.33 -20.87 38.87
N GLU A 381 -4.23 -21.86 38.82
CA GLU A 381 -4.27 -22.89 39.86
C GLU A 381 -2.98 -23.70 39.91
N ALA A 382 -2.50 -24.14 38.75
CA ALA A 382 -1.27 -24.93 38.70
C ALA A 382 -0.05 -24.06 38.98
N LEU A 383 -0.11 -22.77 38.64
CA LEU A 383 0.99 -21.88 39.03
C LEU A 383 1.04 -21.67 40.55
N ALA A 384 -0.12 -21.59 41.20
CA ALA A 384 -0.15 -21.38 42.64
C ALA A 384 0.17 -22.65 43.42
N VAL A 385 -0.10 -23.83 42.85
CA VAL A 385 0.19 -25.08 43.56
C VAL A 385 1.70 -25.31 43.65
N ALA A 386 2.43 -25.07 42.56
CA ALA A 386 3.84 -25.42 42.47
C ALA A 386 4.76 -24.55 43.32
N LEU A 387 4.28 -23.40 43.82
CA LEU A 387 5.13 -22.55 44.65
C LEU A 387 5.16 -22.99 46.11
N ALA A 388 4.33 -23.96 46.49
CA ALA A 388 4.35 -24.51 47.85
C ALA A 388 5.16 -25.79 47.96
N ASN A 389 5.75 -26.26 46.86
CA ASN A 389 6.56 -27.47 46.81
C ASN A 389 7.84 -27.21 46.04
N ILE A 390 8.54 -26.14 46.41
CA ILE A 390 9.66 -25.63 45.62
C ILE A 390 10.84 -26.60 45.60
N ASP A 391 11.21 -27.11 46.79
CA ASP A 391 12.39 -27.97 46.89
C ASP A 391 12.28 -29.31 46.14
N PRO A 392 11.20 -30.11 46.25
CA PRO A 392 11.16 -31.31 45.42
C PRO A 392 11.00 -31.04 43.93
N ILE A 393 10.39 -29.92 43.55
CA ILE A 393 10.31 -29.54 42.14
C ILE A 393 11.71 -29.26 41.59
N ILE A 394 12.51 -28.51 42.36
CA ILE A 394 13.88 -28.18 41.93
C ILE A 394 14.76 -29.43 41.91
N GLU A 395 14.58 -30.31 42.90
CA GLU A 395 15.34 -31.57 42.93
C GLU A 395 14.98 -32.48 41.75
N LEU A 396 13.70 -32.56 41.41
CA LEU A 396 13.27 -33.39 40.29
C LEU A 396 13.72 -32.82 38.95
N ILE A 397 13.78 -31.49 38.83
CA ILE A 397 14.28 -30.88 37.61
C ILE A 397 15.79 -31.09 37.48
N ARG A 398 16.53 -30.90 38.57
CA ARG A 398 18.00 -31.03 38.52
C ARG A 398 18.45 -32.47 38.35
N HIS A 399 17.64 -33.46 38.73
CA HIS A 399 17.99 -34.86 38.54
C HIS A 399 17.40 -35.44 37.27
N ALA A 400 17.24 -34.62 36.23
CA ALA A 400 16.68 -35.07 34.96
C ALA A 400 17.65 -34.70 33.83
N PRO A 401 17.92 -35.62 32.89
CA PRO A 401 18.85 -35.28 31.81
C PRO A 401 18.26 -34.34 30.77
N THR A 402 17.00 -34.55 30.36
CA THR A 402 16.36 -33.78 29.31
C THR A 402 15.07 -33.15 29.84
N PRO A 403 14.64 -32.01 29.28
CA PRO A 403 13.38 -31.41 29.72
C PRO A 403 12.13 -32.25 29.40
N ALA A 404 12.20 -33.14 28.41
CA ALA A 404 11.06 -34.01 28.13
C ALA A 404 10.86 -35.04 29.23
N GLU A 405 11.94 -35.63 29.72
CA GLU A 405 11.84 -36.55 30.85
C GLU A 405 11.46 -35.83 32.13
N ALA A 406 11.88 -34.57 32.29
CA ALA A 406 11.44 -33.77 33.41
C ALA A 406 9.95 -33.44 33.33
N LYS A 407 9.43 -33.24 32.12
CA LYS A 407 8.00 -33.01 31.95
C LYS A 407 7.20 -34.28 32.25
N THR A 408 7.69 -35.44 31.81
CA THR A 408 6.98 -36.68 32.09
C THR A 408 7.13 -37.13 33.53
N ALA A 409 8.13 -36.63 34.26
CA ALA A 409 8.25 -36.96 35.67
C ALA A 409 7.33 -36.14 36.56
N LEU A 410 6.81 -35.01 36.07
CA LEU A 410 5.94 -34.17 36.88
C LEU A 410 4.53 -34.76 36.98
N VAL A 411 4.03 -35.37 35.90
CA VAL A 411 2.68 -35.91 35.88
C VAL A 411 2.63 -37.35 36.37
N ALA A 412 3.76 -37.93 36.77
CA ALA A 412 3.78 -39.32 37.20
C ALA A 412 3.20 -39.52 38.59
N ASN A 413 3.32 -38.52 39.46
CA ASN A 413 2.86 -38.66 40.84
C ASN A 413 1.99 -37.48 41.23
N PRO A 414 1.02 -37.69 42.12
CA PRO A 414 0.25 -36.57 42.64
C PRO A 414 1.08 -35.71 43.58
N TRP A 415 0.69 -34.43 43.68
CA TRP A 415 1.37 -33.47 44.52
C TRP A 415 0.46 -33.08 45.67
N GLN A 416 1.02 -33.06 46.89
CA GLN A 416 0.24 -32.70 48.06
C GLN A 416 -0.04 -31.20 48.07
N LEU A 417 -1.13 -30.83 48.74
CA LEU A 417 -1.52 -29.45 48.86
C LEU A 417 -0.86 -28.81 50.08
N GLY A 418 -1.31 -27.61 50.42
CA GLY A 418 -0.81 -26.90 51.58
C GLY A 418 -0.78 -25.41 51.33
N ASN A 419 -1.34 -24.64 52.26
CA ASN A 419 -1.46 -23.18 52.24
C ASN A 419 -2.29 -22.63 51.07
N VAL A 420 -2.94 -23.50 50.28
CA VAL A 420 -3.82 -23.10 49.20
C VAL A 420 -5.15 -23.83 49.23
N ALA A 421 -5.40 -24.64 50.26
CA ALA A 421 -6.66 -25.38 50.33
C ALA A 421 -7.83 -24.44 50.61
N ALA A 422 -7.60 -23.40 51.39
CA ALA A 422 -8.64 -22.40 51.64
C ALA A 422 -8.97 -21.60 50.37
N MET A 423 -7.99 -21.41 49.50
CA MET A 423 -8.26 -20.78 48.20
C MET A 423 -9.05 -21.71 47.28
N LEU A 424 -8.69 -22.99 47.25
CA LEU A 424 -9.32 -23.90 46.31
C LEU A 424 -10.72 -24.30 46.76
N GLU A 425 -11.00 -24.26 48.07
CA GLU A 425 -12.35 -24.56 48.54
C GLU A 425 -13.34 -23.45 48.28
N ARG A 426 -12.87 -22.22 48.04
CA ARG A 426 -13.77 -21.12 47.73
C ARG A 426 -14.35 -21.25 46.33
N ALA A 427 -13.62 -21.88 45.41
CA ALA A 427 -14.09 -22.09 44.05
C ALA A 427 -14.81 -23.43 43.93
N GLY A 428 -15.89 -23.55 44.71
CA GLY A 428 -16.67 -24.76 44.74
C GLY A 428 -17.68 -24.84 43.61
N ASP A 429 -18.40 -25.98 43.59
CA ASP A 429 -19.48 -26.30 42.66
C ASP A 429 -19.04 -26.33 41.19
N ASP A 430 -17.73 -26.52 40.96
CA ASP A 430 -17.11 -26.64 39.63
C ASP A 430 -17.42 -25.44 38.73
N ALA A 431 -17.41 -24.25 39.32
CA ALA A 431 -17.71 -23.04 38.56
C ALA A 431 -16.52 -22.49 37.79
N ALA A 432 -15.31 -22.96 38.07
CA ALA A 432 -14.11 -22.46 37.41
C ALA A 432 -13.41 -23.52 36.57
N ARG A 433 -13.93 -24.74 36.51
CA ARG A 433 -13.32 -25.76 35.67
C ARG A 433 -13.62 -25.51 34.20
N PRO A 434 -12.66 -25.75 33.31
CA PRO A 434 -12.95 -25.70 31.87
C PRO A 434 -13.91 -26.80 31.45
N GLU A 435 -14.67 -26.52 30.38
CA GLU A 435 -15.71 -27.44 29.95
C GLU A 435 -15.14 -28.69 29.28
N TRP A 436 -13.95 -28.59 28.70
CA TRP A 436 -13.33 -29.72 28.03
C TRP A 436 -12.47 -30.58 28.96
N LEU A 437 -12.40 -30.24 30.25
CA LEU A 437 -11.50 -30.92 31.16
C LEU A 437 -12.05 -32.29 31.54
N GLU A 438 -11.19 -33.31 31.48
CA GLU A 438 -11.56 -34.65 31.85
C GLU A 438 -11.75 -34.75 33.37
N PRO A 439 -12.61 -35.66 33.83
CA PRO A 439 -12.80 -35.80 35.29
C PRO A 439 -11.66 -36.52 36.01
N GLU A 440 -10.67 -37.05 35.27
CA GLU A 440 -9.55 -37.73 35.91
C GLU A 440 -8.63 -36.73 36.62
N PHE A 441 -8.44 -35.55 36.02
CA PHE A 441 -7.53 -34.56 36.55
C PHE A 441 -8.24 -33.69 37.57
N GLY A 442 -7.56 -32.64 38.05
CA GLY A 442 -8.15 -31.73 39.01
C GLY A 442 -7.80 -32.05 40.44
N VAL A 443 -8.68 -31.68 41.37
CA VAL A 443 -8.47 -31.89 42.79
C VAL A 443 -9.27 -33.13 43.21
N ARG A 444 -8.56 -34.19 43.57
CA ARG A 444 -9.18 -35.39 44.12
C ARG A 444 -8.50 -35.71 45.44
N ASP A 445 -9.31 -35.88 46.49
CA ASP A 445 -8.88 -36.10 47.89
C ASP A 445 -8.03 -34.89 48.29
N GLY A 446 -6.88 -35.07 48.92
CA GLY A 446 -6.01 -33.96 49.28
C GLY A 446 -4.85 -33.79 48.33
N LEU A 447 -4.95 -34.35 47.13
CA LEU A 447 -3.87 -34.35 46.16
C LEU A 447 -4.32 -33.63 44.89
N TYR A 448 -3.34 -33.18 44.10
CA TYR A 448 -3.57 -32.50 42.85
C TYR A 448 -2.96 -33.30 41.71
N TYR A 449 -3.68 -33.38 40.60
CA TYR A 449 -3.24 -34.10 39.41
C TYR A 449 -3.02 -33.11 38.27
N LEU A 450 -1.81 -33.09 37.71
CA LEU A 450 -1.46 -32.15 36.68
C LEU A 450 -1.70 -32.74 35.29
N THR A 451 -1.80 -31.85 34.30
CA THR A 451 -1.92 -32.24 32.91
C THR A 451 -0.61 -31.94 32.18
N GLU A 452 -0.61 -32.19 30.87
CA GLU A 452 0.57 -31.88 30.06
C GLU A 452 0.69 -30.39 29.80
N GLN A 453 -0.44 -29.67 29.72
CA GLN A 453 -0.40 -28.23 29.54
C GLN A 453 0.07 -27.53 30.80
N GLN A 454 -0.37 -28.00 31.97
CA GLN A 454 0.03 -27.38 33.23
C GLN A 454 1.47 -27.68 33.59
N ALA A 455 2.01 -28.80 33.12
CA ALA A 455 3.39 -29.16 33.46
C ALA A 455 4.40 -28.31 32.70
N GLN A 456 4.03 -27.85 31.50
CA GLN A 456 4.95 -27.00 30.73
C GLN A 456 5.01 -25.58 31.27
N ALA A 457 3.93 -25.12 31.92
CA ALA A 457 3.94 -23.77 32.48
C ALA A 457 4.85 -23.66 33.69
N ILE A 458 5.07 -24.77 34.41
CA ILE A 458 6.01 -24.76 35.52
C ILE A 458 7.45 -24.67 35.00
N LEU A 459 7.75 -25.34 33.89
CA LEU A 459 9.09 -25.33 33.33
C LEU A 459 9.48 -24.00 32.69
N ASP A 460 8.50 -23.15 32.39
CA ASP A 460 8.75 -21.83 31.83
C ASP A 460 8.65 -20.72 32.87
N LEU A 461 8.65 -21.08 34.15
CA LEU A 461 8.54 -20.09 35.20
C LEU A 461 9.88 -19.36 35.39
N ARG A 462 9.83 -18.05 35.45
CA ARG A 462 11.03 -17.25 35.62
C ARG A 462 11.56 -17.36 37.04
N LEU A 463 12.83 -17.01 37.20
CA LEU A 463 13.49 -17.11 38.50
C LEU A 463 13.15 -15.94 39.43
N GLN A 464 12.54 -14.87 38.91
CA GLN A 464 12.18 -13.72 39.72
C GLN A 464 10.77 -13.83 40.30
N LYS A 465 10.07 -14.94 40.05
CA LYS A 465 8.75 -15.16 40.63
C LYS A 465 8.82 -15.78 42.01
N LEU A 466 10.02 -16.07 42.52
CA LEU A 466 10.19 -16.70 43.82
C LEU A 466 10.18 -15.70 44.97
N THR A 467 10.06 -14.41 44.69
CA THR A 467 10.01 -13.41 45.74
C THR A 467 8.66 -13.43 46.44
N GLY A 468 8.57 -12.70 47.56
CA GLY A 468 7.37 -12.68 48.37
C GLY A 468 6.33 -11.66 47.97
N LEU A 469 6.49 -10.99 46.84
CA LEU A 469 5.58 -9.94 46.40
C LEU A 469 4.51 -10.45 45.43
N GLU A 470 4.90 -11.24 44.44
CA GLU A 470 3.99 -11.59 43.35
C GLU A 470 3.02 -12.70 43.69
N HIS A 471 3.25 -13.45 44.78
CA HIS A 471 2.33 -14.50 45.18
C HIS A 471 0.97 -13.93 45.60
N GLU A 472 0.98 -12.84 46.38
CA GLU A 472 -0.27 -12.18 46.75
C GLU A 472 -0.95 -11.56 45.53
N LYS A 473 -0.16 -11.12 44.55
CA LYS A 473 -0.74 -10.63 43.29
C LYS A 473 -1.46 -11.76 42.55
N LEU A 474 -0.88 -12.97 42.56
CA LEU A 474 -1.54 -14.11 41.94
C LEU A 474 -2.84 -14.49 42.68
N LEU A 475 -2.82 -14.41 44.02
CA LEU A 475 -4.03 -14.71 44.79
C LEU A 475 -5.13 -13.68 44.52
N ASP A 476 -4.76 -12.39 44.42
CA ASP A 476 -5.74 -11.35 44.13
C ASP A 476 -6.30 -11.50 42.71
N GLU A 477 -5.46 -11.90 41.76
CA GLU A 477 -5.93 -12.14 40.40
C GLU A 477 -6.89 -13.33 40.35
N TYR A 478 -6.63 -14.36 41.17
CA TYR A 478 -7.54 -15.50 41.26
C TYR A 478 -8.89 -15.11 41.84
N LYS A 479 -8.88 -14.25 42.87
CA LYS A 479 -10.14 -13.75 43.45
C LYS A 479 -10.94 -12.93 42.45
N GLU A 480 -10.26 -12.05 41.71
CA GLU A 480 -10.95 -11.22 40.70
C GLU A 480 -11.51 -12.07 39.57
N LEU A 481 -10.81 -13.13 39.18
CA LEU A 481 -11.31 -14.03 38.14
C LEU A 481 -12.55 -14.77 38.60
N LEU A 482 -12.62 -15.17 39.87
CA LEU A 482 -13.82 -15.84 40.37
C LEU A 482 -15.04 -14.93 40.35
N ASP A 483 -14.86 -13.65 40.74
CA ASP A 483 -15.97 -12.71 40.68
C ASP A 483 -16.44 -12.46 39.25
N GLN A 484 -15.49 -12.31 38.32
CA GLN A 484 -15.86 -12.10 36.92
C GLN A 484 -16.52 -13.31 36.29
N ILE A 485 -16.18 -14.51 36.77
CA ILE A 485 -16.85 -15.72 36.30
C ILE A 485 -18.30 -15.75 36.78
N ALA A 486 -18.55 -15.31 38.02
CA ALA A 486 -19.91 -15.33 38.57
C ALA A 486 -20.83 -14.35 37.83
N GLU A 487 -20.32 -13.17 37.48
CA GLU A 487 -21.19 -12.16 36.85
C GLU A 487 -21.62 -12.56 35.45
N LEU A 488 -20.74 -13.20 34.67
CA LEU A 488 -21.08 -13.60 33.32
C LEU A 488 -22.14 -14.71 33.30
N LEU A 489 -22.06 -15.63 34.27
CA LEU A 489 -23.10 -16.64 34.41
C LEU A 489 -24.43 -16.04 34.83
N ARG A 490 -24.41 -14.98 35.64
CA ARG A 490 -25.66 -14.31 35.99
C ARG A 490 -26.26 -13.58 34.79
N ILE A 491 -25.42 -13.08 33.88
CA ILE A 491 -25.95 -12.47 32.65
C ILE A 491 -26.57 -13.53 31.74
N LEU A 492 -25.87 -14.66 31.55
CA LEU A 492 -26.38 -15.71 30.67
C LEU A 492 -27.56 -16.47 31.27
N GLY A 493 -27.81 -16.35 32.58
CA GLY A 493 -28.90 -17.09 33.20
C GLY A 493 -30.28 -16.63 32.80
N SER A 494 -30.49 -15.33 32.71
CA SER A 494 -31.81 -14.75 32.51
C SER A 494 -31.83 -13.86 31.27
N ALA A 495 -33.02 -13.37 30.93
CA ALA A 495 -33.22 -12.51 29.76
C ALA A 495 -33.50 -11.06 30.10
N ASP A 496 -34.09 -10.78 31.27
CA ASP A 496 -34.30 -9.40 31.68
C ASP A 496 -33.00 -8.72 32.05
N ARG A 497 -32.03 -9.48 32.58
CA ARG A 497 -30.68 -8.94 32.79
C ARG A 497 -30.01 -8.64 31.47
N LEU A 498 -30.23 -9.49 30.46
CA LEU A 498 -29.71 -9.25 29.12
C LEU A 498 -30.28 -7.98 28.51
N MET A 499 -31.58 -7.74 28.68
CA MET A 499 -32.17 -6.50 28.21
C MET A 499 -31.80 -5.31 29.08
N GLU A 500 -31.38 -5.55 30.32
CA GLU A 500 -30.91 -4.45 31.17
C GLU A 500 -29.51 -3.98 30.76
N VAL A 501 -28.68 -4.88 30.23
CA VAL A 501 -27.35 -4.50 29.76
C VAL A 501 -27.45 -3.62 28.51
N ILE A 502 -28.42 -3.91 27.63
CA ILE A 502 -28.52 -3.23 26.33
C ILE A 502 -28.95 -1.78 26.50
N ARG A 503 -29.83 -1.49 27.48
CA ARG A 503 -30.36 -0.14 27.65
C ARG A 503 -29.29 0.85 28.10
N GLU A 504 -28.35 0.40 28.94
CA GLU A 504 -27.32 1.28 29.48
C GLU A 504 -26.36 1.76 28.39
N GLU A 505 -26.05 0.89 27.43
CA GLU A 505 -25.19 1.29 26.31
C GLU A 505 -25.87 2.30 25.42
N LEU A 506 -27.17 2.15 25.19
CA LEU A 506 -27.92 3.09 24.35
C LEU A 506 -28.02 4.46 25.02
N GLU A 507 -28.23 4.49 26.34
CA GLU A 507 -28.25 5.76 27.06
C GLU A 507 -26.89 6.42 27.06
N LEU A 508 -25.82 5.62 27.15
CA LEU A 508 -24.46 6.17 27.08
C LEU A 508 -24.16 6.76 25.71
N VAL A 509 -24.61 6.10 24.64
CA VAL A 509 -24.44 6.63 23.29
C VAL A 509 -25.22 7.92 23.10
N ARG A 510 -26.46 7.98 23.63
CA ARG A 510 -27.25 9.20 23.55
C ARG A 510 -26.63 10.34 24.34
N GLU A 511 -26.02 10.03 25.48
CA GLU A 511 -25.34 11.07 26.27
C GLU A 511 -24.08 11.58 25.56
N GLN A 512 -23.30 10.69 24.96
CA GLN A 512 -22.02 11.10 24.39
C GLN A 512 -22.19 11.83 23.05
N PHE A 513 -23.14 11.40 22.21
CA PHE A 513 -23.23 11.96 20.87
C PHE A 513 -24.57 12.64 20.62
N GLY A 514 -25.06 13.42 21.58
CA GLY A 514 -26.31 14.13 21.40
C GLY A 514 -26.16 15.34 20.51
N ASP A 515 -27.29 15.79 19.96
CA ASP A 515 -27.30 16.91 19.02
C ASP A 515 -28.66 17.60 19.10
N LYS A 516 -28.87 18.58 18.23
CA LYS A 516 -30.12 19.34 18.18
C LYS A 516 -30.68 19.31 16.76
N ARG A 517 -31.99 19.52 16.67
CA ARG A 517 -32.69 19.48 15.38
C ARG A 517 -32.42 20.74 14.57
N ARG A 518 -32.09 20.57 13.30
CA ARG A 518 -31.80 21.68 12.40
C ARG A 518 -32.96 22.05 11.48
N THR A 519 -33.79 21.08 11.09
CA THR A 519 -34.83 21.28 10.09
C THR A 519 -36.18 21.47 10.77
N GLU A 520 -36.91 22.49 10.35
CA GLU A 520 -38.22 22.82 10.91
C GLU A 520 -39.32 22.17 10.07
N ILE A 521 -40.27 21.53 10.75
CA ILE A 521 -41.41 20.88 10.10
C ILE A 521 -42.65 21.71 10.39
N THR A 522 -43.29 22.20 9.33
CA THR A 522 -44.51 22.99 9.41
C THR A 522 -45.61 22.32 8.60
N ALA A 523 -46.77 22.97 8.55
CA ALA A 523 -47.88 22.54 7.72
C ALA A 523 -47.90 23.38 6.43
N ASN A 524 -48.92 23.15 5.61
CA ASN A 524 -49.03 23.84 4.32
C ASN A 524 -49.42 25.31 4.49
N GLY B 403 -13.21 3.39 -43.51
CA GLY B 403 -12.04 2.62 -43.91
C GLY B 403 -11.71 1.49 -42.96
N LEU B 404 -10.54 0.91 -43.13
CA LEU B 404 -10.10 -0.17 -42.25
C LEU B 404 -9.73 0.40 -40.89
N PRO B 405 -10.13 -0.26 -39.80
CA PRO B 405 -9.79 0.24 -38.45
C PRO B 405 -8.30 0.15 -38.16
N GLY B 406 -7.83 1.02 -37.27
CA GLY B 406 -6.43 1.07 -36.93
C GLY B 406 -5.98 0.06 -35.90
N LYS B 407 -6.89 -0.44 -35.07
CA LYS B 407 -6.56 -1.41 -34.04
C LYS B 407 -6.78 -2.85 -34.49
N LEU B 408 -7.20 -3.07 -35.72
CA LEU B 408 -7.41 -4.42 -36.23
C LEU B 408 -6.08 -4.99 -36.71
N ALA B 409 -5.79 -6.22 -36.27
CA ALA B 409 -4.59 -6.95 -36.69
C ALA B 409 -5.04 -8.05 -37.65
N ASP B 410 -4.88 -7.81 -38.95
CA ASP B 410 -5.40 -8.71 -39.96
C ASP B 410 -4.48 -9.92 -40.14
N CYS B 411 -4.97 -10.89 -40.90
CA CYS B 411 -4.24 -12.12 -41.19
C CYS B 411 -3.72 -12.09 -42.62
N GLN B 412 -2.94 -13.11 -42.95
CA GLN B 412 -2.34 -13.22 -44.28
C GLN B 412 -3.21 -13.96 -45.27
N GLU B 413 -4.35 -14.49 -44.83
CA GLU B 413 -5.26 -15.23 -45.71
C GLU B 413 -6.32 -14.29 -46.26
N ARG B 414 -6.56 -14.36 -47.57
CA ARG B 414 -7.54 -13.52 -48.23
C ARG B 414 -8.81 -14.25 -48.62
N ASP B 415 -8.80 -15.59 -48.61
CA ASP B 415 -9.99 -16.35 -48.94
C ASP B 415 -10.91 -16.43 -47.72
N PRO B 416 -12.19 -16.11 -47.86
CA PRO B 416 -13.16 -16.42 -46.79
C PRO B 416 -13.38 -17.93 -46.69
N ALA B 417 -14.09 -18.30 -45.61
CA ALA B 417 -14.31 -19.68 -45.14
C ALA B 417 -13.01 -20.39 -44.79
N LEU B 418 -11.93 -19.63 -44.56
CA LEU B 418 -10.70 -20.14 -43.98
C LEU B 418 -10.11 -19.16 -42.98
N SER B 419 -10.79 -18.05 -42.69
CA SER B 419 -10.32 -17.01 -41.80
C SER B 419 -11.23 -16.90 -40.59
N GLU B 420 -10.67 -16.49 -39.47
CA GLU B 420 -11.39 -16.36 -38.21
C GLU B 420 -11.18 -14.97 -37.63
N LEU B 421 -12.18 -14.48 -36.91
CA LEU B 421 -12.11 -13.19 -36.25
C LEU B 421 -12.42 -13.36 -34.78
N TYR B 422 -11.59 -12.77 -33.91
CA TYR B 422 -11.75 -12.84 -32.47
C TYR B 422 -12.11 -11.47 -31.93
N LEU B 423 -13.10 -11.43 -31.04
CA LEU B 423 -13.52 -10.19 -30.38
C LEU B 423 -13.10 -10.28 -28.92
N VAL B 424 -12.27 -9.33 -28.47
CA VAL B 424 -11.71 -9.35 -27.14
C VAL B 424 -12.08 -8.06 -26.39
N GLU B 425 -11.59 -7.92 -25.16
CA GLU B 425 -12.10 -6.92 -24.24
C GLU B 425 -11.03 -5.91 -23.82
N GLY B 426 -10.35 -5.31 -24.78
CA GLY B 426 -9.43 -4.22 -24.51
C GLY B 426 -8.03 -4.52 -24.97
N ASP B 427 -7.12 -3.60 -24.66
CA ASP B 427 -5.72 -3.75 -25.03
C ASP B 427 -4.99 -4.76 -24.14
N SER B 428 -5.48 -4.99 -22.93
CA SER B 428 -4.83 -5.94 -22.03
C SER B 428 -4.99 -7.37 -22.52
N ALA B 429 -6.21 -7.75 -22.90
CA ALA B 429 -6.44 -9.05 -23.51
C ALA B 429 -5.99 -9.08 -24.97
N GLY B 430 -6.11 -7.94 -25.67
CA GLY B 430 -5.73 -7.90 -27.08
C GLY B 430 -4.24 -8.05 -27.29
N GLY B 431 -3.43 -7.51 -26.38
CA GLY B 431 -1.99 -7.68 -26.49
C GLY B 431 -1.55 -9.11 -26.25
N SER B 432 -2.21 -9.80 -25.31
CA SER B 432 -1.86 -11.19 -25.05
C SER B 432 -2.37 -12.12 -26.15
N ALA B 433 -3.47 -11.76 -26.80
CA ALA B 433 -4.00 -12.59 -27.87
C ALA B 433 -3.19 -12.49 -29.16
N LYS B 434 -2.57 -11.33 -29.42
CA LYS B 434 -1.82 -11.15 -30.66
C LYS B 434 -0.47 -11.87 -30.63
N GLN B 435 0.13 -12.05 -29.46
CA GLN B 435 1.44 -12.68 -29.37
C GLN B 435 1.38 -14.20 -29.44
N GLY B 436 0.22 -14.80 -29.28
CA GLY B 436 0.13 -16.25 -29.24
C GLY B 436 -0.90 -16.83 -30.18
N ARG B 437 -1.15 -16.16 -31.30
CA ARG B 437 -2.10 -16.60 -32.30
C ARG B 437 -1.37 -17.28 -33.44
N ASN B 438 -2.14 -17.68 -34.46
CA ASN B 438 -1.60 -18.15 -35.72
C ASN B 438 -1.72 -17.02 -36.72
N ARG B 439 -0.59 -16.57 -37.26
CA ARG B 439 -0.54 -15.36 -38.07
C ARG B 439 -1.17 -15.53 -39.43
N LYS B 440 -1.32 -16.77 -39.91
CA LYS B 440 -1.82 -17.00 -41.26
C LYS B 440 -3.32 -16.77 -41.38
N ASN B 441 -4.12 -17.24 -40.42
CA ASN B 441 -5.56 -17.21 -40.61
C ASN B 441 -6.33 -16.85 -39.34
N GLN B 442 -5.77 -16.00 -38.48
CA GLN B 442 -6.48 -15.54 -37.30
C GLN B 442 -6.28 -14.03 -37.14
N ALA B 443 -7.36 -13.33 -36.84
CA ALA B 443 -7.37 -11.88 -36.71
C ALA B 443 -7.98 -11.47 -35.37
N ILE B 444 -7.50 -10.35 -34.83
CA ILE B 444 -7.90 -9.88 -33.50
C ILE B 444 -8.46 -8.46 -33.63
N LEU B 445 -9.59 -8.21 -32.98
CA LEU B 445 -10.18 -6.87 -32.93
C LEU B 445 -10.55 -6.50 -31.50
N PRO B 446 -9.88 -5.55 -30.88
CA PRO B 446 -10.24 -5.14 -29.51
C PRO B 446 -11.45 -4.22 -29.47
N LEU B 447 -12.06 -4.16 -28.29
CA LEU B 447 -13.22 -3.31 -28.03
C LEU B 447 -12.93 -2.40 -26.84
N LYS B 448 -13.68 -1.30 -26.77
CA LYS B 448 -13.37 -0.22 -25.84
C LYS B 448 -14.24 -0.21 -24.58
N GLY B 449 -14.97 -1.29 -24.31
CA GLY B 449 -15.75 -1.35 -23.10
C GLY B 449 -17.19 -1.77 -23.31
N LYS B 450 -18.12 -1.22 -22.53
CA LYS B 450 -19.52 -1.54 -22.68
C LYS B 450 -20.09 -0.84 -23.91
N ILE B 451 -20.72 -1.61 -24.80
CA ILE B 451 -21.29 -1.07 -26.03
C ILE B 451 -22.70 -0.59 -25.76
N LEU B 452 -23.27 0.15 -26.71
CA LEU B 452 -24.60 0.71 -26.59
C LEU B 452 -25.66 -0.39 -26.61
N ASN B 453 -26.74 -0.16 -25.86
CA ASN B 453 -27.90 -1.05 -25.88
C ASN B 453 -28.74 -0.73 -27.11
N VAL B 454 -28.93 -1.72 -27.97
CA VAL B 454 -29.61 -1.50 -29.25
C VAL B 454 -31.11 -1.31 -29.06
N GLU B 455 -31.71 -2.05 -28.12
CA GLU B 455 -33.16 -2.01 -27.96
C GLU B 455 -33.62 -0.71 -27.32
N LYS B 456 -32.86 -0.19 -26.36
CA LYS B 456 -33.27 1.04 -25.69
C LYS B 456 -32.94 2.30 -26.48
N ALA B 457 -32.11 2.20 -27.53
CA ALA B 457 -31.69 3.36 -28.30
C ALA B 457 -32.37 3.35 -29.67
N ARG B 458 -32.55 4.55 -30.22
CA ARG B 458 -33.18 4.68 -31.53
C ARG B 458 -32.14 4.46 -32.64
N PHE B 459 -32.62 4.51 -33.88
CA PHE B 459 -31.75 4.21 -35.02
C PHE B 459 -30.79 5.36 -35.31
N ASP B 460 -31.14 6.58 -34.93
CA ASP B 460 -30.26 7.72 -35.18
C ASP B 460 -29.06 7.71 -34.26
N LYS B 461 -29.26 7.34 -32.99
CA LYS B 461 -28.15 7.30 -32.04
C LYS B 461 -27.22 6.12 -32.28
N MET B 462 -27.71 5.07 -32.94
CA MET B 462 -26.88 3.89 -33.19
C MET B 462 -25.80 4.16 -34.22
N LEU B 463 -26.12 4.93 -35.27
CA LEU B 463 -25.17 5.17 -36.35
C LEU B 463 -24.07 6.15 -35.97
N SER B 464 -24.29 6.98 -34.96
CA SER B 464 -23.29 7.96 -34.54
C SER B 464 -22.30 7.40 -33.51
N SER B 465 -22.47 6.15 -33.08
CA SER B 465 -21.55 5.55 -32.14
C SER B 465 -20.24 5.17 -32.82
N GLN B 466 -19.18 5.10 -32.03
CA GLN B 466 -17.85 4.85 -32.58
C GLN B 466 -17.48 3.37 -32.58
N GLU B 467 -17.88 2.62 -31.55
CA GLU B 467 -17.56 1.20 -31.51
C GLU B 467 -18.43 0.41 -32.48
N VAL B 468 -19.69 0.79 -32.63
CA VAL B 468 -20.61 0.09 -33.53
C VAL B 468 -20.21 0.30 -34.97
N ALA B 469 -19.74 1.49 -35.32
CA ALA B 469 -19.28 1.77 -36.68
C ALA B 469 -18.01 0.98 -37.01
N THR B 470 -17.11 0.84 -36.02
CA THR B 470 -15.91 0.03 -36.20
C THR B 470 -16.26 -1.45 -36.40
N LEU B 471 -17.23 -1.95 -35.63
CA LEU B 471 -17.65 -3.34 -35.77
C LEU B 471 -18.36 -3.58 -37.09
N ILE B 472 -19.10 -2.58 -37.59
CA ILE B 472 -19.79 -2.72 -38.88
C ILE B 472 -18.77 -2.73 -40.01
N THR B 473 -17.80 -1.81 -39.99
CA THR B 473 -16.83 -1.75 -41.08
C THR B 473 -15.77 -2.85 -41.00
N ALA B 474 -15.65 -3.55 -39.87
CA ALA B 474 -14.74 -4.70 -39.83
C ALA B 474 -15.33 -5.91 -40.52
N LEU B 475 -16.64 -6.14 -40.37
CA LEU B 475 -17.27 -7.31 -40.99
C LEU B 475 -17.44 -7.12 -42.50
N GLY B 476 -17.82 -5.92 -42.93
CA GLY B 476 -17.92 -5.62 -44.34
C GLY B 476 -19.21 -6.02 -45.02
N CYS B 477 -20.19 -6.53 -44.28
CA CYS B 477 -21.45 -6.93 -44.90
C CYS B 477 -22.37 -5.73 -45.14
N GLY B 478 -22.50 -4.87 -44.15
CA GLY B 478 -23.33 -3.68 -44.26
C GLY B 478 -24.43 -3.66 -43.21
N ILE B 479 -25.06 -2.48 -43.11
CA ILE B 479 -26.14 -2.25 -42.14
C ILE B 479 -27.30 -1.59 -42.87
N GLY B 480 -28.48 -1.69 -42.27
CA GLY B 480 -29.69 -1.13 -42.85
C GLY B 480 -30.42 -2.10 -43.74
N ARG B 481 -31.11 -1.59 -44.76
CA ARG B 481 -31.81 -2.43 -45.73
C ARG B 481 -31.38 -2.17 -47.17
N ASP B 482 -30.96 -0.95 -47.50
CA ASP B 482 -30.51 -0.66 -48.86
C ASP B 482 -29.13 -1.24 -49.14
N GLU B 483 -28.29 -1.37 -48.12
CA GLU B 483 -26.91 -1.84 -48.26
C GLU B 483 -26.64 -3.02 -47.35
N TYR B 484 -27.54 -4.01 -47.39
CA TYR B 484 -27.43 -5.19 -46.54
C TYR B 484 -27.32 -6.44 -47.42
N ASN B 485 -26.37 -6.44 -48.34
CA ASN B 485 -26.00 -7.68 -49.01
C ASN B 485 -25.16 -8.53 -48.07
N PRO B 486 -25.64 -9.69 -47.63
CA PRO B 486 -24.89 -10.50 -46.66
C PRO B 486 -23.90 -11.49 -47.26
N ASP B 487 -23.67 -11.43 -48.58
CA ASP B 487 -22.71 -12.31 -49.23
C ASP B 487 -21.34 -11.67 -49.36
N LYS B 488 -21.16 -10.45 -48.86
CA LYS B 488 -19.86 -9.78 -48.84
C LYS B 488 -19.16 -9.93 -47.50
N LEU B 489 -19.46 -10.98 -46.75
CA LEU B 489 -18.84 -11.21 -45.45
C LEU B 489 -17.39 -11.65 -45.63
N ARG B 490 -16.51 -11.08 -44.82
CA ARG B 490 -15.08 -11.33 -44.97
C ARG B 490 -14.59 -12.51 -44.15
N TYR B 491 -15.24 -12.82 -43.03
CA TYR B 491 -14.87 -13.94 -42.18
C TYR B 491 -16.10 -14.81 -41.96
N HIS B 492 -15.94 -16.12 -42.12
CA HIS B 492 -17.02 -17.06 -41.89
C HIS B 492 -17.00 -17.66 -40.49
N SER B 493 -16.29 -17.03 -39.56
CA SER B 493 -16.28 -17.48 -38.16
C SER B 493 -16.11 -16.26 -37.28
N ILE B 494 -17.12 -15.96 -36.46
CA ILE B 494 -17.07 -14.87 -35.49
C ILE B 494 -17.06 -15.49 -34.10
N ILE B 495 -15.99 -15.24 -33.35
CA ILE B 495 -15.75 -15.88 -32.06
C ILE B 495 -15.70 -14.80 -30.98
N ILE B 496 -16.47 -14.99 -29.92
CA ILE B 496 -16.54 -14.05 -28.80
C ILE B 496 -15.73 -14.63 -27.64
N MET B 497 -14.74 -13.87 -27.17
CA MET B 497 -13.77 -14.34 -26.19
C MET B 497 -13.63 -13.33 -25.04
N THR B 498 -14.75 -12.94 -24.45
CA THR B 498 -14.73 -12.03 -23.31
C THR B 498 -14.23 -12.74 -22.05
N ASP B 499 -14.03 -11.95 -20.99
CA ASP B 499 -13.40 -12.43 -19.77
C ASP B 499 -14.37 -13.31 -18.96
N ALA B 500 -13.84 -13.88 -17.88
CA ALA B 500 -14.56 -14.83 -17.04
C ALA B 500 -15.09 -14.21 -15.76
N ASP B 501 -15.39 -12.91 -15.78
CA ASP B 501 -15.96 -12.22 -14.64
C ASP B 501 -17.48 -12.15 -14.79
N VAL B 502 -18.11 -11.36 -13.92
CA VAL B 502 -19.52 -11.02 -14.13
C VAL B 502 -19.68 -9.80 -15.02
N ASP B 503 -18.64 -8.99 -15.19
CA ASP B 503 -18.66 -7.90 -16.15
C ASP B 503 -18.48 -8.41 -17.57
N GLY B 504 -17.78 -9.54 -17.75
CA GLY B 504 -17.68 -10.16 -19.06
C GLY B 504 -18.95 -10.83 -19.52
N SER B 505 -19.82 -11.22 -18.59
CA SER B 505 -21.11 -11.79 -18.95
C SER B 505 -22.10 -10.73 -19.43
N HIS B 506 -21.92 -9.48 -18.98
CA HIS B 506 -22.80 -8.40 -19.42
C HIS B 506 -22.48 -7.98 -20.86
N ILE B 507 -21.19 -7.98 -21.21
CA ILE B 507 -20.78 -7.58 -22.56
C ILE B 507 -21.21 -8.60 -23.59
N ARG B 508 -21.21 -9.89 -23.21
CA ARG B 508 -21.68 -10.94 -24.11
C ARG B 508 -23.18 -10.84 -24.38
N THR B 509 -23.95 -10.34 -23.41
CA THR B 509 -25.38 -10.17 -23.60
C THR B 509 -25.69 -9.06 -24.60
N LEU B 510 -24.98 -7.93 -24.49
CA LEU B 510 -25.16 -6.83 -25.43
C LEU B 510 -24.65 -7.20 -26.82
N LEU B 511 -23.56 -7.98 -26.88
CA LEU B 511 -23.06 -8.45 -28.16
C LEU B 511 -23.99 -9.46 -28.82
N LEU B 512 -24.70 -10.26 -28.01
CA LEU B 512 -25.67 -11.19 -28.57
C LEU B 512 -26.93 -10.49 -29.04
N THR B 513 -27.36 -9.44 -28.33
CA THR B 513 -28.56 -8.72 -28.77
C THR B 513 -28.28 -7.75 -29.91
N PHE B 514 -27.01 -7.44 -30.19
CA PHE B 514 -26.71 -6.67 -31.39
C PHE B 514 -26.84 -7.53 -32.64
N PHE B 515 -26.40 -8.79 -32.58
CA PHE B 515 -26.41 -9.65 -33.76
C PHE B 515 -27.81 -10.12 -34.10
N TYR B 516 -28.63 -10.43 -33.10
CA TYR B 516 -29.95 -10.98 -33.38
C TYR B 516 -30.92 -9.92 -33.88
N ARG B 517 -30.79 -8.69 -33.41
CA ARG B 517 -31.72 -7.62 -33.77
C ARG B 517 -31.34 -6.88 -35.04
N GLN B 518 -30.09 -7.00 -35.51
CA GLN B 518 -29.64 -6.25 -36.68
C GLN B 518 -29.18 -7.12 -37.83
N MET B 519 -28.52 -8.24 -37.55
CA MET B 519 -28.03 -9.15 -38.59
C MET B 519 -28.50 -10.57 -38.31
N PRO B 520 -29.79 -10.87 -38.52
CA PRO B 520 -30.30 -12.19 -38.12
C PRO B 520 -29.91 -13.32 -39.05
N GLU B 521 -29.56 -13.03 -40.31
CA GLU B 521 -29.25 -14.08 -41.26
C GLU B 521 -27.88 -14.70 -40.99
N ILE B 522 -26.95 -13.93 -40.43
CA ILE B 522 -25.65 -14.47 -40.04
C ILE B 522 -25.81 -15.46 -38.89
N VAL B 523 -26.69 -15.15 -37.94
CA VAL B 523 -26.97 -16.07 -36.84
C VAL B 523 -27.71 -17.30 -37.35
N GLU B 524 -28.61 -17.12 -38.32
CA GLU B 524 -29.39 -18.25 -38.83
C GLU B 524 -28.56 -19.18 -39.70
N ARG B 525 -27.52 -18.67 -40.36
CA ARG B 525 -26.66 -19.50 -41.20
C ARG B 525 -25.49 -20.11 -40.44
N GLY B 526 -25.35 -19.81 -39.15
CA GLY B 526 -24.37 -20.47 -38.31
C GLY B 526 -22.94 -19.99 -38.47
N HIS B 527 -22.70 -18.72 -38.18
CA HIS B 527 -21.37 -18.15 -38.27
C HIS B 527 -20.85 -17.60 -36.94
N VAL B 528 -21.59 -17.76 -35.84
CA VAL B 528 -21.26 -17.15 -34.55
C VAL B 528 -20.93 -18.26 -33.56
N TYR B 529 -19.77 -18.13 -32.90
CA TYR B 529 -19.28 -19.11 -31.95
C TYR B 529 -18.97 -18.43 -30.62
N ILE B 530 -18.83 -19.24 -29.57
CA ILE B 530 -18.49 -18.76 -28.24
C ILE B 530 -17.30 -19.56 -27.73
N ALA B 531 -16.22 -18.87 -27.38
CA ALA B 531 -15.02 -19.51 -26.87
C ALA B 531 -15.11 -19.73 -25.37
N GLN B 532 -14.41 -20.76 -24.88
CA GLN B 532 -14.48 -21.18 -23.48
C GLN B 532 -13.09 -21.31 -22.89
N PRO B 533 -12.54 -20.23 -22.32
CA PRO B 533 -11.26 -20.35 -21.63
C PRO B 533 -11.43 -21.03 -20.29
N PRO B 534 -10.38 -21.66 -19.76
CA PRO B 534 -10.48 -22.30 -18.45
C PRO B 534 -10.50 -21.29 -17.32
N LEU B 535 -10.84 -21.78 -16.12
CA LEU B 535 -11.04 -20.93 -14.96
C LEU B 535 -10.03 -21.17 -13.84
N TYR B 536 -9.68 -22.41 -13.54
CA TYR B 536 -8.76 -22.73 -12.46
C TYR B 536 -7.48 -23.35 -12.99
N LYS B 537 -6.38 -23.06 -12.29
CA LYS B 537 -5.10 -23.74 -12.49
C LYS B 537 -4.66 -24.32 -11.16
N VAL B 538 -4.43 -25.62 -11.12
CA VAL B 538 -4.13 -26.35 -9.89
C VAL B 538 -2.75 -26.97 -10.03
N LYS B 539 -1.87 -26.67 -9.08
CA LYS B 539 -0.51 -27.20 -9.06
C LYS B 539 -0.36 -28.11 -7.84
N LYS B 540 -0.27 -29.41 -8.09
CA LYS B 540 -0.13 -30.42 -7.04
C LYS B 540 1.32 -30.92 -7.06
N GLY B 541 2.19 -30.18 -6.38
CA GLY B 541 3.57 -30.59 -6.24
C GLY B 541 4.42 -30.34 -7.47
N LYS B 542 4.23 -31.17 -8.50
CA LYS B 542 4.98 -31.07 -9.74
C LYS B 542 4.11 -31.18 -10.99
N GLN B 543 2.81 -31.36 -10.85
CA GLN B 543 1.90 -31.53 -11.98
C GLN B 543 0.86 -30.42 -11.98
N GLU B 544 0.57 -29.89 -13.16
CA GLU B 544 -0.40 -28.82 -13.33
C GLU B 544 -1.59 -29.32 -14.14
N GLN B 545 -2.79 -28.86 -13.76
CA GLN B 545 -4.01 -29.21 -14.45
C GLN B 545 -4.89 -27.97 -14.55
N TYR B 546 -5.77 -27.95 -15.55
CA TYR B 546 -6.72 -26.88 -15.76
C TYR B 546 -8.12 -27.41 -15.51
N ILE B 547 -8.91 -26.67 -14.75
CA ILE B 547 -10.25 -27.08 -14.34
C ILE B 547 -11.26 -26.18 -15.05
N LYS B 548 -12.27 -26.80 -15.67
CA LYS B 548 -13.23 -26.04 -16.47
C LYS B 548 -14.18 -25.24 -15.58
N ASP B 549 -14.92 -25.91 -14.71
CA ASP B 549 -15.93 -25.24 -13.90
C ASP B 549 -15.89 -25.72 -12.45
N ASP B 550 -16.90 -25.32 -11.66
CA ASP B 550 -16.90 -25.60 -10.23
C ASP B 550 -17.19 -27.07 -9.93
N GLU B 551 -18.03 -27.71 -10.75
CA GLU B 551 -18.36 -29.11 -10.53
C GLU B 551 -17.15 -30.01 -10.77
N ALA B 552 -16.34 -29.69 -11.78
CA ALA B 552 -15.10 -30.42 -12.00
C ALA B 552 -14.10 -30.18 -10.88
N MET B 553 -14.10 -28.97 -10.30
CA MET B 553 -13.27 -28.70 -9.13
C MET B 553 -13.69 -29.53 -7.93
N ASP B 554 -15.01 -29.66 -7.71
CA ASP B 554 -15.52 -30.48 -6.62
C ASP B 554 -15.18 -31.95 -6.82
N GLN B 555 -15.33 -32.45 -8.05
CA GLN B 555 -14.97 -33.83 -8.35
C GLN B 555 -13.47 -34.07 -8.19
N TYR B 556 -12.65 -33.10 -8.58
CA TYR B 556 -11.20 -33.22 -8.43
C TYR B 556 -10.78 -33.24 -6.96
N GLN B 557 -11.36 -32.37 -6.13
CA GLN B 557 -10.97 -32.36 -4.73
C GLN B 557 -11.52 -33.57 -3.98
N ILE B 558 -12.68 -34.10 -4.38
CA ILE B 558 -13.19 -35.34 -3.80
C ILE B 558 -12.28 -36.52 -4.18
N SER B 559 -11.85 -36.59 -5.44
CA SER B 559 -10.96 -37.66 -5.88
C SER B 559 -9.57 -37.56 -5.26
N ILE B 560 -9.09 -36.35 -5.01
CA ILE B 560 -7.78 -36.21 -4.35
C ILE B 560 -7.90 -36.39 -2.85
N ALA B 561 -9.11 -36.26 -2.28
CA ALA B 561 -9.29 -36.60 -0.87
C ALA B 561 -9.41 -38.10 -0.66
N LEU B 562 -10.06 -38.79 -1.60
CA LEU B 562 -10.30 -40.23 -1.50
C LEU B 562 -9.23 -41.05 -2.22
N ASP B 563 -7.99 -40.55 -2.27
CA ASP B 563 -6.91 -41.30 -2.90
C ASP B 563 -6.54 -42.51 -2.05
N GLY B 564 -6.37 -42.31 -0.75
CA GLY B 564 -6.19 -43.42 0.18
C GLY B 564 -7.32 -43.47 1.19
N ALA B 565 -8.18 -44.48 1.09
CA ALA B 565 -9.37 -44.59 1.94
C ALA B 565 -9.41 -45.99 2.54
N THR B 566 -8.81 -46.15 3.72
CA THR B 566 -8.84 -47.40 4.46
C THR B 566 -9.57 -47.12 5.77
N LEU B 567 -10.89 -47.28 5.75
CA LEU B 567 -11.73 -47.06 6.92
C LEU B 567 -11.83 -48.37 7.70
N HIS B 568 -11.24 -48.39 8.89
CA HIS B 568 -11.27 -49.55 9.76
C HIS B 568 -12.33 -49.35 10.82
N THR B 569 -13.37 -50.20 10.80
CA THR B 569 -14.42 -50.10 11.81
C THR B 569 -13.93 -50.57 13.17
N ASN B 570 -13.12 -51.63 13.19
CA ASN B 570 -12.56 -52.16 14.42
C ASN B 570 -11.28 -52.91 14.08
N ALA B 571 -10.50 -53.23 15.11
CA ALA B 571 -9.27 -53.97 14.92
C ALA B 571 -9.57 -55.41 14.53
N SER B 572 -8.61 -56.01 13.81
CA SER B 572 -8.70 -57.38 13.27
C SER B 572 -9.94 -57.57 12.40
N ALA B 573 -10.24 -56.58 11.57
CA ALA B 573 -11.37 -56.60 10.67
C ALA B 573 -10.94 -56.08 9.31
N PRO B 574 -11.53 -56.59 8.23
CA PRO B 574 -11.22 -56.03 6.90
C PRO B 574 -11.75 -54.62 6.74
N ALA B 575 -11.06 -53.83 5.93
CA ALA B 575 -11.38 -52.43 5.73
C ALA B 575 -12.23 -52.25 4.48
N LEU B 576 -12.79 -51.05 4.35
CA LEU B 576 -13.61 -50.67 3.22
C LEU B 576 -12.82 -49.73 2.31
N ALA B 577 -12.82 -50.03 1.01
CA ALA B 577 -12.11 -49.21 0.04
C ALA B 577 -12.75 -49.40 -1.33
N GLY B 578 -12.67 -48.34 -2.15
CA GLY B 578 -13.11 -48.43 -3.53
C GLY B 578 -14.54 -48.04 -3.78
N GLU B 579 -15.40 -49.03 -4.02
CA GLU B 579 -16.76 -48.78 -4.46
C GLU B 579 -17.68 -48.32 -3.32
N ALA B 580 -17.33 -48.57 -2.07
CA ALA B 580 -18.20 -48.24 -0.96
C ALA B 580 -17.96 -46.83 -0.44
N LEU B 581 -16.69 -46.41 -0.35
CA LEU B 581 -16.35 -45.11 0.21
C LEU B 581 -16.86 -43.98 -0.66
N GLU B 582 -16.74 -44.11 -1.98
CA GLU B 582 -17.21 -43.07 -2.90
C GLU B 582 -18.72 -42.91 -2.84
N LYS B 583 -19.45 -44.04 -2.76
CA LYS B 583 -20.91 -43.98 -2.67
C LYS B 583 -21.37 -43.38 -1.35
N LEU B 584 -20.70 -43.74 -0.25
CA LEU B 584 -21.02 -43.17 1.06
C LEU B 584 -20.76 -41.67 1.10
N VAL B 585 -19.62 -41.24 0.54
CA VAL B 585 -19.26 -39.83 0.50
C VAL B 585 -20.24 -39.04 -0.36
N SER B 586 -20.63 -39.59 -1.52
CA SER B 586 -21.57 -38.91 -2.41
C SER B 586 -22.96 -38.80 -1.78
N GLU B 587 -23.43 -39.86 -1.13
CA GLU B 587 -24.74 -39.81 -0.47
C GLU B 587 -24.74 -38.84 0.71
N TYR B 588 -23.65 -38.81 1.49
CA TYR B 588 -23.55 -37.89 2.61
C TYR B 588 -23.50 -36.44 2.14
N ASN B 589 -22.78 -36.18 1.05
CA ASN B 589 -22.72 -34.82 0.51
C ASN B 589 -24.05 -34.38 -0.07
N ALA B 590 -24.79 -35.30 -0.70
CA ALA B 590 -26.12 -34.98 -1.20
C ALA B 590 -27.10 -34.65 -0.07
N THR B 591 -27.04 -35.41 1.03
CA THR B 591 -27.90 -35.12 2.18
C THR B 591 -27.52 -33.81 2.86
N GLN B 592 -26.21 -33.52 2.95
CA GLN B 592 -25.78 -32.27 3.55
C GLN B 592 -26.14 -31.07 2.67
N LYS B 593 -26.14 -31.24 1.35
CA LYS B 593 -26.63 -30.17 0.48
C LYS B 593 -28.14 -30.00 0.58
N MET B 594 -28.87 -31.08 0.84
CA MET B 594 -30.31 -30.95 1.04
C MET B 594 -30.65 -30.25 2.35
N ILE B 595 -29.84 -30.45 3.40
CA ILE B 595 -30.13 -29.88 4.71
C ILE B 595 -29.95 -28.36 4.69
N ASN B 596 -28.94 -27.86 3.96
CA ASN B 596 -28.64 -26.42 3.96
C ASN B 596 -29.72 -25.59 3.29
N ARG B 597 -30.51 -26.18 2.39
CA ARG B 597 -31.64 -25.48 1.81
C ARG B 597 -32.86 -25.47 2.71
N MET B 598 -32.86 -26.28 3.77
CA MET B 598 -33.98 -26.38 4.69
C MET B 598 -33.77 -25.54 5.94
N GLU B 599 -32.76 -24.68 5.95
CA GLU B 599 -32.43 -23.90 7.14
C GLU B 599 -33.43 -22.78 7.41
N ARG B 600 -34.19 -22.36 6.39
CA ARG B 600 -35.14 -21.28 6.55
C ARG B 600 -36.40 -21.69 7.30
N ARG B 601 -36.65 -22.98 7.48
CA ARG B 601 -37.84 -23.45 8.18
C ARG B 601 -37.54 -24.22 9.45
N TYR B 602 -36.39 -24.86 9.57
CA TYR B 602 -36.02 -25.65 10.72
C TYR B 602 -34.61 -25.29 11.16
N PRO B 603 -34.29 -25.45 12.45
CA PRO B 603 -32.90 -25.26 12.89
C PRO B 603 -31.97 -26.31 12.30
N LYS B 604 -30.72 -25.91 12.09
CA LYS B 604 -29.75 -26.79 11.45
C LYS B 604 -29.26 -27.88 12.40
N ALA B 605 -29.18 -27.58 13.70
CA ALA B 605 -28.68 -28.56 14.66
C ALA B 605 -29.72 -29.64 14.94
N MET B 606 -31.00 -29.35 14.75
CA MET B 606 -32.04 -30.35 14.98
C MET B 606 -32.11 -31.37 13.85
N LEU B 607 -31.90 -30.92 12.60
CA LEU B 607 -32.00 -31.81 11.46
C LEU B 607 -30.84 -32.80 11.40
N LYS B 608 -29.65 -32.38 11.80
CA LYS B 608 -28.51 -33.29 11.80
C LYS B 608 -28.58 -34.32 12.91
N GLU B 609 -29.35 -34.06 13.97
CA GLU B 609 -29.52 -35.03 15.03
C GLU B 609 -30.44 -36.16 14.63
N LEU B 610 -31.37 -35.91 13.70
CA LEU B 610 -32.34 -36.92 13.28
C LEU B 610 -31.74 -38.04 12.46
N ILE B 611 -30.50 -37.89 11.98
CA ILE B 611 -29.84 -38.96 11.24
C ILE B 611 -29.51 -40.13 12.15
N TYR B 612 -29.00 -39.85 13.35
CA TYR B 612 -28.59 -40.89 14.28
C TYR B 612 -29.71 -41.35 15.22
N GLN B 613 -30.86 -40.70 15.17
CA GLN B 613 -32.01 -41.12 15.97
C GLN B 613 -32.74 -42.27 15.29
N PRO B 614 -33.42 -43.12 16.05
CA PRO B 614 -34.26 -44.16 15.45
C PRO B 614 -35.44 -43.56 14.68
N THR B 615 -35.84 -44.26 13.63
CA THR B 615 -36.87 -43.74 12.74
C THR B 615 -38.26 -43.85 13.37
N LEU B 616 -39.13 -42.91 13.00
CA LEU B 616 -40.49 -42.84 13.50
C LEU B 616 -41.44 -43.14 12.36
N THR B 617 -42.30 -44.14 12.54
CA THR B 617 -43.24 -44.56 11.50
C THR B 617 -44.61 -43.95 11.73
N GLU B 618 -45.49 -44.17 10.75
CA GLU B 618 -46.86 -43.65 10.86
C GLU B 618 -47.67 -44.43 11.88
N ALA B 619 -47.36 -45.71 12.08
CA ALA B 619 -48.10 -46.52 13.04
C ALA B 619 -47.72 -46.21 14.49
N ASP B 620 -46.58 -45.55 14.72
CA ASP B 620 -46.15 -45.17 16.05
C ASP B 620 -46.76 -43.86 16.53
N LEU B 621 -47.53 -43.18 15.69
CA LEU B 621 -48.17 -41.93 16.06
C LEU B 621 -49.49 -42.13 16.78
N SER B 622 -49.93 -43.37 16.97
CA SER B 622 -51.17 -43.66 17.66
C SER B 622 -50.98 -44.01 19.14
N ASP B 623 -49.75 -43.95 19.64
CA ASP B 623 -49.45 -44.24 21.03
C ASP B 623 -48.70 -43.08 21.65
N GLU B 624 -49.08 -42.71 22.86
CA GLU B 624 -48.46 -41.56 23.53
C GLU B 624 -47.07 -41.87 24.05
N GLN B 625 -46.86 -43.08 24.57
CA GLN B 625 -45.61 -43.41 25.27
C GLN B 625 -44.43 -43.47 24.31
N THR B 626 -44.63 -44.04 23.11
CA THR B 626 -43.55 -44.15 22.14
C THR B 626 -43.13 -42.78 21.62
N VAL B 627 -44.09 -41.91 21.31
CA VAL B 627 -43.75 -40.59 20.78
C VAL B 627 -43.14 -39.70 21.87
N THR B 628 -43.60 -39.83 23.13
CA THR B 628 -42.99 -39.02 24.18
C THR B 628 -41.60 -39.52 24.55
N ARG B 629 -41.36 -40.83 24.43
CA ARG B 629 -40.02 -41.36 24.65
C ARG B 629 -39.07 -40.94 23.53
N TRP B 630 -39.57 -40.92 22.28
CA TRP B 630 -38.76 -40.48 21.15
C TRP B 630 -38.41 -39.00 21.26
N VAL B 631 -39.37 -38.15 21.63
CA VAL B 631 -39.06 -36.73 21.71
C VAL B 631 -38.21 -36.41 22.96
N ASN B 632 -38.34 -37.21 24.04
CA ASN B 632 -37.49 -37.00 25.21
C ASN B 632 -36.05 -37.43 24.91
N ALA B 633 -35.87 -38.55 24.21
CA ALA B 633 -34.53 -38.95 23.81
C ALA B 633 -33.94 -38.02 22.77
N LEU B 634 -34.78 -37.34 21.98
CA LEU B 634 -34.27 -36.35 21.04
C LEU B 634 -33.75 -35.11 21.76
N VAL B 635 -34.50 -34.59 22.73
CA VAL B 635 -34.11 -33.35 23.40
C VAL B 635 -33.17 -33.57 24.57
N SER B 636 -32.86 -34.83 24.92
CA SER B 636 -31.94 -35.08 26.03
C SER B 636 -30.50 -34.73 25.66
N GLU B 637 -30.06 -35.15 24.46
CA GLU B 637 -28.66 -34.97 24.08
C GLU B 637 -28.38 -33.65 23.38
N LEU B 638 -29.42 -32.95 22.92
CA LEU B 638 -29.23 -31.61 22.37
C LEU B 638 -28.77 -30.63 23.44
N ASN B 639 -29.24 -30.81 24.69
CA ASN B 639 -28.71 -30.03 25.80
C ASN B 639 -27.30 -30.47 26.18
N ASP B 640 -26.97 -31.74 25.93
CA ASP B 640 -25.66 -32.26 26.33
C ASP B 640 -24.55 -31.76 25.42
N LYS B 641 -24.81 -31.67 24.11
CA LYS B 641 -23.78 -31.27 23.16
C LYS B 641 -23.85 -29.78 22.81
N GLU B 642 -24.66 -29.01 23.53
CA GLU B 642 -24.82 -27.59 23.21
C GLU B 642 -23.59 -26.79 23.61
N GLN B 643 -23.13 -25.92 22.71
CA GLN B 643 -21.97 -25.08 22.95
C GLN B 643 -22.23 -23.59 22.80
N HIS B 644 -23.44 -23.19 22.41
CA HIS B 644 -23.76 -21.79 22.16
C HIS B 644 -24.76 -21.22 23.15
N GLY B 645 -25.14 -21.97 24.19
CA GLY B 645 -26.05 -21.47 25.20
C GLY B 645 -27.50 -21.39 24.76
N SER B 646 -28.12 -22.54 24.52
CA SER B 646 -29.54 -22.62 24.18
C SER B 646 -30.21 -23.68 25.04
N GLN B 647 -31.51 -23.53 25.21
CA GLN B 647 -32.32 -24.43 26.03
C GLN B 647 -33.38 -25.09 25.17
N TRP B 648 -33.55 -26.40 25.33
CA TRP B 648 -34.47 -27.19 24.52
C TRP B 648 -35.52 -27.84 25.41
N LYS B 649 -36.78 -27.78 24.99
CA LYS B 649 -37.87 -28.43 25.70
C LYS B 649 -38.73 -29.25 24.73
N PHE B 650 -39.85 -29.79 25.21
CA PHE B 650 -40.70 -30.62 24.35
C PHE B 650 -42.14 -30.54 24.83
N ASP B 651 -43.05 -31.00 23.97
CA ASP B 651 -44.48 -31.00 24.27
C ASP B 651 -45.13 -32.18 23.55
N VAL B 652 -46.33 -32.53 23.99
CA VAL B 652 -47.01 -33.73 23.50
C VAL B 652 -48.01 -33.41 22.40
N HIS B 653 -48.85 -32.39 22.64
CA HIS B 653 -49.86 -31.88 21.69
C HIS B 653 -50.86 -32.95 21.27
N THR B 654 -51.68 -33.37 22.25
CA THR B 654 -52.75 -34.33 22.00
C THR B 654 -53.83 -33.68 21.14
N ASN B 655 -54.20 -34.36 20.05
CA ASN B 655 -55.21 -33.86 19.12
C ASN B 655 -56.43 -34.76 19.19
N ALA B 656 -57.60 -34.25 18.81
CA ALA B 656 -58.83 -35.04 18.90
C ALA B 656 -59.24 -35.56 17.53
N GLU B 657 -59.43 -34.68 16.55
CA GLU B 657 -59.74 -35.11 15.19
C GLU B 657 -58.45 -35.51 14.48
N GLN B 658 -58.56 -36.46 13.53
CA GLN B 658 -57.44 -37.07 12.82
C GLN B 658 -56.44 -37.66 13.81
N ASN B 659 -56.87 -38.69 14.54
CA ASN B 659 -56.23 -39.14 15.78
C ASN B 659 -54.76 -39.51 15.61
N LEU B 660 -53.88 -38.66 16.15
CA LEU B 660 -52.43 -38.76 16.03
C LEU B 660 -51.84 -38.09 17.27
N PHE B 661 -50.51 -38.15 17.38
CA PHE B 661 -49.81 -37.44 18.44
C PHE B 661 -48.53 -36.84 17.84
N GLU B 662 -48.51 -35.51 17.71
CA GLU B 662 -47.43 -34.82 17.02
C GLU B 662 -46.54 -34.11 18.03
N PRO B 663 -45.25 -34.45 18.11
CA PRO B 663 -44.37 -33.80 19.08
C PRO B 663 -44.02 -32.37 18.67
N ILE B 664 -43.75 -31.54 19.68
CA ILE B 664 -43.40 -30.14 19.50
C ILE B 664 -42.02 -29.91 20.10
N VAL B 665 -41.18 -29.19 19.37
CA VAL B 665 -39.83 -28.85 19.83
C VAL B 665 -39.79 -27.35 20.13
N ARG B 666 -39.32 -27.00 21.34
CA ARG B 666 -39.24 -25.62 21.78
C ARG B 666 -37.79 -25.26 22.07
N VAL B 667 -37.37 -24.08 21.61
CA VAL B 667 -36.00 -23.61 21.79
C VAL B 667 -36.04 -22.14 22.21
N ARG B 668 -34.94 -21.71 22.83
CA ARG B 668 -34.74 -20.30 23.20
C ARG B 668 -33.29 -19.94 22.94
N THR B 669 -33.05 -19.10 21.93
CA THR B 669 -31.70 -18.87 21.44
C THR B 669 -31.04 -17.65 22.09
N HIS B 670 -31.61 -16.46 21.88
CA HIS B 670 -31.07 -15.23 22.43
C HIS B 670 -32.07 -14.55 23.36
N GLY B 671 -32.86 -15.35 24.08
CA GLY B 671 -33.98 -14.84 24.83
C GLY B 671 -35.30 -14.83 24.08
N VAL B 672 -35.33 -15.37 22.85
CA VAL B 672 -36.52 -15.41 22.03
C VAL B 672 -36.96 -16.87 21.90
N ASP B 673 -38.23 -17.13 22.14
CA ASP B 673 -38.77 -18.49 22.15
C ASP B 673 -39.57 -18.75 20.87
N THR B 674 -39.27 -19.86 20.20
CA THR B 674 -39.99 -20.29 19.01
C THR B 674 -40.34 -21.77 19.12
N ASP B 675 -41.44 -22.16 18.47
CA ASP B 675 -41.93 -23.52 18.47
C ASP B 675 -41.86 -24.09 17.05
N TYR B 676 -41.37 -25.32 16.94
CA TYR B 676 -41.27 -26.00 15.64
C TYR B 676 -42.06 -27.30 15.69
N PRO B 677 -43.30 -27.31 15.19
CA PRO B 677 -44.09 -28.55 15.21
C PRO B 677 -43.63 -29.54 14.16
N LEU B 678 -43.72 -30.82 14.51
CA LEU B 678 -43.41 -31.93 13.60
C LEU B 678 -44.74 -32.65 13.34
N ASP B 679 -45.45 -32.20 12.31
CA ASP B 679 -46.79 -32.66 12.02
C ASP B 679 -46.75 -33.88 11.11
N HIS B 680 -47.91 -34.26 10.57
CA HIS B 680 -48.02 -35.43 9.70
C HIS B 680 -47.41 -35.20 8.32
N GLU B 681 -47.28 -33.94 7.90
CA GLU B 681 -46.69 -33.65 6.60
C GLU B 681 -45.19 -33.92 6.59
N PHE B 682 -44.51 -33.71 7.71
CA PHE B 682 -43.06 -33.90 7.77
C PHE B 682 -42.69 -35.38 7.83
N ILE B 683 -43.51 -36.20 8.50
CA ILE B 683 -43.17 -37.62 8.67
C ILE B 683 -43.30 -38.37 7.34
N THR B 684 -44.37 -38.12 6.60
CA THR B 684 -44.62 -38.80 5.33
C THR B 684 -43.98 -38.10 4.14
N GLY B 685 -43.28 -36.99 4.37
CA GLY B 685 -42.66 -36.26 3.27
C GLY B 685 -41.42 -36.94 2.73
N GLY B 686 -40.98 -36.46 1.57
CA GLY B 686 -39.80 -37.02 0.93
C GLY B 686 -38.49 -36.56 1.51
N GLU B 687 -38.49 -35.49 2.30
CA GLU B 687 -37.26 -35.00 2.91
C GLU B 687 -36.84 -35.85 4.09
N TYR B 688 -37.79 -36.40 4.85
CA TYR B 688 -37.45 -37.28 5.96
C TYR B 688 -36.99 -38.65 5.47
N ARG B 689 -37.44 -39.06 4.27
CA ARG B 689 -37.08 -40.36 3.73
C ARG B 689 -35.60 -40.45 3.38
N ARG B 690 -35.03 -39.35 2.86
CA ARG B 690 -33.62 -39.37 2.46
C ARG B 690 -32.70 -39.44 3.68
N ILE B 691 -33.01 -38.69 4.74
CA ILE B 691 -32.19 -38.79 5.95
C ILE B 691 -32.50 -40.05 6.74
N CYS B 692 -33.66 -40.69 6.50
CA CYS B 692 -33.88 -42.01 7.08
C CYS B 692 -33.06 -43.08 6.36
N THR B 693 -32.98 -42.99 5.03
CA THR B 693 -32.18 -43.97 4.28
C THR B 693 -30.68 -43.74 4.47
N LEU B 694 -30.27 -42.50 4.74
CA LEU B 694 -28.88 -42.25 5.10
C LEU B 694 -28.54 -42.87 6.45
N GLY B 695 -29.46 -42.77 7.41
CA GLY B 695 -29.20 -43.26 8.75
C GLY B 695 -29.26 -44.77 8.91
N GLU B 696 -29.74 -45.49 7.89
CA GLU B 696 -29.76 -46.95 7.98
C GLU B 696 -28.35 -47.53 7.89
N LYS B 697 -27.46 -46.90 7.13
CA LYS B 697 -26.10 -47.36 6.98
C LYS B 697 -25.10 -46.59 7.84
N LEU B 698 -25.58 -45.68 8.69
CA LEU B 698 -24.71 -44.92 9.57
C LEU B 698 -24.99 -45.13 11.05
N ARG B 699 -26.18 -45.60 11.43
CA ARG B 699 -26.46 -45.90 12.83
C ARG B 699 -25.72 -47.17 13.22
N GLY B 700 -24.49 -47.02 13.68
CA GLY B 700 -23.59 -48.14 13.89
C GLY B 700 -22.30 -47.90 13.16
N LEU B 701 -21.65 -48.99 12.71
CA LEU B 701 -20.49 -49.02 11.81
C LEU B 701 -19.22 -48.41 12.40
N LEU B 702 -19.23 -47.93 13.64
CA LEU B 702 -18.06 -47.32 14.25
C LEU B 702 -18.04 -47.71 15.73
N GLU B 703 -17.20 -48.67 16.07
CA GLU B 703 -17.01 -49.11 17.44
C GLU B 703 -15.76 -48.43 18.02
N GLU B 704 -15.39 -48.83 19.23
CA GLU B 704 -14.16 -48.32 19.82
C GLU B 704 -12.95 -48.94 19.13
N ASP B 705 -11.81 -48.24 19.26
CA ASP B 705 -10.53 -48.57 18.62
C ASP B 705 -10.68 -48.67 17.10
N ALA B 706 -11.05 -47.52 16.50
CA ALA B 706 -11.20 -47.40 15.07
C ALA B 706 -10.26 -46.31 14.56
N PHE B 707 -9.69 -46.54 13.38
CA PHE B 707 -8.71 -45.62 12.83
C PHE B 707 -8.83 -45.61 11.31
N ILE B 708 -8.20 -44.59 10.70
CA ILE B 708 -8.14 -44.44 9.25
C ILE B 708 -6.69 -44.24 8.85
N GLU B 709 -6.34 -44.65 7.64
CA GLU B 709 -5.00 -44.48 7.10
C GLU B 709 -5.11 -44.13 5.62
N ARG B 710 -4.49 -43.03 5.21
CA ARG B 710 -4.56 -42.60 3.81
C ARG B 710 -3.38 -43.16 3.01
N GLY B 711 -2.17 -42.71 3.32
CA GLY B 711 -1.01 -43.37 2.76
C GLY B 711 -0.09 -44.02 3.77
N GLU B 712 0.21 -43.29 4.85
CA GLU B 712 1.03 -43.83 5.93
C GLU B 712 0.62 -43.34 7.32
N ARG B 713 -0.36 -42.45 7.43
CA ARG B 713 -0.67 -41.78 8.68
C ARG B 713 -1.92 -42.39 9.31
N ARG B 714 -1.79 -42.83 10.56
CA ARG B 714 -2.89 -43.44 11.30
C ARG B 714 -3.33 -42.50 12.41
N GLN B 715 -4.63 -42.22 12.46
CA GLN B 715 -5.18 -41.34 13.49
C GLN B 715 -6.57 -41.85 13.89
N PRO B 716 -6.81 -42.09 15.18
CA PRO B 716 -8.10 -42.62 15.61
C PRO B 716 -9.20 -41.57 15.53
N VAL B 717 -10.40 -42.02 15.17
CA VAL B 717 -11.57 -41.16 15.04
C VAL B 717 -12.73 -41.77 15.81
N ALA B 718 -13.72 -40.94 16.11
CA ALA B 718 -14.93 -41.37 16.81
C ALA B 718 -16.21 -41.08 16.03
N SER B 719 -16.12 -40.41 14.89
CA SER B 719 -17.30 -40.09 14.10
C SER B 719 -16.92 -40.10 12.63
N PHE B 720 -17.94 -40.23 11.77
CA PHE B 720 -17.72 -40.21 10.33
C PHE B 720 -17.34 -38.82 9.84
N GLU B 721 -17.88 -37.77 10.47
CA GLU B 721 -17.56 -36.40 10.07
C GLU B 721 -16.12 -36.06 10.41
N GLN B 722 -15.62 -36.52 11.56
CA GLN B 722 -14.24 -36.28 11.94
C GLN B 722 -13.27 -37.00 11.02
N ALA B 723 -13.62 -38.23 10.62
CA ALA B 723 -12.79 -38.98 9.69
C ALA B 723 -12.76 -38.32 8.31
N LEU B 724 -13.91 -37.84 7.84
CA LEU B 724 -13.96 -37.16 6.54
C LEU B 724 -13.22 -35.83 6.58
N ASP B 725 -13.30 -35.10 7.70
CA ASP B 725 -12.58 -33.84 7.83
C ASP B 725 -11.07 -34.06 7.90
N TRP B 726 -10.63 -35.12 8.59
CA TRP B 726 -9.20 -35.43 8.62
C TRP B 726 -8.70 -35.93 7.27
N LEU B 727 -9.56 -36.62 6.50
CA LEU B 727 -9.16 -37.07 5.17
C LEU B 727 -9.08 -35.91 4.19
N VAL B 728 -9.99 -34.94 4.31
CA VAL B 728 -9.97 -33.78 3.42
C VAL B 728 -8.79 -32.86 3.75
N LYS B 729 -8.55 -32.60 5.04
CA LYS B 729 -7.52 -31.65 5.45
C LYS B 729 -6.11 -32.15 5.18
N GLU B 730 -5.91 -33.47 5.08
CA GLU B 730 -4.58 -34.00 4.82
C GLU B 730 -4.17 -33.77 3.37
N SER B 731 -5.12 -33.77 2.44
CA SER B 731 -4.81 -33.62 1.02
C SER B 731 -4.58 -32.17 0.60
N ARG B 732 -4.79 -31.20 1.50
CA ARG B 732 -4.62 -29.79 1.18
C ARG B 732 -3.32 -29.22 1.76
N ARG B 733 -2.25 -30.01 1.76
CA ARG B 733 -0.97 -29.54 2.29
C ARG B 733 -0.09 -28.95 1.19
N GLY B 734 0.26 -29.75 0.18
CA GLY B 734 1.03 -29.26 -0.93
C GLY B 734 0.16 -28.89 -2.13
N LEU B 735 -0.76 -27.95 -1.94
CA LEU B 735 -1.72 -27.58 -2.96
C LEU B 735 -1.78 -26.07 -3.11
N SER B 736 -1.81 -25.59 -4.36
CA SER B 736 -1.95 -24.18 -4.67
C SER B 736 -2.98 -24.02 -5.78
N ILE B 737 -3.95 -23.15 -5.56
CA ILE B 737 -5.07 -22.95 -6.49
C ILE B 737 -5.09 -21.48 -6.91
N GLN B 738 -5.06 -21.24 -8.22
CA GLN B 738 -5.14 -19.91 -8.79
C GLN B 738 -6.35 -19.83 -9.72
N ARG B 739 -7.15 -18.78 -9.55
CA ARG B 739 -8.35 -18.58 -10.36
C ARG B 739 -8.16 -17.34 -11.24
N TYR B 740 -8.39 -17.51 -12.53
CA TYR B 740 -8.20 -16.43 -13.49
C TYR B 740 -9.42 -15.51 -13.53
N LYS B 741 -9.17 -14.21 -13.69
CA LYS B 741 -10.23 -13.22 -13.81
C LYS B 741 -10.01 -12.30 -15.01
N GLY B 742 -9.28 -12.76 -16.02
CA GLY B 742 -9.02 -11.97 -17.21
C GLY B 742 -7.99 -12.63 -18.10
N LEU B 743 -7.98 -12.28 -19.39
CA LEU B 743 -7.05 -12.88 -20.33
C LEU B 743 -5.68 -12.22 -20.28
N GLY B 744 -5.53 -11.10 -19.60
CA GLY B 744 -4.23 -10.47 -19.45
C GLY B 744 -3.36 -11.08 -18.36
N GLU B 745 -3.91 -12.01 -17.59
CA GLU B 745 -3.17 -12.70 -16.54
C GLU B 745 -2.45 -13.96 -17.05
N MET B 746 -2.63 -14.30 -18.32
CA MET B 746 -2.08 -15.52 -18.88
C MET B 746 -0.96 -15.18 -19.85
N ASN B 747 0.07 -16.02 -19.86
CA ASN B 747 1.13 -15.90 -20.86
C ASN B 747 0.58 -16.25 -22.24
N PRO B 748 1.17 -15.70 -23.31
CA PRO B 748 0.73 -16.09 -24.66
C PRO B 748 0.98 -17.55 -25.01
N GLU B 749 1.90 -18.23 -24.32
CA GLU B 749 2.07 -19.67 -24.52
C GLU B 749 0.90 -20.44 -23.92
N GLN B 750 0.38 -19.97 -22.78
CA GLN B 750 -0.72 -20.67 -22.11
C GLN B 750 -2.05 -20.45 -22.79
N LEU B 751 -2.25 -19.28 -23.40
CA LEU B 751 -3.53 -18.99 -24.06
C LEU B 751 -3.67 -19.77 -25.36
N TRP B 752 -2.56 -20.08 -26.03
CA TRP B 752 -2.62 -20.82 -27.29
C TRP B 752 -2.98 -22.29 -27.05
N GLU B 753 -2.37 -22.92 -26.05
CA GLU B 753 -2.52 -24.35 -25.87
C GLU B 753 -3.87 -24.75 -25.29
N THR B 754 -4.62 -23.80 -24.71
CA THR B 754 -5.87 -24.12 -24.04
C THR B 754 -7.10 -23.56 -24.75
N THR B 755 -6.98 -22.48 -25.50
CA THR B 755 -8.14 -21.81 -26.05
C THR B 755 -8.12 -21.68 -27.57
N MET B 756 -6.97 -21.36 -28.17
CA MET B 756 -6.94 -20.98 -29.57
C MET B 756 -6.38 -22.06 -30.50
N ASP B 757 -5.83 -23.14 -29.97
CA ASP B 757 -5.32 -24.22 -30.82
C ASP B 757 -6.48 -25.01 -31.40
N PRO B 758 -6.58 -25.15 -32.73
CA PRO B 758 -7.75 -25.83 -33.31
C PRO B 758 -7.76 -27.34 -33.18
N GLU B 759 -6.81 -27.91 -32.44
CA GLU B 759 -6.79 -29.34 -32.18
C GLU B 759 -7.18 -29.72 -30.75
N SER B 760 -7.12 -28.79 -29.81
CA SER B 760 -7.39 -29.08 -28.41
C SER B 760 -8.22 -27.96 -27.77
N ARG B 761 -9.26 -27.53 -28.48
CA ARG B 761 -10.14 -26.48 -27.96
C ARG B 761 -11.58 -26.95 -27.94
N ARG B 762 -12.38 -26.31 -27.09
CA ARG B 762 -13.81 -26.56 -26.97
C ARG B 762 -14.57 -25.29 -27.29
N MET B 763 -15.60 -25.41 -28.11
CA MET B 763 -16.30 -24.24 -28.62
C MET B 763 -17.77 -24.56 -28.81
N LEU B 764 -18.62 -23.55 -28.60
CA LEU B 764 -20.06 -23.66 -28.77
C LEU B 764 -20.49 -22.99 -30.08
N ARG B 765 -21.68 -23.35 -30.53
CA ARG B 765 -22.25 -22.79 -31.75
C ARG B 765 -23.71 -22.45 -31.50
N VAL B 766 -24.06 -21.17 -31.59
CA VAL B 766 -25.39 -20.72 -31.21
C VAL B 766 -26.38 -21.04 -32.32
N THR B 767 -27.57 -21.51 -31.93
CA THR B 767 -28.67 -21.81 -32.83
C THR B 767 -29.96 -21.25 -32.24
N VAL B 768 -30.99 -21.17 -33.07
CA VAL B 768 -32.30 -20.67 -32.68
C VAL B 768 -33.30 -21.83 -32.74
N LYS B 769 -34.02 -22.05 -31.65
CA LYS B 769 -34.97 -23.15 -31.58
C LYS B 769 -36.37 -22.71 -31.98
N ASP B 770 -36.93 -21.73 -31.28
CA ASP B 770 -38.23 -21.16 -31.60
C ASP B 770 -38.08 -19.67 -31.86
N ALA B 771 -38.56 -19.22 -33.01
CA ALA B 771 -38.45 -17.80 -33.36
C ALA B 771 -39.44 -16.94 -32.59
N ILE B 772 -40.62 -17.47 -32.30
CA ILE B 772 -41.63 -16.71 -31.55
C ILE B 772 -41.22 -16.56 -30.09
N ALA B 773 -40.65 -17.61 -29.51
CA ALA B 773 -40.25 -17.57 -28.10
C ALA B 773 -38.91 -16.88 -27.87
N ALA B 774 -38.17 -16.56 -28.93
CA ALA B 774 -36.86 -15.93 -28.78
C ALA B 774 -37.00 -14.42 -28.59
N ASP B 775 -37.72 -13.75 -29.50
CA ASP B 775 -37.83 -12.31 -29.44
C ASP B 775 -38.76 -11.82 -28.32
N GLN B 776 -39.55 -12.72 -27.72
CA GLN B 776 -40.31 -12.33 -26.54
C GLN B 776 -39.41 -12.22 -25.32
N LEU B 777 -38.35 -13.03 -25.26
CA LEU B 777 -37.40 -12.95 -24.15
C LEU B 777 -36.48 -11.75 -24.28
N PHE B 778 -36.16 -11.32 -25.50
CA PHE B 778 -35.34 -10.13 -25.70
C PHE B 778 -36.09 -8.87 -25.32
N THR B 779 -37.41 -8.86 -25.47
CA THR B 779 -38.20 -7.68 -25.10
C THR B 779 -38.31 -7.56 -23.58
N THR B 780 -38.40 -8.70 -22.88
CA THR B 780 -38.56 -8.68 -21.43
C THR B 780 -37.26 -8.26 -20.74
N LEU B 781 -36.13 -8.82 -21.17
CA LEU B 781 -34.88 -8.62 -20.44
C LEU B 781 -34.17 -7.33 -20.84
N MET B 782 -34.24 -6.95 -22.12
CA MET B 782 -33.49 -5.81 -22.63
C MET B 782 -34.36 -4.63 -23.02
N GLY B 783 -35.66 -4.66 -22.68
CA GLY B 783 -36.57 -3.62 -23.12
C GLY B 783 -36.62 -2.42 -22.18
N ASP B 784 -37.51 -1.49 -22.51
CA ASP B 784 -37.64 -0.26 -21.75
C ASP B 784 -38.38 -0.46 -20.42
N ALA B 785 -39.39 -1.33 -20.42
CA ALA B 785 -40.23 -1.50 -19.23
C ALA B 785 -39.48 -2.28 -18.15
N VAL B 786 -39.71 -1.88 -16.90
CA VAL B 786 -38.96 -2.42 -15.76
C VAL B 786 -39.75 -3.41 -14.93
N GLU B 787 -41.07 -3.49 -15.13
CA GLU B 787 -41.90 -4.37 -14.31
C GLU B 787 -41.86 -5.86 -14.73
N PRO B 788 -41.89 -6.24 -16.02
CA PRO B 788 -41.64 -7.67 -16.33
C PRO B 788 -40.25 -8.14 -15.99
N ARG B 789 -39.25 -7.26 -16.04
CA ARG B 789 -37.88 -7.64 -15.68
C ARG B 789 -37.76 -7.95 -14.20
N ARG B 790 -38.39 -7.12 -13.35
CA ARG B 790 -38.36 -7.35 -11.90
C ARG B 790 -39.11 -8.61 -11.51
N ALA B 791 -40.21 -8.92 -12.21
CA ALA B 791 -40.93 -10.15 -11.92
C ALA B 791 -40.21 -11.37 -12.45
N PHE B 792 -39.43 -11.23 -13.53
CA PHE B 792 -38.66 -12.35 -14.04
C PHE B 792 -37.48 -12.69 -13.13
N ILE B 793 -36.84 -11.67 -12.55
CA ILE B 793 -35.71 -11.92 -11.66
C ILE B 793 -36.18 -12.54 -10.35
N GLU B 794 -37.31 -12.06 -9.81
CA GLU B 794 -37.80 -12.52 -8.51
C GLU B 794 -38.34 -13.94 -8.58
N GLU B 795 -38.89 -14.35 -9.73
CA GLU B 795 -39.46 -15.69 -9.86
C GLU B 795 -38.37 -16.77 -9.86
N ASN B 796 -37.25 -16.51 -10.53
CA ASN B 796 -36.17 -17.49 -10.60
C ASN B 796 -35.37 -17.59 -9.31
N ALA B 797 -35.49 -16.61 -8.42
CA ALA B 797 -34.83 -16.73 -7.11
C ALA B 797 -35.56 -17.71 -6.20
N LEU B 798 -36.87 -17.86 -6.39
CA LEU B 798 -37.63 -18.82 -5.60
C LEU B 798 -37.40 -20.25 -6.05
N LYS B 799 -37.06 -20.45 -7.32
CA LYS B 799 -36.84 -21.80 -7.85
C LYS B 799 -35.57 -22.44 -7.29
N ALA B 800 -34.54 -21.63 -7.06
CA ALA B 800 -33.30 -22.16 -6.51
C ALA B 800 -33.45 -22.54 -5.05
N ALA B 801 -34.21 -21.76 -4.29
CA ALA B 801 -34.43 -22.05 -2.87
C ALA B 801 -35.58 -23.05 -2.70
N ILE C 8 6.63 46.40 0.81
CA ILE C 8 6.95 45.85 -0.49
C ILE C 8 8.43 46.07 -0.80
N THR C 9 9.25 45.08 -0.47
CA THR C 9 10.68 45.18 -0.71
C THR C 9 10.99 44.80 -2.16
N PRO C 10 11.64 45.68 -2.92
CA PRO C 10 11.92 45.36 -4.33
C PRO C 10 13.06 44.36 -4.50
N VAL C 11 13.03 43.67 -5.63
CA VAL C 11 14.10 42.76 -6.04
C VAL C 11 14.45 43.03 -7.48
N ASN C 12 15.67 42.63 -7.86
CA ASN C 12 16.12 42.75 -9.24
C ASN C 12 15.77 41.48 -10.01
N ILE C 13 15.56 41.64 -11.32
CA ILE C 13 15.23 40.50 -12.15
C ILE C 13 16.46 39.65 -12.50
N GLU C 14 17.66 40.20 -12.29
CA GLU C 14 18.87 39.44 -12.58
C GLU C 14 19.15 38.39 -11.51
N GLU C 15 18.91 38.73 -10.24
CA GLU C 15 19.18 37.80 -9.15
C GLU C 15 18.02 36.88 -8.83
N GLU C 16 16.80 37.22 -9.27
CA GLU C 16 15.68 36.30 -9.11
C GLU C 16 15.75 35.16 -10.12
N LEU C 17 16.22 35.46 -11.34
CA LEU C 17 16.36 34.42 -12.36
C LEU C 17 17.50 33.47 -12.03
N LYS C 18 18.61 34.00 -11.50
CA LYS C 18 19.78 33.17 -11.21
C LYS C 18 19.56 32.26 -10.02
N SER C 19 18.85 32.75 -8.99
CA SER C 19 18.64 31.96 -7.79
C SER C 19 17.63 30.84 -8.02
N SER C 20 16.61 31.09 -8.86
CA SER C 20 15.58 30.09 -9.09
C SER C 20 16.04 28.98 -10.03
N TYR C 21 16.86 29.32 -11.03
CA TYR C 21 17.26 28.32 -12.02
C TYR C 21 18.31 27.37 -11.50
N LEU C 22 19.18 27.82 -10.59
CA LEU C 22 20.21 26.94 -10.04
C LEU C 22 19.64 25.96 -9.02
N ASP C 23 18.51 26.28 -8.39
CA ASP C 23 17.89 25.34 -7.46
C ASP C 23 17.25 24.18 -8.20
N TYR C 24 16.68 24.44 -9.37
CA TYR C 24 16.09 23.37 -10.17
C TYR C 24 17.15 22.50 -10.81
N ALA C 25 18.24 23.11 -11.28
CA ALA C 25 19.25 22.39 -12.06
C ALA C 25 20.06 21.43 -11.21
N MET C 26 20.35 21.80 -9.95
CA MET C 26 21.12 20.91 -9.08
C MET C 26 20.31 19.73 -8.59
N SER C 27 18.98 19.86 -8.54
CA SER C 27 18.15 18.77 -8.05
C SER C 27 17.97 17.68 -9.09
N VAL C 28 17.92 18.05 -10.38
CA VAL C 28 17.79 17.05 -11.44
C VAL C 28 19.09 16.27 -11.60
N ILE C 29 20.23 16.96 -11.46
CA ILE C 29 21.53 16.32 -11.66
C ILE C 29 21.82 15.30 -10.56
N VAL C 30 21.60 15.69 -9.31
CA VAL C 30 21.96 14.83 -8.18
C VAL C 30 20.82 13.90 -7.80
N GLY C 31 19.58 14.39 -7.80
CA GLY C 31 18.48 13.62 -7.24
C GLY C 31 17.53 12.90 -8.17
N ARG C 32 17.65 13.08 -9.49
CA ARG C 32 16.72 12.46 -10.41
C ARG C 32 17.39 11.52 -11.42
N ALA C 33 18.41 12.00 -12.12
CA ALA C 33 19.11 11.24 -13.14
C ALA C 33 20.57 11.05 -12.72
N LEU C 34 21.41 10.59 -13.66
CA LEU C 34 22.86 10.45 -13.52
C LEU C 34 23.24 9.49 -12.39
N PRO C 35 23.21 8.18 -12.63
CA PRO C 35 23.40 7.21 -11.54
C PRO C 35 24.78 7.25 -10.92
N ASP C 36 24.86 6.69 -9.72
CA ASP C 36 26.11 6.63 -8.97
C ASP C 36 27.08 5.64 -9.60
N VAL C 37 28.37 5.86 -9.38
CA VAL C 37 29.40 5.01 -9.97
C VAL C 37 29.67 3.76 -9.13
N ARG C 38 29.20 3.72 -7.88
CA ARG C 38 29.50 2.60 -7.00
C ARG C 38 28.48 1.48 -7.09
N ASP C 39 27.23 1.77 -7.43
CA ASP C 39 26.22 0.73 -7.60
C ASP C 39 25.45 0.81 -8.90
N GLY C 40 25.58 1.90 -9.66
CA GLY C 40 24.95 1.98 -10.97
C GLY C 40 23.45 2.17 -10.97
N LEU C 41 22.89 2.73 -9.91
CA LEU C 41 21.45 2.87 -9.76
C LEU C 41 21.06 4.32 -9.57
N LYS C 42 19.96 4.71 -10.20
CA LYS C 42 19.28 5.98 -9.95
C LYS C 42 18.49 5.89 -8.66
N PRO C 43 18.09 7.03 -8.06
CA PRO C 43 17.27 6.98 -6.84
C PRO C 43 15.89 6.34 -7.01
N VAL C 44 15.37 6.24 -8.23
CA VAL C 44 14.07 5.59 -8.45
C VAL C 44 14.18 4.09 -8.24
N HIS C 45 15.27 3.48 -8.72
CA HIS C 45 15.40 2.02 -8.68
C HIS C 45 15.68 1.51 -7.28
N ARG C 46 16.42 2.28 -6.48
CA ARG C 46 16.85 1.85 -5.15
C ARG C 46 15.67 1.73 -4.20
N ARG C 47 14.71 2.66 -4.29
CA ARG C 47 13.54 2.61 -3.42
C ARG C 47 12.60 1.47 -3.79
N VAL C 48 12.48 1.16 -5.07
CA VAL C 48 11.66 0.03 -5.51
C VAL C 48 12.24 -1.29 -5.02
N LEU C 49 13.56 -1.46 -5.17
CA LEU C 49 14.20 -2.70 -4.71
C LEU C 49 14.16 -2.83 -3.19
N TYR C 50 14.32 -1.72 -2.47
CA TYR C 50 14.25 -1.75 -1.02
C TYR C 50 12.85 -2.08 -0.52
N ALA C 51 11.82 -1.53 -1.18
CA ALA C 51 10.44 -1.84 -0.80
C ALA C 51 10.07 -3.27 -1.13
N MET C 52 10.60 -3.83 -2.22
CA MET C 52 10.38 -5.25 -2.48
C MET C 52 11.16 -6.13 -1.51
N ASN C 53 12.30 -5.66 -1.01
CA ASN C 53 13.06 -6.43 -0.04
C ASN C 53 12.40 -6.43 1.33
N VAL C 54 11.75 -5.33 1.71
CA VAL C 54 11.10 -5.24 3.03
C VAL C 54 9.90 -6.17 3.11
N LEU C 55 9.10 -6.25 2.05
CA LEU C 55 7.87 -7.04 2.06
C LEU C 55 8.13 -8.54 2.13
N GLY C 56 9.31 -9.01 1.76
CA GLY C 56 9.58 -10.43 1.74
C GLY C 56 9.20 -11.08 0.44
N ASN C 57 9.42 -10.37 -0.66
CA ASN C 57 9.07 -10.86 -2.00
C ASN C 57 10.28 -11.56 -2.61
N ASP C 58 10.58 -12.73 -2.07
CA ASP C 58 11.77 -13.48 -2.44
C ASP C 58 11.57 -14.22 -3.76
N TRP C 59 12.65 -14.84 -4.24
CA TRP C 59 12.63 -15.54 -5.52
C TRP C 59 12.05 -16.95 -5.43
N ASN C 60 12.09 -17.57 -4.25
CA ASN C 60 11.59 -18.93 -4.09
C ASN C 60 10.22 -18.98 -3.42
N LYS C 61 9.53 -17.85 -3.30
CA LYS C 61 8.19 -17.79 -2.75
C LYS C 61 7.18 -17.54 -3.86
N ALA C 62 5.92 -17.39 -3.47
CA ALA C 62 4.85 -17.20 -4.44
C ALA C 62 4.88 -15.79 -5.02
N TYR C 63 4.21 -15.64 -6.16
CA TYR C 63 4.12 -14.34 -6.83
C TYR C 63 3.21 -13.41 -6.05
N LYS C 64 3.36 -12.11 -6.32
CA LYS C 64 2.59 -11.08 -5.65
C LYS C 64 2.16 -10.05 -6.69
N LYS C 65 0.98 -9.47 -6.47
CA LYS C 65 0.45 -8.47 -7.40
C LYS C 65 1.28 -7.18 -7.35
N SER C 66 1.39 -6.52 -8.49
CA SER C 66 2.19 -5.30 -8.59
C SER C 66 1.52 -4.10 -7.95
N ALA C 67 0.21 -4.17 -7.72
CA ALA C 67 -0.51 -3.05 -7.10
C ALA C 67 -0.07 -2.83 -5.66
N ARG C 68 0.24 -3.93 -4.94
CA ARG C 68 0.76 -3.82 -3.58
C ARG C 68 2.11 -3.11 -3.55
N VAL C 69 3.00 -3.46 -4.48
CA VAL C 69 4.34 -2.87 -4.51
C VAL C 69 4.27 -1.40 -4.89
N VAL C 70 3.44 -1.06 -5.89
CA VAL C 70 3.30 0.34 -6.31
C VAL C 70 2.66 1.17 -5.19
N GLY C 71 1.68 0.61 -4.49
CA GLY C 71 1.06 1.32 -3.37
C GLY C 71 2.02 1.57 -2.22
N ASP C 72 2.87 0.57 -1.90
CA ASP C 72 3.85 0.75 -0.83
C ASP C 72 4.91 1.79 -1.21
N VAL C 73 5.38 1.75 -2.46
CA VAL C 73 6.40 2.69 -2.92
C VAL C 73 5.86 4.12 -2.91
N ILE C 74 4.61 4.31 -3.36
CA ILE C 74 4.02 5.65 -3.38
C ILE C 74 3.74 6.14 -1.95
N GLY C 75 3.14 5.27 -1.12
CA GLY C 75 2.72 5.72 0.20
C GLY C 75 3.83 5.86 1.22
N LYS C 76 4.99 5.24 0.99
CA LYS C 76 6.02 5.29 2.02
C LYS C 76 7.30 6.00 1.59
N TYR C 77 7.76 5.81 0.36
CA TYR C 77 9.09 6.28 -0.02
C TYR C 77 9.09 7.32 -1.14
N HIS C 78 8.37 7.06 -2.23
CA HIS C 78 8.48 7.88 -3.44
C HIS C 78 7.21 8.70 -3.66
N PRO C 79 7.21 10.00 -3.42
CA PRO C 79 5.97 10.78 -3.57
C PRO C 79 5.73 11.33 -4.97
N HIS C 80 6.44 10.82 -5.97
CA HIS C 80 6.41 11.39 -7.32
C HIS C 80 5.57 10.51 -8.24
N GLY C 81 4.27 10.75 -8.26
CA GLY C 81 3.40 10.18 -9.27
C GLY C 81 3.13 8.70 -9.11
N ASP C 82 2.38 8.17 -10.05
CA ASP C 82 1.95 6.79 -10.02
C ASP C 82 2.28 6.02 -11.30
N SER C 83 2.09 6.64 -12.47
CA SER C 83 2.31 5.94 -13.72
C SER C 83 3.79 5.80 -14.06
N ALA C 84 4.64 6.69 -13.55
CA ALA C 84 6.07 6.59 -13.81
C ALA C 84 6.72 5.48 -13.00
N VAL C 85 6.15 5.12 -11.84
CA VAL C 85 6.70 4.04 -11.03
C VAL C 85 6.46 2.70 -11.71
N TYR C 86 5.28 2.51 -12.32
CA TYR C 86 4.99 1.25 -12.99
C TYR C 86 5.76 1.11 -14.30
N ASP C 87 6.18 2.22 -14.92
CA ASP C 87 6.91 2.14 -16.18
C ASP C 87 8.34 1.64 -15.99
N THR C 88 8.98 1.97 -14.86
CA THR C 88 10.33 1.48 -14.63
C THR C 88 10.36 0.07 -14.06
N ILE C 89 9.24 -0.45 -13.56
CA ILE C 89 9.19 -1.85 -13.15
C ILE C 89 9.20 -2.77 -14.36
N VAL C 90 8.42 -2.44 -15.40
CA VAL C 90 8.34 -3.29 -16.57
C VAL C 90 9.59 -3.23 -17.44
N ARG C 91 10.45 -2.24 -17.25
CA ARG C 91 11.73 -2.21 -17.94
C ARG C 91 12.73 -3.20 -17.34
N MET C 92 12.53 -3.60 -16.09
CA MET C 92 13.40 -4.59 -15.44
C MET C 92 13.00 -6.02 -15.76
N ALA C 93 11.85 -6.23 -16.38
CA ALA C 93 11.32 -7.57 -16.63
C ALA C 93 11.37 -7.99 -18.09
N GLN C 94 11.59 -7.08 -19.02
CA GLN C 94 11.60 -7.42 -20.43
C GLN C 94 12.96 -7.96 -20.83
N PRO C 95 13.02 -9.14 -21.47
CA PRO C 95 14.32 -9.74 -21.81
C PRO C 95 15.05 -9.06 -22.95
N PHE C 96 14.37 -8.25 -23.76
CA PHE C 96 15.02 -7.52 -24.83
C PHE C 96 15.46 -6.12 -24.41
N SER C 97 15.28 -5.76 -23.14
CA SER C 97 15.61 -4.44 -22.63
C SER C 97 16.84 -4.43 -21.74
N LEU C 98 16.98 -5.40 -20.84
CA LEU C 98 18.13 -5.49 -19.94
C LEU C 98 18.92 -6.76 -20.22
N ARG C 99 20.23 -6.68 -20.05
CA ARG C 99 21.10 -7.83 -20.26
C ARG C 99 20.93 -8.86 -19.16
N TYR C 100 20.82 -8.42 -17.90
CA TYR C 100 20.54 -9.29 -16.76
C TYR C 100 19.34 -8.71 -16.03
N MET C 101 18.22 -9.43 -16.07
CA MET C 101 16.96 -8.92 -15.53
C MET C 101 16.96 -8.98 -14.01
N LEU C 102 16.22 -8.05 -13.40
CA LEU C 102 16.15 -7.94 -11.94
C LEU C 102 14.77 -8.26 -11.37
N VAL C 103 13.73 -8.35 -12.21
CA VAL C 103 12.37 -8.67 -11.79
C VAL C 103 11.90 -9.86 -12.61
N ASP C 104 11.27 -10.84 -11.94
CA ASP C 104 10.83 -12.06 -12.64
C ASP C 104 9.66 -11.78 -13.56
N GLY C 105 8.50 -11.42 -13.00
CA GLY C 105 7.35 -11.06 -13.81
C GLY C 105 6.59 -12.21 -14.44
N GLN C 106 5.26 -12.09 -14.50
CA GLN C 106 4.42 -13.11 -15.13
C GLN C 106 3.12 -12.45 -15.60
N GLY C 107 2.77 -12.68 -16.86
CA GLY C 107 1.58 -12.10 -17.43
C GLY C 107 1.79 -11.54 -18.82
N ASN C 108 1.41 -10.27 -19.03
CA ASN C 108 1.59 -9.58 -20.30
C ASN C 108 2.45 -8.35 -20.04
N PHE C 109 3.72 -8.39 -20.50
CA PHE C 109 4.66 -7.31 -20.26
C PHE C 109 5.15 -6.69 -21.57
N GLY C 110 4.33 -6.71 -22.61
CA GLY C 110 4.68 -6.11 -23.87
C GLY C 110 5.44 -7.05 -24.79
N SER C 111 5.79 -6.53 -25.96
CA SER C 111 6.43 -7.31 -27.01
C SER C 111 7.48 -6.46 -27.71
N ILE C 112 8.21 -7.09 -28.63
CA ILE C 112 9.21 -6.38 -29.42
C ILE C 112 8.60 -5.67 -30.62
N ASP C 113 7.33 -5.91 -30.91
CA ASP C 113 6.61 -5.23 -31.97
C ASP C 113 5.97 -3.93 -31.51
N GLY C 114 6.16 -3.53 -30.26
CA GLY C 114 5.61 -2.29 -29.75
C GLY C 114 4.33 -2.42 -28.96
N ASP C 115 3.93 -3.63 -28.59
CA ASP C 115 2.74 -3.81 -27.76
C ASP C 115 2.99 -3.30 -26.35
N SER C 116 1.98 -2.66 -25.76
CA SER C 116 2.11 -2.16 -24.41
C SER C 116 1.80 -3.26 -23.40
N ALA C 117 2.23 -3.03 -22.16
CA ALA C 117 1.95 -3.97 -21.09
C ALA C 117 0.51 -3.84 -20.61
N ALA C 118 0.07 -4.82 -19.83
CA ALA C 118 -1.28 -4.82 -19.30
C ALA C 118 -1.38 -3.87 -18.10
N ALA C 119 -2.54 -3.85 -17.46
CA ALA C 119 -2.75 -3.00 -16.31
C ALA C 119 -2.10 -3.59 -15.07
N MET C 120 -2.13 -2.83 -13.98
CA MET C 120 -1.51 -3.26 -12.73
C MET C 120 -2.28 -4.37 -12.05
N ARG C 121 -3.55 -4.57 -12.40
CA ARG C 121 -4.37 -5.58 -11.73
C ARG C 121 -4.17 -6.98 -12.28
N TYR C 122 -3.44 -7.14 -13.39
CA TYR C 122 -3.35 -8.43 -14.05
C TYR C 122 -1.96 -9.06 -14.05
N THR C 123 -0.96 -8.37 -13.51
CA THR C 123 0.42 -8.85 -13.58
C THR C 123 0.96 -9.16 -12.19
N GLU C 124 1.83 -10.16 -12.11
CA GLU C 124 2.45 -10.59 -10.87
C GLU C 124 3.96 -10.55 -11.00
N ILE C 125 4.64 -10.07 -9.95
CA ILE C 125 6.08 -9.88 -9.96
C ILE C 125 6.69 -10.45 -8.68
N ARG C 126 7.98 -10.76 -8.77
CA ARG C 126 8.80 -11.09 -7.60
C ARG C 126 10.25 -10.83 -7.98
N LEU C 127 11.13 -10.84 -6.96
CA LEU C 127 12.54 -10.57 -7.18
C LEU C 127 13.22 -11.72 -7.92
N ALA C 128 14.23 -11.38 -8.70
CA ALA C 128 15.07 -12.38 -9.34
C ALA C 128 16.15 -12.86 -8.37
N LYS C 129 16.83 -13.94 -8.76
CA LYS C 129 17.88 -14.49 -7.89
C LYS C 129 19.13 -13.60 -7.92
N ILE C 130 19.39 -12.93 -9.03
CA ILE C 130 20.56 -12.06 -9.13
C ILE C 130 20.35 -10.74 -8.39
N ALA C 131 19.11 -10.39 -8.06
CA ALA C 131 18.84 -9.15 -7.32
C ALA C 131 19.11 -9.27 -5.84
N HIS C 132 19.27 -10.48 -5.31
CA HIS C 132 19.62 -10.66 -3.91
C HIS C 132 21.09 -10.39 -3.63
N GLU C 133 21.94 -10.41 -4.67
CA GLU C 133 23.35 -10.08 -4.49
C GLU C 133 23.59 -8.57 -4.39
N LEU C 134 22.63 -7.76 -4.82
CA LEU C 134 22.76 -6.31 -4.70
C LEU C 134 22.49 -5.83 -3.28
N MET C 135 21.61 -6.52 -2.55
CA MET C 135 21.25 -6.14 -1.19
C MET C 135 21.85 -7.08 -0.14
N ALA C 136 23.04 -7.61 -0.41
CA ALA C 136 23.68 -8.55 0.51
C ALA C 136 24.29 -7.81 1.69
N ASP C 137 24.08 -8.36 2.89
CA ASP C 137 24.57 -7.83 4.17
C ASP C 137 24.10 -6.40 4.42
N LEU C 138 22.83 -6.14 4.14
CA LEU C 138 22.28 -4.79 4.34
C LEU C 138 22.05 -4.48 5.81
N GLU C 139 21.71 -5.48 6.61
CA GLU C 139 21.39 -5.28 8.02
C GLU C 139 22.58 -5.49 8.94
N LYS C 140 23.80 -5.23 8.47
CA LYS C 140 25.01 -5.35 9.29
C LYS C 140 25.79 -4.06 9.35
N GLU C 141 25.12 -2.92 9.13
CA GLU C 141 25.68 -1.56 9.22
C GLU C 141 26.87 -1.37 8.28
N THR C 142 26.62 -1.57 7.00
CA THR C 142 27.63 -1.39 5.96
C THR C 142 27.42 -0.14 5.11
N VAL C 143 26.22 0.43 5.11
CA VAL C 143 25.91 1.65 4.37
C VAL C 143 25.22 2.63 5.31
N ASP C 144 24.99 3.83 4.80
CA ASP C 144 24.34 4.89 5.57
C ASP C 144 22.87 5.01 5.19
N PHE C 145 22.08 5.57 6.12
CA PHE C 145 20.65 5.71 5.96
C PHE C 145 20.26 7.18 6.09
N VAL C 146 19.25 7.58 5.32
CA VAL C 146 18.76 8.96 5.30
C VAL C 146 17.26 8.94 5.63
N ASP C 147 16.71 10.14 5.84
CA ASP C 147 15.32 10.30 6.22
C ASP C 147 14.41 10.40 5.00
N ASN C 148 13.11 10.43 5.27
CA ASN C 148 12.09 10.57 4.23
C ASN C 148 11.75 12.03 4.01
N TYR C 149 10.67 12.28 3.27
CA TYR C 149 10.16 13.64 3.10
C TYR C 149 9.43 14.14 4.35
N ASP C 150 8.90 13.23 5.17
CA ASP C 150 8.18 13.60 6.39
C ASP C 150 8.71 12.86 7.61
N GLY C 151 9.90 12.27 7.53
CA GLY C 151 10.46 11.54 8.64
C GLY C 151 9.81 10.17 8.82
N THR C 152 10.10 9.58 9.99
CA THR C 152 9.56 8.33 10.51
C THR C 152 9.88 7.08 9.69
N GLU C 153 10.67 7.20 8.63
CA GLU C 153 11.15 6.06 7.85
C GLU C 153 12.58 6.34 7.41
N LYS C 154 13.33 5.27 7.15
CA LYS C 154 14.73 5.38 6.75
C LYS C 154 14.97 4.63 5.46
N ILE C 155 15.75 5.24 4.56
CA ILE C 155 16.06 4.69 3.25
C ILE C 155 17.57 4.62 3.14
N PRO C 156 18.16 3.53 2.63
CA PRO C 156 19.61 3.48 2.46
C PRO C 156 20.12 4.46 1.41
N ASP C 157 21.33 4.99 1.66
CA ASP C 157 21.94 5.96 0.77
C ASP C 157 22.54 5.31 -0.47
N VAL C 158 23.09 4.09 -0.32
CA VAL C 158 23.69 3.35 -1.42
C VAL C 158 23.56 1.87 -1.10
N MET C 159 23.71 1.03 -2.12
CA MET C 159 23.54 -0.41 -1.93
C MET C 159 24.89 -1.11 -1.79
N PRO C 160 25.00 -2.10 -0.90
CA PRO C 160 26.26 -2.85 -0.75
C PRO C 160 26.37 -4.02 -1.72
N THR C 161 26.50 -3.68 -3.00
CA THR C 161 26.45 -4.67 -4.07
C THR C 161 27.73 -5.50 -4.16
N LYS C 162 27.57 -6.74 -4.62
CA LYS C 162 28.69 -7.62 -4.90
C LYS C 162 28.92 -7.84 -6.39
N ILE C 163 28.02 -7.35 -7.23
CA ILE C 163 28.07 -7.57 -8.68
C ILE C 163 28.31 -6.22 -9.34
N PRO C 164 29.30 -6.09 -10.24
CA PRO C 164 29.60 -4.78 -10.82
C PRO C 164 28.54 -4.32 -11.82
N ASN C 165 27.65 -3.43 -11.36
CA ASN C 165 26.66 -2.85 -12.26
C ASN C 165 27.28 -1.65 -12.95
N LEU C 166 26.47 -0.97 -13.79
CA LEU C 166 26.80 0.15 -14.70
C LEU C 166 27.69 -0.30 -15.87
N LEU C 167 28.17 -1.55 -15.84
CA LEU C 167 28.88 -2.11 -16.98
C LEU C 167 28.14 -3.30 -17.58
N VAL C 168 27.67 -4.23 -16.73
CA VAL C 168 26.91 -5.37 -17.22
C VAL C 168 25.54 -4.94 -17.70
N ASN C 169 24.99 -3.86 -17.14
CA ASN C 169 23.84 -3.16 -17.69
C ASN C 169 24.31 -1.77 -18.16
N GLY C 170 23.43 -0.88 -18.57
CA GLY C 170 23.89 0.42 -19.01
C GLY C 170 23.25 1.57 -18.27
N SER C 171 23.18 2.73 -18.92
CA SER C 171 22.48 3.88 -18.39
C SER C 171 22.03 4.78 -19.54
N SER C 172 20.92 5.48 -19.33
CA SER C 172 20.38 6.38 -20.35
C SER C 172 19.54 7.42 -19.63
N GLY C 173 20.06 8.64 -19.55
CA GLY C 173 19.34 9.70 -18.86
C GLY C 173 19.72 11.06 -19.42
N ILE C 174 18.79 12.01 -19.31
CA ILE C 174 18.98 13.39 -19.76
C ILE C 174 18.86 14.30 -18.55
N ALA C 175 19.85 15.17 -18.38
CA ALA C 175 19.88 16.14 -17.29
C ALA C 175 19.91 17.56 -17.88
N VAL C 176 20.17 18.54 -17.02
CA VAL C 176 20.31 19.93 -17.45
C VAL C 176 21.79 20.19 -17.70
N GLY C 177 22.19 20.19 -18.97
CA GLY C 177 23.55 20.45 -19.36
C GLY C 177 24.37 19.23 -19.73
N MET C 178 23.86 18.02 -19.47
CA MET C 178 24.63 16.81 -19.70
C MET C 178 23.69 15.63 -19.86
N ALA C 179 24.23 14.53 -20.40
CA ALA C 179 23.48 13.30 -20.60
C ALA C 179 24.45 12.13 -20.62
N THR C 180 23.92 10.92 -20.48
CA THR C 180 24.74 9.71 -20.39
C THR C 180 24.24 8.65 -21.36
N ASN C 181 25.16 7.79 -21.80
CA ASN C 181 24.84 6.68 -22.71
C ASN C 181 25.93 5.63 -22.57
N ILE C 182 25.61 4.51 -21.91
CA ILE C 182 26.60 3.45 -21.63
C ILE C 182 26.06 2.12 -22.14
N PRO C 183 26.85 1.32 -22.87
CA PRO C 183 26.34 0.04 -23.40
C PRO C 183 26.54 -1.11 -22.41
N PRO C 184 25.79 -2.21 -22.57
CA PRO C 184 25.99 -3.38 -21.69
C PRO C 184 27.24 -4.17 -22.05
N HIS C 185 27.67 -5.00 -21.10
CA HIS C 185 28.86 -5.83 -21.25
C HIS C 185 28.55 -7.25 -20.75
N ASN C 186 29.59 -8.05 -20.61
CA ASN C 186 29.49 -9.45 -20.22
C ASN C 186 30.07 -9.64 -18.82
N LEU C 187 29.43 -10.51 -18.02
CA LEU C 187 29.78 -10.61 -16.60
C LEU C 187 31.09 -11.36 -16.38
N THR C 188 31.31 -12.46 -17.12
CA THR C 188 32.51 -13.27 -16.92
C THR C 188 33.78 -12.58 -17.43
N GLU C 189 33.64 -11.57 -18.27
CA GLU C 189 34.80 -10.80 -18.72
C GLU C 189 35.14 -9.66 -17.77
N VAL C 190 34.12 -8.99 -17.22
CA VAL C 190 34.38 -7.88 -16.32
C VAL C 190 34.88 -8.39 -14.96
N ILE C 191 34.50 -9.60 -14.57
CA ILE C 191 35.03 -10.19 -13.34
C ILE C 191 36.51 -10.55 -13.52
N ASN C 192 36.88 -11.05 -14.69
CA ASN C 192 38.29 -11.32 -14.99
C ASN C 192 39.12 -10.04 -15.03
N GLY C 193 38.54 -8.95 -15.55
CA GLY C 193 39.24 -7.67 -15.51
C GLY C 193 39.40 -7.12 -14.11
N CYS C 194 38.39 -7.33 -13.25
CA CYS C 194 38.49 -6.91 -11.85
C CYS C 194 39.55 -7.71 -11.09
N LEU C 195 39.67 -9.00 -11.38
CA LEU C 195 40.72 -9.82 -10.75
C LEU C 195 42.10 -9.43 -11.25
N ALA C 196 42.20 -9.07 -12.53
CA ALA C 196 43.48 -8.61 -13.08
C ALA C 196 43.90 -7.26 -12.50
N TYR C 197 42.93 -6.42 -12.11
CA TYR C 197 43.30 -5.19 -11.42
C TYR C 197 43.78 -5.46 -10.01
N ILE C 198 43.21 -6.46 -9.33
CA ILE C 198 43.62 -6.79 -7.96
C ILE C 198 45.04 -7.36 -7.95
N ASP C 199 45.37 -8.21 -8.93
CA ASP C 199 46.70 -8.80 -8.98
C ASP C 199 47.78 -7.78 -9.32
N ASP C 200 47.43 -6.70 -10.03
CA ASP C 200 48.41 -5.67 -10.41
C ASP C 200 47.67 -4.36 -10.58
N GLU C 201 47.99 -3.38 -9.73
CA GLU C 201 47.29 -2.09 -9.74
C GLU C 201 47.79 -1.14 -10.82
N ASP C 202 48.93 -1.44 -11.47
CA ASP C 202 49.48 -0.59 -12.51
C ASP C 202 49.14 -1.12 -13.91
N ILE C 203 48.00 -1.78 -14.06
CA ILE C 203 47.61 -2.38 -15.33
C ILE C 203 47.15 -1.27 -16.27
N SER C 204 47.62 -1.33 -17.52
CA SER C 204 47.32 -0.30 -18.50
C SER C 204 45.97 -0.58 -19.18
N ILE C 205 45.57 0.32 -20.08
CA ILE C 205 44.32 0.14 -20.81
C ILE C 205 44.45 -1.01 -21.81
N GLU C 206 45.61 -1.11 -22.47
CA GLU C 206 45.83 -2.20 -23.43
C GLU C 206 45.93 -3.55 -22.75
N GLY C 207 46.51 -3.60 -21.55
CA GLY C 207 46.57 -4.84 -20.80
C GLY C 207 45.26 -5.24 -20.17
N LEU C 208 44.36 -4.27 -19.94
CA LEU C 208 43.03 -4.54 -19.41
C LEU C 208 42.02 -4.88 -20.50
N MET C 209 42.36 -4.61 -21.76
CA MET C 209 41.45 -4.82 -22.87
C MET C 209 41.56 -6.22 -23.48
N GLU C 210 42.53 -7.03 -23.06
CA GLU C 210 42.60 -8.40 -23.51
C GLU C 210 41.64 -9.31 -22.77
N HIS C 211 41.08 -8.85 -21.65
CA HIS C 211 40.01 -9.56 -20.95
C HIS C 211 38.63 -9.05 -21.34
N ILE C 212 38.49 -7.77 -21.63
CA ILE C 212 37.22 -7.16 -22.02
C ILE C 212 37.38 -6.64 -23.45
N PRO C 213 36.96 -7.43 -24.45
CA PRO C 213 37.15 -6.99 -25.84
C PRO C 213 36.15 -5.93 -26.30
N GLY C 214 34.91 -5.97 -25.81
CA GLY C 214 33.91 -5.01 -26.23
C GLY C 214 32.54 -5.21 -25.61
N PRO C 215 31.57 -4.44 -26.06
CA PRO C 215 30.21 -4.55 -25.50
C PRO C 215 29.50 -5.82 -25.95
N ASP C 216 28.49 -6.21 -25.17
CA ASP C 216 27.67 -7.37 -25.44
C ASP C 216 26.21 -6.99 -25.31
N PHE C 217 25.40 -7.27 -26.33
CA PHE C 217 24.02 -6.85 -26.37
C PHE C 217 23.08 -8.04 -26.18
N PRO C 218 21.91 -7.84 -25.58
CA PRO C 218 20.97 -8.97 -25.39
C PRO C 218 20.28 -9.44 -26.66
N THR C 219 20.41 -8.71 -27.77
CA THR C 219 19.79 -9.08 -29.03
C THR C 219 20.81 -9.54 -30.08
N ALA C 220 21.98 -9.99 -29.63
CA ALA C 220 23.08 -10.52 -30.44
C ALA C 220 23.60 -9.53 -31.49
N ALA C 221 23.33 -9.82 -32.78
CA ALA C 221 23.79 -9.08 -33.96
C ALA C 221 25.31 -8.97 -34.04
N ILE C 222 25.81 -8.08 -34.91
CA ILE C 222 27.23 -7.96 -35.22
C ILE C 222 27.68 -6.52 -34.99
N ILE C 223 28.83 -6.35 -34.35
CA ILE C 223 29.50 -5.04 -34.26
C ILE C 223 30.53 -4.95 -35.37
N ASN C 224 30.43 -3.91 -36.20
CA ASN C 224 31.22 -3.78 -37.42
C ASN C 224 32.31 -2.73 -37.22
N GLY C 225 33.50 -3.17 -36.79
CA GLY C 225 34.62 -2.26 -36.61
C GLY C 225 35.18 -2.25 -35.20
N ARG C 226 36.48 -1.98 -35.06
CA ARG C 226 37.16 -1.96 -33.77
C ARG C 226 37.75 -0.62 -33.40
N ARG C 227 37.66 0.39 -34.27
CA ARG C 227 38.36 1.64 -34.01
C ARG C 227 37.63 2.48 -32.96
N GLY C 228 36.30 2.45 -32.97
CA GLY C 228 35.53 3.25 -32.02
C GLY C 228 35.45 2.70 -30.62
N ILE C 229 35.86 1.44 -30.42
CA ILE C 229 35.84 0.85 -29.08
C ILE C 229 37.07 1.28 -28.28
N GLU C 230 38.23 1.33 -28.92
CA GLU C 230 39.46 1.69 -28.23
C GLU C 230 39.50 3.18 -27.89
N GLU C 231 38.80 4.00 -28.67
CA GLU C 231 38.77 5.43 -28.38
C GLU C 231 37.89 5.72 -27.17
N ALA C 232 36.80 4.97 -26.98
CA ALA C 232 35.90 5.22 -25.87
C ALA C 232 36.48 4.73 -24.54
N TYR C 233 37.31 3.69 -24.56
CA TYR C 233 37.87 3.17 -23.32
C TYR C 233 39.05 3.98 -22.81
N ARG C 234 39.62 4.84 -23.64
CA ARG C 234 40.72 5.72 -23.22
C ARG C 234 40.25 7.11 -22.85
N THR C 235 39.24 7.64 -23.55
CA THR C 235 38.76 8.99 -23.36
C THR C 235 37.43 9.04 -22.63
N GLY C 236 36.43 8.32 -23.14
CA GLY C 236 35.09 8.35 -22.58
C GLY C 236 34.03 8.56 -23.63
N ARG C 237 34.44 8.99 -24.83
CA ARG C 237 33.53 9.24 -25.94
C ARG C 237 34.00 8.49 -27.18
N GLY C 238 33.06 7.88 -27.88
CA GLY C 238 33.35 7.14 -29.10
C GLY C 238 32.07 6.73 -29.79
N LYS C 239 32.22 6.18 -31.00
CA LYS C 239 31.07 5.80 -31.81
C LYS C 239 31.31 4.45 -32.47
N VAL C 240 30.33 3.55 -32.36
CA VAL C 240 30.40 2.22 -32.95
C VAL C 240 29.22 2.02 -33.89
N TYR C 241 29.27 0.94 -34.66
CA TYR C 241 28.21 0.58 -35.61
C TYR C 241 27.72 -0.84 -35.32
N ILE C 242 26.40 -1.02 -35.39
CA ILE C 242 25.76 -2.30 -35.14
C ILE C 242 25.06 -2.74 -36.42
N ARG C 243 25.30 -3.98 -36.83
CA ARG C 243 24.79 -4.52 -38.09
C ARG C 243 23.99 -5.79 -37.82
N ALA C 244 22.87 -5.93 -38.52
CA ALA C 244 22.02 -7.12 -38.40
C ALA C 244 22.68 -8.33 -39.09
N ARG C 245 22.17 -9.51 -38.76
CA ARG C 245 22.66 -10.76 -39.33
C ARG C 245 21.65 -11.28 -40.35
N ALA C 246 22.11 -11.50 -41.57
CA ALA C 246 21.25 -11.95 -42.66
C ALA C 246 22.09 -12.71 -43.67
N GLU C 247 21.40 -13.44 -44.55
CA GLU C 247 22.08 -14.25 -45.56
C GLU C 247 21.17 -14.43 -46.76
N VAL C 248 21.78 -14.82 -47.88
CA VAL C 248 21.08 -15.04 -49.14
C VAL C 248 21.23 -16.52 -49.52
N GLU C 249 20.11 -17.19 -49.75
CA GLU C 249 20.10 -18.59 -50.12
C GLU C 249 19.38 -18.78 -51.45
N VAL C 250 19.78 -19.82 -52.18
CA VAL C 250 19.22 -20.10 -53.49
C VAL C 250 18.42 -21.40 -53.43
N ASP C 251 17.61 -21.63 -54.46
CA ASP C 251 16.81 -22.83 -54.56
C ASP C 251 17.60 -23.95 -55.25
N ALA C 252 17.21 -25.18 -54.94
CA ALA C 252 17.90 -26.34 -55.51
C ALA C 252 17.55 -26.53 -56.98
N LYS C 253 16.27 -26.38 -57.34
CA LYS C 253 15.83 -26.59 -58.70
C LYS C 253 15.88 -25.30 -59.52
N THR C 254 15.17 -24.27 -59.07
CA THR C 254 15.14 -23.00 -59.76
C THR C 254 16.26 -22.10 -59.27
N GLY C 255 16.41 -20.94 -59.93
CA GLY C 255 17.43 -19.99 -59.56
C GLY C 255 16.91 -18.87 -58.68
N ARG C 256 15.77 -19.10 -58.03
CA ARG C 256 15.18 -18.07 -57.18
C ARG C 256 15.98 -17.89 -55.89
N GLU C 257 16.04 -16.66 -55.42
CA GLU C 257 16.80 -16.30 -54.24
C GLU C 257 15.92 -15.60 -53.23
N THR C 258 16.20 -15.85 -51.94
CA THR C 258 15.47 -15.23 -50.84
C THR C 258 16.46 -14.71 -49.81
N ILE C 259 16.03 -13.71 -49.04
CA ILE C 259 16.83 -13.11 -47.98
C ILE C 259 16.15 -13.40 -46.66
N ILE C 260 16.90 -14.01 -45.74
CA ILE C 260 16.39 -14.38 -44.42
C ILE C 260 17.11 -13.54 -43.37
N VAL C 261 16.36 -12.89 -42.50
CA VAL C 261 16.89 -12.05 -41.43
C VAL C 261 16.69 -12.80 -40.11
N HIS C 262 17.77 -13.00 -39.37
CA HIS C 262 17.74 -13.75 -38.11
C HIS C 262 17.79 -12.85 -36.88
N GLU C 263 18.55 -11.76 -36.92
CA GLU C 263 18.72 -10.88 -35.77
C GLU C 263 18.60 -9.43 -36.22
N ILE C 264 18.23 -8.57 -35.27
CA ILE C 264 18.08 -7.14 -35.54
C ILE C 264 18.89 -6.37 -34.50
N PRO C 265 19.32 -5.11 -34.82
CA PRO C 265 20.11 -4.34 -33.86
C PRO C 265 19.39 -3.93 -32.58
N TYR C 266 20.14 -3.27 -31.70
CA TYR C 266 19.65 -2.86 -30.39
C TYR C 266 18.71 -1.67 -30.51
N GLN C 267 17.65 -1.69 -29.69
CA GLN C 267 16.61 -0.64 -29.61
C GLN C 267 15.91 -0.42 -30.95
N VAL C 268 15.62 -1.50 -31.68
CA VAL C 268 15.00 -1.40 -33.00
C VAL C 268 13.67 -2.14 -32.97
N ASN C 269 12.59 -1.44 -33.34
CA ASN C 269 11.28 -2.04 -33.49
C ASN C 269 11.23 -2.83 -34.80
N LYS C 270 10.42 -3.90 -34.80
CA LYS C 270 10.34 -4.78 -35.95
C LYS C 270 9.20 -4.43 -36.90
N ALA C 271 8.03 -4.09 -36.35
CA ALA C 271 6.88 -3.73 -37.19
C ALA C 271 7.13 -2.44 -37.95
N ARG C 272 7.79 -1.46 -37.32
CA ARG C 272 8.15 -0.22 -38.01
C ARG C 272 9.16 -0.48 -39.11
N LEU C 273 10.08 -1.43 -38.89
CA LEU C 273 11.06 -1.79 -39.91
C LEU C 273 10.39 -2.43 -41.13
N ILE C 274 9.43 -3.32 -40.90
CA ILE C 274 8.70 -3.96 -42.00
C ILE C 274 7.86 -2.93 -42.76
N GLU C 275 7.22 -2.01 -42.03
CA GLU C 275 6.43 -0.95 -42.67
C GLU C 275 7.31 -0.01 -43.48
N LYS C 276 8.52 0.30 -42.99
CA LYS C 276 9.43 1.17 -43.71
C LYS C 276 9.95 0.51 -44.98
N ILE C 277 10.24 -0.80 -44.92
CA ILE C 277 10.67 -1.52 -46.12
C ILE C 277 9.54 -1.58 -47.15
N ALA C 278 8.30 -1.82 -46.71
CA ALA C 278 7.16 -1.84 -47.62
C ALA C 278 6.90 -0.48 -48.25
N GLU C 279 7.04 0.60 -47.47
CA GLU C 279 6.88 1.95 -48.00
C GLU C 279 7.98 2.29 -49.01
N LEU C 280 9.21 1.84 -48.74
CA LEU C 280 10.32 2.08 -49.66
C LEU C 280 10.14 1.32 -50.98
N VAL C 281 9.53 0.14 -50.93
CA VAL C 281 9.21 -0.58 -52.17
C VAL C 281 8.09 0.13 -52.93
N LYS C 282 7.08 0.63 -52.19
CA LYS C 282 5.93 1.28 -52.84
C LYS C 282 6.30 2.60 -53.50
N GLU C 283 7.24 3.34 -52.90
CA GLU C 283 7.65 4.64 -53.45
C GLU C 283 8.69 4.51 -54.56
N LYS C 284 9.07 3.28 -54.93
CA LYS C 284 10.02 2.97 -56.00
C LYS C 284 11.40 3.60 -55.74
N ARG C 285 11.96 3.28 -54.58
CA ARG C 285 13.32 3.65 -54.25
C ARG C 285 14.27 2.47 -54.07
N VAL C 286 13.74 1.27 -53.85
CA VAL C 286 14.53 0.04 -53.83
C VAL C 286 13.92 -0.90 -54.87
N GLU C 287 14.75 -1.39 -55.79
CA GLU C 287 14.30 -2.24 -56.87
C GLU C 287 14.79 -3.67 -56.66
N GLY C 288 13.95 -4.64 -56.99
CA GLY C 288 14.28 -6.04 -56.87
C GLY C 288 13.51 -6.82 -55.82
N ILE C 289 12.51 -6.21 -55.20
CA ILE C 289 11.73 -6.85 -54.14
C ILE C 289 10.31 -7.06 -54.65
N SER C 290 9.82 -8.30 -54.55
CA SER C 290 8.47 -8.63 -55.00
C SER C 290 7.53 -9.03 -53.87
N ALA C 291 8.05 -9.50 -52.73
CA ALA C 291 7.19 -9.93 -51.64
C ALA C 291 7.93 -9.73 -50.31
N LEU C 292 7.16 -9.68 -49.24
CA LEU C 292 7.72 -9.42 -47.90
C LEU C 292 6.77 -9.99 -46.86
N ARG C 293 7.23 -10.97 -46.09
CA ARG C 293 6.40 -11.59 -45.07
C ARG C 293 7.07 -11.56 -43.70
N ASP C 294 6.47 -12.25 -42.74
CA ASP C 294 6.99 -12.30 -41.36
C ASP C 294 6.55 -13.63 -40.77
N GLU C 295 7.46 -14.60 -40.73
CA GLU C 295 7.19 -15.94 -40.21
C GLU C 295 8.11 -16.17 -39.02
N SER C 296 7.72 -15.67 -37.85
CA SER C 296 8.61 -15.70 -36.69
C SER C 296 8.53 -17.04 -35.94
N ASP C 297 7.31 -17.49 -35.65
CA ASP C 297 6.97 -18.74 -34.96
C ASP C 297 7.59 -18.73 -33.57
N LYS C 298 8.03 -19.90 -33.08
CA LYS C 298 8.56 -20.02 -31.73
C LYS C 298 10.04 -20.39 -31.70
N ASP C 299 10.61 -20.86 -32.82
CA ASP C 299 12.01 -21.24 -32.83
C ASP C 299 12.95 -20.03 -32.87
N GLY C 300 12.44 -18.86 -33.23
CA GLY C 300 13.26 -17.67 -33.27
C GLY C 300 12.67 -16.53 -34.06
N MET C 301 13.49 -15.90 -34.91
CA MET C 301 13.06 -14.80 -35.75
C MET C 301 13.38 -15.15 -37.20
N ARG C 302 12.45 -14.87 -38.09
CA ARG C 302 12.65 -15.13 -39.52
C ARG C 302 11.79 -14.17 -40.33
N ILE C 303 12.44 -13.36 -41.16
CA ILE C 303 11.76 -12.45 -42.09
C ILE C 303 12.20 -12.82 -43.50
N VAL C 304 11.23 -13.05 -44.38
CA VAL C 304 11.48 -13.56 -45.72
C VAL C 304 11.22 -12.43 -46.72
N ILE C 305 12.22 -12.15 -47.56
CA ILE C 305 12.13 -11.15 -48.63
C ILE C 305 12.39 -11.86 -49.95
N GLU C 306 11.48 -11.69 -50.90
CA GLU C 306 11.60 -12.32 -52.21
C GLU C 306 12.36 -11.42 -53.18
N VAL C 307 13.21 -12.04 -54.00
CA VAL C 307 14.04 -11.33 -54.98
C VAL C 307 13.57 -11.71 -56.37
N LYS C 308 13.49 -10.71 -57.25
CA LYS C 308 13.08 -10.95 -58.63
C LYS C 308 14.16 -11.70 -59.40
N ARG C 309 13.75 -12.27 -60.54
CA ARG C 309 14.64 -13.12 -61.32
C ARG C 309 15.71 -12.30 -62.05
N ASP C 310 15.40 -11.08 -62.44
CA ASP C 310 16.34 -10.24 -63.18
C ASP C 310 17.27 -9.43 -62.30
N ALA C 311 17.19 -9.60 -60.98
CA ALA C 311 18.03 -8.86 -60.04
C ALA C 311 19.02 -9.82 -59.36
N VAL C 312 20.00 -9.23 -58.68
CA VAL C 312 21.03 -9.96 -57.97
C VAL C 312 20.82 -9.76 -56.47
N GLY C 313 20.84 -10.86 -55.72
CA GLY C 313 20.49 -10.82 -54.31
C GLY C 313 21.52 -10.14 -53.43
N GLU C 314 22.77 -10.05 -53.88
CA GLU C 314 23.79 -9.39 -53.07
C GLU C 314 23.65 -7.87 -53.12
N VAL C 315 23.29 -7.33 -54.29
CA VAL C 315 23.16 -5.89 -54.46
C VAL C 315 21.94 -5.37 -53.69
N VAL C 316 20.85 -6.14 -53.68
CA VAL C 316 19.65 -5.75 -52.95
C VAL C 316 19.92 -5.78 -51.44
N LEU C 317 20.72 -6.75 -50.98
CA LEU C 317 21.07 -6.80 -49.56
C LEU C 317 22.00 -5.66 -49.18
N ASN C 318 22.91 -5.28 -50.07
CA ASN C 318 23.80 -4.16 -49.76
C ASN C 318 23.08 -2.82 -49.83
N ASN C 319 22.01 -2.72 -50.62
CA ASN C 319 21.24 -1.48 -50.66
C ASN C 319 20.39 -1.28 -49.42
N LEU C 320 19.95 -2.36 -48.78
CA LEU C 320 19.12 -2.25 -47.59
C LEU C 320 19.91 -1.87 -46.34
N TYR C 321 21.23 -2.05 -46.35
CA TYR C 321 22.04 -1.67 -45.20
C TYR C 321 22.16 -0.16 -45.07
N SER C 322 22.27 0.54 -46.19
CA SER C 322 22.51 1.98 -46.19
C SER C 322 21.23 2.80 -46.31
N GLN C 323 20.06 2.16 -46.42
CA GLN C 323 18.81 2.90 -46.56
C GLN C 323 17.81 2.61 -45.45
N THR C 324 17.67 1.35 -45.04
CA THR C 324 16.75 1.00 -43.98
C THR C 324 17.47 0.96 -42.64
N GLN C 325 16.74 0.56 -41.59
CA GLN C 325 17.30 0.49 -40.24
C GLN C 325 17.84 -0.90 -39.94
N LEU C 326 18.63 -1.46 -40.86
CA LEU C 326 19.36 -2.69 -40.63
C LEU C 326 20.79 -2.42 -40.20
N GLN C 327 21.18 -1.16 -40.08
CA GLN C 327 22.46 -0.77 -39.50
C GLN C 327 22.28 0.57 -38.81
N VAL C 328 22.56 0.61 -37.51
CA VAL C 328 22.39 1.83 -36.72
C VAL C 328 23.73 2.27 -36.16
N SER C 329 23.72 3.38 -35.41
CA SER C 329 24.91 3.93 -34.80
C SER C 329 24.67 4.14 -33.31
N PHE C 330 25.73 3.97 -32.53
CA PHE C 330 25.68 4.12 -31.07
C PHE C 330 26.74 5.12 -30.64
N GLY C 331 26.30 6.16 -29.92
CA GLY C 331 27.22 7.15 -29.41
C GLY C 331 27.50 7.01 -27.93
N ILE C 332 28.74 6.66 -27.59
CA ILE C 332 29.12 6.35 -26.21
C ILE C 332 29.51 7.64 -25.51
N ASN C 333 28.95 7.86 -24.31
CA ASN C 333 29.24 9.05 -23.51
C ASN C 333 29.06 8.66 -22.04
N MET C 334 30.15 8.54 -21.31
CA MET C 334 30.14 8.00 -19.95
C MET C 334 30.29 9.12 -18.93
N VAL C 335 29.19 9.49 -18.27
CA VAL C 335 29.24 10.39 -17.12
C VAL C 335 28.50 9.73 -15.97
N ALA C 336 29.02 9.93 -14.75
CA ALA C 336 28.44 9.35 -13.55
C ALA C 336 28.84 10.20 -12.36
N LEU C 337 28.11 10.02 -11.26
CA LEU C 337 28.35 10.80 -10.05
C LEU C 337 29.52 10.20 -9.27
N HIS C 338 30.54 11.00 -9.02
CA HIS C 338 31.71 10.59 -8.25
C HIS C 338 31.95 11.64 -7.18
N HIS C 339 31.78 11.25 -5.90
CA HIS C 339 31.84 12.13 -4.74
C HIS C 339 30.85 13.30 -4.85
N GLY C 340 29.67 13.02 -5.40
CA GLY C 340 28.60 14.00 -5.46
C GLY C 340 28.65 14.98 -6.62
N GLN C 341 29.56 14.80 -7.58
CA GLN C 341 29.67 15.71 -8.70
C GLN C 341 29.85 14.91 -9.99
N PRO C 342 29.33 15.42 -11.12
CA PRO C 342 29.48 14.70 -12.40
C PRO C 342 30.92 14.70 -12.90
N LYS C 343 31.26 13.65 -13.64
CA LYS C 343 32.61 13.44 -14.12
C LYS C 343 32.59 12.50 -15.31
N ILE C 344 33.44 12.77 -16.30
CA ILE C 344 33.62 11.87 -17.44
C ILE C 344 34.72 10.88 -17.11
N MET C 345 34.45 9.59 -17.30
CA MET C 345 35.35 8.54 -16.85
C MET C 345 35.68 7.58 -17.99
N ASN C 346 36.87 6.97 -17.90
CA ASN C 346 37.30 5.93 -18.81
C ASN C 346 37.13 4.56 -18.13
N LEU C 347 37.67 3.51 -18.77
CA LEU C 347 37.42 2.15 -18.29
C LEU C 347 38.15 1.86 -16.98
N LYS C 348 39.35 2.42 -16.80
CA LYS C 348 40.14 2.12 -15.61
C LYS C 348 39.59 2.79 -14.37
N ASP C 349 38.91 3.93 -14.52
CA ASP C 349 38.33 4.61 -13.38
C ASP C 349 37.11 3.87 -12.82
N ILE C 350 36.33 3.22 -13.69
CA ILE C 350 35.16 2.48 -13.24
C ILE C 350 35.55 1.22 -12.49
N ILE C 351 36.61 0.54 -12.94
CA ILE C 351 37.08 -0.68 -12.28
C ILE C 351 37.66 -0.36 -10.91
N ALA C 352 38.43 0.73 -10.81
CA ALA C 352 39.10 1.08 -9.56
C ALA C 352 38.13 1.62 -8.51
N ALA C 353 36.95 2.07 -8.90
CA ALA C 353 35.96 2.59 -7.98
C ALA C 353 35.06 1.52 -7.40
N PHE C 354 35.23 0.26 -7.82
CA PHE C 354 34.46 -0.87 -7.32
C PHE C 354 35.18 -1.62 -6.21
N VAL C 355 36.50 -1.78 -6.34
CA VAL C 355 37.31 -2.45 -5.33
C VAL C 355 37.37 -1.64 -4.04
N ARG C 356 37.39 -0.31 -4.14
CA ARG C 356 37.36 0.56 -2.97
C ARG C 356 36.06 0.40 -2.18
N HIS C 357 34.94 0.28 -2.90
CA HIS C 357 33.64 0.04 -2.28
C HIS C 357 33.61 -1.32 -1.57
N ARG C 358 34.20 -2.34 -2.21
CA ARG C 358 34.25 -3.67 -1.60
C ARG C 358 35.09 -3.68 -0.34
N ARG C 359 36.21 -2.94 -0.34
CA ARG C 359 37.06 -2.82 0.85
C ARG C 359 36.32 -2.18 2.02
N GLU C 360 35.56 -1.11 1.75
CA GLU C 360 34.80 -0.44 2.80
C GLU C 360 33.72 -1.34 3.37
N VAL C 361 33.02 -2.10 2.52
CA VAL C 361 31.91 -2.95 2.97
C VAL C 361 32.43 -4.08 3.87
N VAL C 362 33.53 -4.73 3.49
CA VAL C 362 34.07 -5.83 4.29
C VAL C 362 34.60 -5.33 5.63
N THR C 363 35.35 -4.22 5.61
CA THR C 363 35.89 -3.72 6.87
C THR C 363 34.85 -3.05 7.75
N ARG C 364 33.66 -2.73 7.23
CA ARG C 364 32.57 -2.30 8.10
C ARG C 364 31.73 -3.45 8.60
N ARG C 365 31.70 -4.59 7.90
CA ARG C 365 30.98 -5.76 8.39
C ARG C 365 31.73 -6.44 9.54
N THR C 366 33.07 -6.45 9.45
CA THR C 366 33.89 -7.19 10.43
C THR C 366 33.77 -6.60 11.85
N ILE C 367 33.71 -5.28 11.96
CA ILE C 367 33.65 -4.61 13.27
C ILE C 367 32.32 -4.90 13.96
N PHE C 368 31.23 -4.88 13.19
CA PHE C 368 29.89 -5.20 13.70
C PHE C 368 29.83 -6.64 14.21
N GLU C 369 30.39 -7.58 13.44
CA GLU C 369 30.39 -8.98 13.86
C GLU C 369 31.23 -9.20 15.12
N LEU C 370 32.38 -8.51 15.22
CA LEU C 370 33.25 -8.64 16.39
C LEU C 370 32.58 -8.09 17.65
N ARG C 371 31.92 -6.93 17.54
CA ARG C 371 31.23 -6.35 18.71
C ARG C 371 30.08 -7.23 19.17
N LYS C 372 29.30 -7.79 18.23
CA LYS C 372 28.20 -8.68 18.59
C LYS C 372 28.70 -9.95 19.29
N ALA C 373 29.80 -10.53 18.79
CA ALA C 373 30.36 -11.73 19.41
C ALA C 373 30.88 -11.46 20.82
N ARG C 374 31.51 -10.31 21.04
CA ARG C 374 32.04 -10.00 22.37
C ARG C 374 30.92 -9.74 23.37
N ASP C 375 29.83 -9.10 22.94
CA ASP C 375 28.68 -8.90 23.84
C ASP C 375 28.03 -10.23 24.22
N ARG C 376 27.89 -11.14 23.24
CA ARG C 376 27.30 -12.46 23.54
C ARG C 376 28.18 -13.28 24.49
N ALA C 377 29.51 -13.21 24.32
CA ALA C 377 30.41 -13.92 25.23
C ALA C 377 30.36 -13.33 26.64
N HIS C 378 30.21 -12.01 26.74
CA HIS C 378 30.08 -11.35 28.04
C HIS C 378 28.82 -11.80 28.77
N ILE C 379 27.71 -11.98 28.04
CA ILE C 379 26.49 -12.50 28.68
C ILE C 379 26.66 -13.96 29.09
N LEU C 380 27.28 -14.78 28.22
CA LEU C 380 27.41 -16.21 28.50
C LEU C 380 28.32 -16.51 29.66
N GLU C 381 29.30 -15.65 29.94
CA GLU C 381 30.16 -15.83 31.12
C GLU C 381 29.36 -15.75 32.41
N ALA C 382 28.51 -14.73 32.53
CA ALA C 382 27.69 -14.58 33.74
C ALA C 382 26.60 -15.63 33.81
N LEU C 383 26.11 -16.12 32.67
CA LEU C 383 25.16 -17.23 32.71
C LEU C 383 25.84 -18.52 33.18
N ALA C 384 27.10 -18.74 32.78
CA ALA C 384 27.79 -19.96 33.19
C ALA C 384 28.28 -19.91 34.63
N VAL C 385 28.55 -18.72 35.15
CA VAL C 385 29.01 -18.61 36.54
C VAL C 385 27.90 -18.96 37.52
N ALA C 386 26.68 -18.47 37.28
CA ALA C 386 25.58 -18.58 38.22
C ALA C 386 25.03 -19.99 38.38
N LEU C 387 25.35 -20.90 37.46
CA LEU C 387 24.85 -22.27 37.57
C LEU C 387 25.68 -23.13 38.51
N ALA C 388 26.82 -22.65 38.98
CA ALA C 388 27.65 -23.36 39.94
C ALA C 388 27.40 -22.92 41.37
N ASN C 389 26.50 -21.96 41.59
CA ASN C 389 26.17 -21.45 42.92
C ASN C 389 24.65 -21.36 43.06
N ILE C 390 23.97 -22.47 42.75
CA ILE C 390 22.51 -22.46 42.62
C ILE C 390 21.82 -22.21 43.96
N ASP C 391 22.26 -22.91 45.00
CA ASP C 391 21.59 -22.82 46.31
C ASP C 391 21.68 -21.45 46.98
N PRO C 392 22.83 -20.76 47.06
CA PRO C 392 22.79 -19.41 47.64
C PRO C 392 22.08 -18.38 46.77
N ILE C 393 22.07 -18.58 45.43
CA ILE C 393 21.31 -17.70 44.55
C ILE C 393 19.82 -17.83 44.83
N ILE C 394 19.34 -19.08 44.98
CA ILE C 394 17.92 -19.32 45.25
C ILE C 394 17.55 -18.82 46.64
N GLU C 395 18.44 -19.00 47.63
CA GLU C 395 18.19 -18.51 48.98
C GLU C 395 18.13 -16.98 49.02
N LEU C 396 19.03 -16.32 48.29
CA LEU C 396 19.04 -14.86 48.26
C LEU C 396 17.83 -14.30 47.52
N ILE C 397 17.35 -14.99 46.49
CA ILE C 397 16.14 -14.55 45.79
C ILE C 397 14.91 -14.75 46.67
N ARG C 398 14.81 -15.90 47.34
CA ARG C 398 13.64 -16.19 48.17
C ARG C 398 13.57 -15.34 49.43
N HIS C 399 14.71 -14.83 49.92
CA HIS C 399 14.72 -13.97 51.09
C HIS C 399 14.72 -12.48 50.73
N ALA C 400 14.09 -12.13 49.61
CA ALA C 400 14.03 -10.75 49.16
C ALA C 400 12.57 -10.37 48.92
N PRO C 401 12.13 -9.19 49.39
CA PRO C 401 10.73 -8.81 49.17
C PRO C 401 10.41 -8.40 47.75
N THR C 402 11.28 -7.63 47.10
CA THR C 402 11.05 -7.10 45.77
C THR C 402 12.20 -7.51 44.84
N PRO C 403 11.94 -7.63 43.53
CA PRO C 403 13.04 -7.97 42.59
C PRO C 403 14.11 -6.90 42.46
N ALA C 404 13.80 -5.64 42.79
CA ALA C 404 14.83 -4.60 42.76
C ALA C 404 15.85 -4.78 43.87
N GLU C 405 15.38 -5.12 45.08
CA GLU C 405 16.30 -5.41 46.18
C GLU C 405 17.06 -6.71 45.95
N ALA C 406 16.43 -7.67 45.27
CA ALA C 406 17.14 -8.89 44.87
C ALA C 406 18.22 -8.60 43.83
N LYS C 407 17.97 -7.64 42.94
CA LYS C 407 18.98 -7.25 41.96
C LYS C 407 20.15 -6.53 42.63
N THR C 408 19.85 -5.65 43.59
CA THR C 408 20.92 -4.94 44.29
C THR C 408 21.67 -5.83 45.27
N ALA C 409 21.08 -6.94 45.70
CA ALA C 409 21.78 -7.86 46.57
C ALA C 409 22.76 -8.77 45.82
N LEU C 410 22.61 -8.91 44.51
CA LEU C 410 23.50 -9.78 43.75
C LEU C 410 24.86 -9.13 43.52
N VAL C 411 24.88 -7.81 43.30
CA VAL C 411 26.13 -7.10 43.01
C VAL C 411 26.83 -6.62 44.27
N ALA C 412 26.27 -6.91 45.45
CA ALA C 412 26.86 -6.42 46.70
C ALA C 412 28.10 -7.20 47.10
N ASN C 413 28.17 -8.49 46.75
CA ASN C 413 29.28 -9.33 47.17
C ASN C 413 29.86 -10.08 45.99
N PRO C 414 31.16 -10.37 46.00
CA PRO C 414 31.74 -11.22 44.96
C PRO C 414 31.28 -12.66 45.10
N TRP C 415 31.30 -13.37 43.97
CA TRP C 415 30.90 -14.77 43.92
C TRP C 415 32.12 -15.62 43.61
N GLN C 416 32.28 -16.71 44.37
CA GLN C 416 33.41 -17.60 44.16
C GLN C 416 33.22 -18.41 42.89
N LEU C 417 34.34 -18.84 42.32
CA LEU C 417 34.33 -19.63 41.10
C LEU C 417 34.23 -21.12 41.45
N GLY C 418 34.44 -21.95 40.43
CA GLY C 418 34.43 -23.39 40.61
C GLY C 418 33.85 -24.07 39.39
N ASN C 419 34.56 -25.09 38.88
CA ASN C 419 34.23 -25.89 37.69
C ASN C 419 34.17 -25.08 36.40
N VAL C 420 34.54 -23.80 36.41
CA VAL C 420 34.59 -22.97 35.23
C VAL C 420 35.90 -22.19 35.11
N ALA C 421 36.86 -22.43 36.01
CA ALA C 421 38.13 -21.71 35.96
C ALA C 421 38.96 -22.14 34.76
N ALA C 422 38.87 -23.43 34.39
CA ALA C 422 39.56 -23.90 33.20
C ALA C 422 38.97 -23.32 31.93
N MET C 423 37.67 -23.02 31.93
CA MET C 423 37.05 -22.33 30.80
C MET C 423 37.48 -20.88 30.73
N LEU C 424 37.52 -20.19 31.88
CA LEU C 424 37.84 -18.77 31.88
C LEU C 424 39.31 -18.50 31.63
N GLU C 425 40.20 -19.44 31.98
CA GLU C 425 41.62 -19.25 31.72
C GLU C 425 41.98 -19.44 30.25
N ARG C 426 41.12 -20.10 29.47
CA ARG C 426 41.40 -20.25 28.04
C ARG C 426 41.18 -18.94 27.29
N ALA C 427 40.30 -18.08 27.78
CA ALA C 427 40.04 -16.78 27.15
C ALA C 427 40.96 -15.71 27.76
N GLY C 428 42.26 -15.94 27.61
CA GLY C 428 43.25 -15.04 28.15
C GLY C 428 43.53 -13.85 27.24
N ASP C 429 44.42 -12.97 27.73
CA ASP C 429 44.92 -11.78 27.05
C ASP C 429 43.82 -10.77 26.72
N ASP C 430 42.69 -10.84 27.44
CA ASP C 430 41.55 -9.93 27.32
C ASP C 430 41.01 -9.85 25.89
N ALA C 431 40.95 -11.01 25.22
CA ALA C 431 40.48 -11.05 23.84
C ALA C 431 38.96 -11.09 23.73
N ALA C 432 38.25 -11.38 24.82
CA ALA C 432 36.79 -11.49 24.80
C ALA C 432 36.10 -10.43 25.62
N ARG C 433 36.83 -9.52 26.25
CA ARG C 433 36.20 -8.46 27.02
C ARG C 433 35.63 -7.40 26.08
N PRO C 434 34.46 -6.84 26.40
CA PRO C 434 33.95 -5.70 25.64
C PRO C 434 34.83 -4.47 25.83
N GLU C 435 34.82 -3.60 24.81
CA GLU C 435 35.71 -2.45 24.80
C GLU C 435 35.25 -1.37 25.77
N TRP C 436 33.96 -1.31 26.07
CA TRP C 436 33.42 -0.31 26.99
C TRP C 436 33.44 -0.75 28.44
N LEU C 437 33.94 -1.95 28.74
CA LEU C 437 33.87 -2.50 30.09
C LEU C 437 34.89 -1.84 30.99
N GLU C 438 34.45 -1.44 32.18
CA GLU C 438 35.33 -0.83 33.17
C GLU C 438 36.27 -1.88 33.75
N PRO C 439 37.47 -1.48 34.19
CA PRO C 439 38.40 -2.45 34.78
C PRO C 439 38.03 -2.90 36.19
N GLU C 440 37.02 -2.30 36.81
CA GLU C 440 36.61 -2.70 38.16
C GLU C 440 35.94 -4.07 38.14
N PHE C 441 35.16 -4.35 37.11
CA PHE C 441 34.39 -5.59 37.02
C PHE C 441 35.25 -6.69 36.40
N GLY C 442 34.65 -7.84 36.15
CA GLY C 442 35.36 -8.94 35.53
C GLY C 442 35.89 -9.95 36.52
N VAL C 443 36.98 -10.63 36.16
CA VAL C 443 37.59 -11.65 37.00
C VAL C 443 38.79 -11.03 37.69
N ARG C 444 38.71 -10.88 39.01
CA ARG C 444 39.83 -10.43 39.83
C ARG C 444 40.03 -11.44 40.94
N ASP C 445 41.27 -11.92 41.08
CA ASP C 445 41.70 -12.98 42.01
C ASP C 445 40.87 -14.23 41.69
N GLY C 446 40.29 -14.92 42.67
CA GLY C 446 39.48 -16.07 42.40
C GLY C 446 37.99 -15.78 42.49
N LEU C 447 37.62 -14.50 42.40
CA LEU C 447 36.25 -14.06 42.56
C LEU C 447 35.77 -13.38 41.29
N TYR C 448 34.44 -13.32 41.12
CA TYR C 448 33.80 -12.69 39.98
C TYR C 448 32.95 -11.53 40.45
N TYR C 449 32.99 -10.44 39.70
CA TYR C 449 32.23 -9.22 40.01
C TYR C 449 31.20 -9.00 38.92
N LEU C 450 29.93 -8.91 39.30
CA LEU C 450 28.84 -8.77 38.34
C LEU C 450 28.51 -7.30 38.12
N THR C 451 27.83 -7.03 37.01
CA THR C 451 27.33 -5.70 36.68
C THR C 451 25.82 -5.68 36.83
N GLU C 452 25.22 -4.54 36.50
CA GLU C 452 23.76 -4.43 36.55
C GLU C 452 23.12 -5.14 35.37
N GLN C 453 23.79 -5.18 34.22
CA GLN C 453 23.26 -5.89 33.06
C GLN C 453 23.32 -7.40 33.27
N GLN C 454 24.40 -7.89 33.87
CA GLN C 454 24.55 -9.33 34.10
C GLN C 454 23.63 -9.82 35.21
N ALA C 455 23.27 -8.95 36.16
CA ALA C 455 22.43 -9.39 37.26
C ALA C 455 20.98 -9.58 36.83
N GLN C 456 20.53 -8.83 35.81
CA GLN C 456 19.17 -8.99 35.33
C GLN C 456 18.99 -10.26 34.49
N ALA C 457 20.07 -10.73 33.86
CA ALA C 457 19.97 -11.94 33.05
C ALA C 457 19.81 -13.19 33.91
N ILE C 458 20.31 -13.14 35.15
CA ILE C 458 20.10 -14.25 36.08
C ILE C 458 18.65 -14.30 36.53
N LEU C 459 18.02 -13.15 36.76
CA LEU C 459 16.65 -13.10 37.22
C LEU C 459 15.64 -13.48 36.14
N ASP C 460 16.04 -13.48 34.87
CA ASP C 460 15.17 -13.89 33.78
C ASP C 460 15.47 -15.31 33.30
N LEU C 461 16.23 -16.08 34.07
CA LEU C 461 16.57 -17.44 33.69
C LEU C 461 15.37 -18.36 33.89
N ARG C 462 15.07 -19.17 32.88
CA ARG C 462 13.95 -20.10 32.95
C ARG C 462 14.28 -21.27 33.88
N LEU C 463 13.23 -21.94 34.33
CA LEU C 463 13.38 -23.06 35.25
C LEU C 463 13.80 -24.35 34.56
N GLN C 464 13.73 -24.41 33.23
CA GLN C 464 14.13 -25.60 32.49
C GLN C 464 15.58 -25.60 32.09
N LYS C 465 16.34 -24.56 32.47
CA LYS C 465 17.78 -24.51 32.19
C LYS C 465 18.60 -25.22 33.26
N LEU C 466 17.96 -25.78 34.29
CA LEU C 466 18.66 -26.44 35.37
C LEU C 466 18.96 -27.91 35.08
N THR C 467 18.56 -28.41 33.91
CA THR C 467 18.86 -29.79 33.53
C THR C 467 20.32 -29.94 33.14
N GLY C 468 20.75 -31.19 32.98
CA GLY C 468 22.14 -31.49 32.68
C GLY C 468 22.50 -31.49 31.21
N LEU C 469 21.59 -31.06 30.34
CA LEU C 469 21.82 -31.09 28.90
C LEU C 469 22.34 -29.77 28.34
N GLU C 470 21.75 -28.65 28.76
CA GLU C 470 22.02 -27.36 28.13
C GLU C 470 23.31 -26.71 28.61
N HIS C 471 23.88 -27.17 29.72
CA HIS C 471 25.13 -26.60 30.22
C HIS C 471 26.29 -26.88 29.27
N GLU C 472 26.37 -28.12 28.74
CA GLU C 472 27.39 -28.44 27.75
C GLU C 472 27.15 -27.70 26.45
N LYS C 473 25.89 -27.41 26.11
CA LYS C 473 25.58 -26.57 24.95
C LYS C 473 26.11 -25.15 25.15
N LEU C 474 25.98 -24.61 26.36
CA LEU C 474 26.53 -23.29 26.66
C LEU C 474 28.06 -23.29 26.57
N LEU C 475 28.71 -24.35 27.06
CA LEU C 475 30.17 -24.44 26.96
C LEU C 475 30.63 -24.53 25.52
N ASP C 476 29.93 -25.30 24.69
CA ASP C 476 30.28 -25.41 23.28
C ASP C 476 30.06 -24.10 22.54
N GLU C 477 29.00 -23.37 22.89
CA GLU C 477 28.76 -22.05 22.30
C GLU C 477 29.85 -21.06 22.69
N TYR C 478 30.35 -21.16 23.94
CA TYR C 478 31.45 -20.30 24.38
C TYR C 478 32.73 -20.61 23.61
N LYS C 479 33.01 -21.89 23.38
CA LYS C 479 34.19 -22.29 22.59
C LYS C 479 34.10 -21.79 21.15
N GLU C 480 32.92 -21.91 20.53
CA GLU C 480 32.74 -21.44 19.16
C GLU C 480 32.88 -19.93 19.06
N LEU C 481 32.38 -19.20 20.08
CA LEU C 481 32.52 -17.75 20.10
C LEU C 481 33.97 -17.31 20.20
N LEU C 482 34.79 -18.04 20.97
CA LEU C 482 36.20 -17.70 21.07
C LEU C 482 36.94 -17.89 19.75
N ASP C 483 36.63 -18.97 19.02
CA ASP C 483 37.24 -19.17 17.70
C ASP C 483 36.83 -18.10 16.70
N GLN C 484 35.54 -17.73 16.71
CA GLN C 484 35.06 -16.68 15.80
C GLN C 484 35.63 -15.31 16.14
N ILE C 485 35.92 -15.07 17.42
CA ILE C 485 36.58 -13.82 17.81
C ILE C 485 38.01 -13.77 17.28
N ALA C 486 38.72 -14.90 17.32
CA ALA C 486 40.10 -14.94 16.85
C ALA C 486 40.21 -14.71 15.34
N GLU C 487 39.28 -15.26 14.56
CA GLU C 487 39.38 -15.14 13.10
C GLU C 487 39.14 -13.71 12.61
N LEU C 488 38.21 -12.98 13.25
CA LEU C 488 37.91 -11.61 12.84
C LEU C 488 39.06 -10.67 13.15
N LEU C 489 39.76 -10.90 14.26
CA LEU C 489 40.96 -10.11 14.57
C LEU C 489 42.09 -10.43 13.59
N ARG C 490 42.18 -11.67 13.12
CA ARG C 490 43.19 -11.99 12.10
C ARG C 490 42.87 -11.33 10.77
N ILE C 491 41.57 -11.15 10.45
CA ILE C 491 41.21 -10.43 9.23
C ILE C 491 41.55 -8.95 9.37
N LEU C 492 41.21 -8.34 10.50
CA LEU C 492 41.48 -6.91 10.69
C LEU C 492 42.95 -6.60 10.90
N GLY C 493 43.78 -7.60 11.21
CA GLY C 493 45.19 -7.34 11.47
C GLY C 493 45.98 -6.91 10.25
N SER C 494 45.75 -7.56 9.11
CA SER C 494 46.56 -7.37 7.90
C SER C 494 45.69 -6.94 6.73
N ALA C 495 46.34 -6.65 5.61
CA ALA C 495 45.67 -6.20 4.39
C ALA C 495 45.67 -7.23 3.28
N ASP C 496 46.66 -8.12 3.23
CA ASP C 496 46.66 -9.18 2.23
C ASP C 496 45.60 -10.23 2.53
N ARG C 497 45.29 -10.45 3.81
CA ARG C 497 44.16 -11.29 4.17
C ARG C 497 42.84 -10.64 3.77
N LEU C 498 42.74 -9.32 3.90
CA LEU C 498 41.56 -8.58 3.45
C LEU C 498 41.37 -8.70 1.94
N MET C 499 42.45 -8.61 1.17
CA MET C 499 42.34 -8.80 -0.27
C MET C 499 42.15 -10.27 -0.64
N GLU C 500 42.51 -11.20 0.25
CA GLU C 500 42.24 -12.61 -0.01
C GLU C 500 40.77 -12.95 0.19
N VAL C 501 40.08 -12.26 1.09
CA VAL C 501 38.64 -12.49 1.29
C VAL C 501 37.84 -12.01 0.07
N ILE C 502 38.27 -10.91 -0.55
CA ILE C 502 37.51 -10.29 -1.63
C ILE C 502 37.53 -11.15 -2.89
N ARG C 503 38.66 -11.82 -3.17
CA ARG C 503 38.79 -12.60 -4.41
C ARG C 503 37.88 -13.82 -4.43
N GLU C 504 37.67 -14.45 -3.27
CA GLU C 504 36.85 -15.65 -3.20
C GLU C 504 35.39 -15.37 -3.52
N GLU C 505 34.88 -14.22 -3.08
CA GLU C 505 33.50 -13.83 -3.38
C GLU C 505 33.32 -13.55 -4.86
N LEU C 506 34.31 -12.92 -5.50
CA LEU C 506 34.22 -12.63 -6.94
C LEU C 506 34.27 -13.91 -7.77
N GLU C 507 35.10 -14.88 -7.37
CA GLU C 507 35.13 -16.16 -8.07
C GLU C 507 33.83 -16.94 -7.86
N LEU C 508 33.23 -16.83 -6.68
CA LEU C 508 31.93 -17.47 -6.43
C LEU C 508 30.82 -16.85 -7.27
N VAL C 509 30.84 -15.52 -7.43
CA VAL C 509 29.86 -14.84 -8.27
C VAL C 509 30.04 -15.24 -9.73
N ARG C 510 31.29 -15.34 -10.19
CA ARG C 510 31.57 -15.77 -11.57
C ARG C 510 31.13 -17.21 -11.80
N GLU C 511 31.31 -18.07 -10.80
CA GLU C 511 30.86 -19.46 -10.93
C GLU C 511 29.34 -19.57 -10.96
N GLN C 512 28.65 -18.80 -10.11
CA GLN C 512 27.20 -18.97 -10.01
C GLN C 512 26.45 -18.31 -11.17
N PHE C 513 26.91 -17.17 -11.66
CA PHE C 513 26.15 -16.44 -12.68
C PHE C 513 26.91 -16.28 -13.98
N GLY C 514 27.59 -17.33 -14.44
CA GLY C 514 28.31 -17.27 -15.69
C GLY C 514 27.40 -17.33 -16.90
N ASP C 515 27.92 -16.86 -18.03
CA ASP C 515 27.13 -16.79 -19.26
C ASP C 515 28.09 -16.89 -20.45
N LYS C 516 27.55 -16.74 -21.66
CA LYS C 516 28.32 -16.79 -22.88
C LYS C 516 28.06 -15.53 -23.72
N ARG C 517 29.02 -15.23 -24.59
CA ARG C 517 28.94 -14.03 -25.42
C ARG C 517 27.97 -14.23 -26.57
N ARG C 518 27.09 -13.24 -26.78
CA ARG C 518 26.10 -13.29 -27.84
C ARG C 518 26.47 -12.48 -29.07
N THR C 519 27.21 -11.38 -28.91
CA THR C 519 27.49 -10.45 -29.99
C THR C 519 28.88 -10.72 -30.56
N GLU C 520 28.98 -10.78 -31.89
CA GLU C 520 30.24 -11.04 -32.58
C GLU C 520 30.89 -9.72 -32.97
N ILE C 521 32.19 -9.60 -32.70
CA ILE C 521 32.97 -8.41 -33.05
C ILE C 521 33.89 -8.77 -34.21
N THR C 522 33.74 -8.08 -35.33
CA THR C 522 34.55 -8.27 -36.52
C THR C 522 35.22 -6.96 -36.90
N ALA C 523 35.96 -6.97 -38.01
CA ALA C 523 36.55 -5.78 -38.58
C ALA C 523 35.69 -5.28 -39.74
N ASN C 524 36.17 -4.24 -40.41
CA ASN C 524 35.40 -3.63 -41.50
C ASN C 524 35.40 -4.50 -42.75
N GLY D 403 -12.35 34.87 -26.64
CA GLY D 403 -13.30 35.30 -25.63
C GLY D 403 -12.77 35.14 -24.22
N LEU D 404 -13.66 35.29 -23.24
CA LEU D 404 -13.26 35.13 -21.85
C LEU D 404 -13.02 33.64 -21.55
N PRO D 405 -11.95 33.31 -20.82
CA PRO D 405 -11.69 31.90 -20.49
C PRO D 405 -12.72 31.33 -19.53
N GLY D 406 -12.89 30.01 -19.61
CA GLY D 406 -13.88 29.33 -18.79
C GLY D 406 -13.44 29.00 -17.38
N LYS D 407 -12.14 28.92 -17.15
CA LYS D 407 -11.62 28.61 -15.82
C LYS D 407 -11.25 29.85 -15.01
N LEU D 408 -11.47 31.05 -15.56
CA LEU D 408 -11.20 32.28 -14.84
C LEU D 408 -12.36 32.62 -13.91
N ALA D 409 -12.03 32.92 -12.66
CA ALA D 409 -13.02 33.33 -11.66
C ALA D 409 -12.83 34.83 -11.42
N ASP D 410 -13.69 35.62 -12.05
CA ASP D 410 -13.54 37.07 -12.03
C ASP D 410 -14.03 37.66 -10.72
N CYS D 411 -13.75 38.95 -10.52
CA CYS D 411 -14.14 39.69 -9.34
C CYS D 411 -15.30 40.62 -9.66
N GLN D 412 -15.84 41.24 -8.61
CA GLN D 412 -16.97 42.15 -8.75
C GLN D 412 -16.55 43.59 -9.03
N GLU D 413 -15.25 43.89 -9.03
CA GLU D 413 -14.75 45.23 -9.29
C GLU D 413 -14.43 45.40 -10.77
N ARG D 414 -14.90 46.50 -11.35
CA ARG D 414 -14.66 46.78 -12.76
C ARG D 414 -13.62 47.87 -13.00
N ASP D 415 -13.25 48.63 -11.99
CA ASP D 415 -12.24 49.66 -12.13
C ASP D 415 -10.85 49.04 -12.06
N PRO D 416 -9.96 49.30 -13.02
CA PRO D 416 -8.55 48.95 -12.84
C PRO D 416 -7.90 49.80 -11.77
N ALA D 417 -6.67 49.40 -11.42
CA ALA D 417 -5.86 49.91 -10.29
C ALA D 417 -6.54 49.69 -8.94
N LEU D 418 -7.52 48.79 -8.88
CA LEU D 418 -8.07 48.29 -7.64
C LEU D 418 -8.32 46.79 -7.68
N SER D 419 -7.93 46.12 -8.76
CA SER D 419 -8.15 44.69 -8.95
C SER D 419 -6.82 43.97 -9.02
N GLU D 420 -6.82 42.70 -8.60
CA GLU D 420 -5.63 41.88 -8.57
C GLU D 420 -5.90 40.56 -9.28
N LEU D 421 -4.85 40.00 -9.88
CA LEU D 421 -4.93 38.72 -10.57
C LEU D 421 -3.88 37.78 -10.01
N TYR D 422 -4.28 36.56 -9.68
CA TYR D 422 -3.40 35.55 -9.13
C TYR D 422 -3.21 34.42 -10.15
N LEU D 423 -1.96 34.00 -10.34
CA LEU D 423 -1.63 32.89 -11.22
C LEU D 423 -1.19 31.70 -10.36
N VAL D 424 -1.92 30.59 -10.48
CA VAL D 424 -1.68 29.42 -9.65
C VAL D 424 -1.36 28.21 -10.53
N GLU D 425 -1.18 27.05 -9.89
CA GLU D 425 -0.57 25.89 -10.54
C GLU D 425 -1.50 24.69 -10.60
N GLY D 426 -2.72 24.88 -11.09
CA GLY D 426 -3.63 23.79 -11.34
C GLY D 426 -4.92 23.93 -10.58
N ASP D 427 -5.77 22.90 -10.70
CA ASP D 427 -7.05 22.88 -10.00
C ASP D 427 -6.90 22.58 -8.52
N SER D 428 -5.82 21.93 -8.11
CA SER D 428 -5.62 21.62 -6.69
C SER D 428 -5.34 22.88 -5.88
N ALA D 429 -4.45 23.74 -6.38
CA ALA D 429 -4.21 25.03 -5.74
C ALA D 429 -5.31 26.03 -6.07
N GLY D 430 -5.88 25.93 -7.28
CA GLY D 430 -6.92 26.87 -7.67
C GLY D 430 -8.20 26.71 -6.89
N GLY D 431 -8.54 25.48 -6.52
CA GLY D 431 -9.73 25.26 -5.70
C GLY D 431 -9.57 25.79 -4.29
N SER D 432 -8.36 25.67 -3.72
CA SER D 432 -8.12 26.18 -2.38
C SER D 432 -8.01 27.70 -2.38
N ALA D 433 -7.55 28.30 -3.48
CA ALA D 433 -7.43 29.75 -3.54
C ALA D 433 -8.78 30.44 -3.71
N LYS D 434 -9.73 29.79 -4.38
CA LYS D 434 -11.03 30.42 -4.63
C LYS D 434 -11.91 30.45 -3.38
N GLN D 435 -11.75 29.50 -2.47
CA GLN D 435 -12.60 29.44 -1.30
C GLN D 435 -12.16 30.39 -0.19
N GLY D 436 -10.95 30.94 -0.26
CA GLY D 436 -10.46 31.79 0.81
C GLY D 436 -9.94 33.13 0.35
N ARG D 437 -10.50 33.65 -0.73
CA ARG D 437 -10.11 34.94 -1.28
C ARG D 437 -11.09 36.01 -0.84
N ASN D 438 -10.88 37.22 -1.34
CA ASN D 438 -11.83 38.32 -1.20
C ASN D 438 -12.56 38.46 -2.53
N ARG D 439 -13.88 38.29 -2.50
CA ARG D 439 -14.67 38.18 -3.73
C ARG D 439 -14.79 39.50 -4.46
N LYS D 440 -14.57 40.62 -3.79
CA LYS D 440 -14.80 41.93 -4.40
C LYS D 440 -13.70 42.30 -5.40
N ASN D 441 -12.43 42.06 -5.06
CA ASN D 441 -11.36 42.59 -5.90
C ASN D 441 -10.19 41.63 -6.06
N GLN D 442 -10.44 40.32 -6.07
CA GLN D 442 -9.39 39.34 -6.32
C GLN D 442 -9.90 38.28 -7.30
N ALA D 443 -9.05 37.93 -8.27
CA ALA D 443 -9.39 36.99 -9.33
C ALA D 443 -8.32 35.91 -9.41
N ILE D 444 -8.74 34.71 -9.81
CA ILE D 444 -7.89 33.52 -9.84
C ILE D 444 -7.88 32.96 -11.25
N LEU D 445 -6.71 32.62 -11.77
CA LEU D 445 -6.58 31.96 -13.07
C LEU D 445 -5.65 30.76 -12.96
N PRO D 446 -6.14 29.54 -13.10
CA PRO D 446 -5.27 28.36 -13.05
C PRO D 446 -4.52 28.13 -14.36
N LEU D 447 -3.43 27.37 -14.24
CA LEU D 447 -2.60 26.99 -15.38
C LEU D 447 -2.48 25.47 -15.45
N LYS D 448 -2.13 24.97 -16.63
CA LYS D 448 -2.22 23.55 -16.93
C LYS D 448 -0.88 22.83 -16.88
N GLY D 449 0.16 23.45 -16.32
CA GLY D 449 1.44 22.78 -16.20
C GLY D 449 2.62 23.59 -16.69
N LYS D 450 3.61 22.93 -17.28
CA LYS D 450 4.76 23.62 -17.81
C LYS D 450 4.40 24.31 -19.12
N ILE D 451 4.68 25.60 -19.21
CA ILE D 451 4.37 26.37 -20.41
C ILE D 451 5.52 26.29 -21.39
N LEU D 452 5.29 26.73 -22.62
CA LEU D 452 6.28 26.69 -23.68
C LEU D 452 7.44 27.64 -23.40
N ASN D 453 8.64 27.23 -23.82
CA ASN D 453 9.82 28.09 -23.74
C ASN D 453 9.79 29.07 -24.90
N VAL D 454 9.78 30.36 -24.59
CA VAL D 454 9.62 31.39 -25.61
C VAL D 454 10.88 31.54 -26.44
N GLU D 455 12.05 31.44 -25.81
CA GLU D 455 13.31 31.70 -26.51
C GLU D 455 13.65 30.58 -27.49
N LYS D 456 13.37 29.32 -27.13
CA LYS D 456 13.70 28.21 -28.00
C LYS D 456 12.68 27.99 -29.11
N ALA D 457 11.50 28.60 -29.02
CA ALA D 457 10.44 28.40 -30.00
C ALA D 457 10.31 29.63 -30.89
N ARG D 458 9.83 29.42 -32.11
CA ARG D 458 9.64 30.50 -33.06
C ARG D 458 8.29 31.19 -32.80
N PHE D 459 8.03 32.24 -33.57
CA PHE D 459 6.83 33.04 -33.36
C PHE D 459 5.57 32.33 -33.86
N ASP D 460 5.72 31.42 -34.81
CA ASP D 460 4.56 30.70 -35.34
C ASP D 460 4.05 29.67 -34.35
N LYS D 461 4.96 28.97 -33.66
CA LYS D 461 4.55 27.96 -32.68
C LYS D 461 4.00 28.59 -31.40
N MET D 462 4.35 29.84 -31.12
CA MET D 462 3.88 30.49 -29.90
C MET D 462 2.40 30.82 -29.97
N LEU D 463 1.92 31.26 -31.13
CA LEU D 463 0.52 31.68 -31.25
C LEU D 463 -0.45 30.51 -31.29
N SER D 464 0.01 29.32 -31.63
CA SER D 464 -0.86 28.14 -31.69
C SER D 464 -0.98 27.42 -30.36
N SER D 465 -0.28 27.86 -29.33
CA SER D 465 -0.37 27.23 -28.02
C SER D 465 -1.69 27.63 -27.34
N GLN D 466 -2.13 26.77 -26.42
CA GLN D 466 -3.42 26.96 -25.77
C GLN D 466 -3.31 27.74 -24.46
N GLU D 467 -2.25 27.49 -23.68
CA GLU D 467 -2.10 28.21 -22.42
C GLU D 467 -1.67 29.65 -22.64
N VAL D 468 -0.82 29.88 -23.65
CA VAL D 468 -0.33 31.23 -23.93
C VAL D 468 -1.46 32.10 -24.46
N ALA D 469 -2.35 31.53 -25.28
CA ALA D 469 -3.49 32.29 -25.79
C ALA D 469 -4.47 32.64 -24.67
N THR D 470 -4.66 31.74 -23.72
CA THR D 470 -5.50 32.02 -22.55
C THR D 470 -4.91 33.12 -21.69
N LEU D 471 -3.59 33.09 -21.49
CA LEU D 471 -2.93 34.13 -20.70
C LEU D 471 -2.95 35.48 -21.42
N ILE D 472 -2.87 35.47 -22.75
CA ILE D 472 -2.95 36.73 -23.51
C ILE D 472 -4.35 37.32 -23.43
N THR D 473 -5.38 36.49 -23.64
CA THR D 473 -6.74 37.02 -23.61
C THR D 473 -7.25 37.31 -22.21
N ALA D 474 -6.58 36.82 -21.16
CA ALA D 474 -6.98 37.20 -19.81
C ALA D 474 -6.52 38.62 -19.45
N LEU D 475 -5.32 39.00 -19.89
CA LEU D 475 -4.80 40.33 -19.57
C LEU D 475 -5.48 41.41 -20.40
N GLY D 476 -5.72 41.15 -21.68
CA GLY D 476 -6.44 42.07 -22.53
C GLY D 476 -5.62 43.18 -23.15
N CYS D 477 -4.30 43.18 -22.97
CA CYS D 477 -3.49 44.25 -23.56
C CYS D 477 -3.18 43.98 -25.03
N GLY D 478 -2.82 42.75 -25.36
CA GLY D 478 -2.53 42.37 -26.73
C GLY D 478 -1.11 41.86 -26.90
N ILE D 479 -0.86 41.28 -28.07
CA ILE D 479 0.42 40.70 -28.41
C ILE D 479 0.82 41.19 -29.81
N GLY D 480 2.11 41.12 -30.09
CA GLY D 480 2.64 41.57 -31.36
C GLY D 480 3.06 43.03 -31.35
N ARG D 481 2.96 43.69 -32.50
CA ARG D 481 3.27 45.10 -32.61
C ARG D 481 2.12 45.95 -33.16
N ASP D 482 1.26 45.36 -34.00
CA ASP D 482 0.13 46.10 -34.53
C ASP D 482 -0.99 46.27 -33.51
N GLU D 483 -1.11 45.34 -32.56
CA GLU D 483 -2.18 45.33 -31.57
C GLU D 483 -1.59 45.25 -30.16
N TYR D 484 -0.60 46.11 -29.89
CA TYR D 484 0.06 46.13 -28.59
C TYR D 484 -0.13 47.50 -27.93
N ASN D 485 -1.37 47.94 -27.81
CA ASN D 485 -1.66 49.08 -26.95
C ASN D 485 -1.64 48.62 -25.50
N PRO D 486 -0.70 49.10 -24.68
CA PRO D 486 -0.58 48.62 -23.29
C PRO D 486 -1.42 49.40 -22.28
N ASP D 487 -2.29 50.29 -22.72
CA ASP D 487 -3.17 51.04 -21.83
C ASP D 487 -4.53 50.38 -21.66
N LYS D 488 -4.75 49.24 -22.30
CA LYS D 488 -5.99 48.47 -22.14
C LYS D 488 -5.84 47.34 -21.14
N LEU D 489 -4.91 47.47 -20.19
CA LEU D 489 -4.69 46.44 -19.19
C LEU D 489 -5.83 46.44 -18.18
N ARG D 490 -6.31 45.24 -17.84
CA ARG D 490 -7.48 45.10 -16.98
C ARG D 490 -7.13 45.03 -15.50
N TYR D 491 -5.94 44.53 -15.16
CA TYR D 491 -5.49 44.44 -13.77
C TYR D 491 -4.14 45.12 -13.65
N HIS D 492 -3.99 45.97 -12.63
CA HIS D 492 -2.73 46.65 -12.37
C HIS D 492 -1.86 45.93 -11.35
N SER D 493 -2.13 44.65 -11.09
CA SER D 493 -1.31 43.84 -10.20
C SER D 493 -1.34 42.40 -10.69
N ILE D 494 -0.18 41.89 -11.10
CA ILE D 494 -0.03 40.50 -11.52
C ILE D 494 0.83 39.81 -10.48
N ILE D 495 0.28 38.79 -9.82
CA ILE D 495 0.93 38.12 -8.71
C ILE D 495 1.13 36.65 -9.06
N ILE D 496 2.35 36.16 -8.89
CA ILE D 496 2.72 34.78 -9.20
C ILE D 496 2.81 34.00 -7.89
N MET D 497 2.03 32.93 -7.78
CA MET D 497 1.88 32.19 -6.53
C MET D 497 2.06 30.69 -6.76
N THR D 498 3.16 30.31 -7.40
CA THR D 498 3.47 28.90 -7.62
C THR D 498 3.90 28.22 -6.32
N ASP D 499 4.07 26.90 -6.40
CA ASP D 499 4.31 26.07 -5.23
C ASP D 499 5.75 26.24 -4.73
N ALA D 500 6.03 25.60 -3.59
CA ALA D 500 7.32 25.73 -2.91
C ALA D 500 8.23 24.53 -3.15
N ASP D 501 8.09 23.86 -4.29
CA ASP D 501 8.94 22.74 -4.65
C ASP D 501 10.09 23.24 -5.54
N VAL D 502 10.82 22.31 -6.12
CA VAL D 502 11.76 22.64 -7.17
C VAL D 502 11.10 22.66 -8.54
N ASP D 503 9.94 22.01 -8.70
CA ASP D 503 9.17 22.13 -9.92
C ASP D 503 8.44 23.45 -10.01
N GLY D 504 8.10 24.06 -8.86
CA GLY D 504 7.52 25.38 -8.86
C GLY D 504 8.51 26.49 -9.18
N SER D 505 9.80 26.25 -8.95
CA SER D 505 10.83 27.21 -9.33
C SER D 505 11.08 27.22 -10.83
N HIS D 506 10.82 26.12 -11.52
CA HIS D 506 11.01 26.06 -12.96
C HIS D 506 9.90 26.80 -13.69
N ILE D 507 8.67 26.73 -13.18
CA ILE D 507 7.53 27.40 -13.80
C ILE D 507 7.65 28.91 -13.65
N ARG D 508 8.21 29.38 -12.53
CA ARG D 508 8.42 30.80 -12.33
C ARG D 508 9.47 31.37 -13.28
N THR D 509 10.46 30.55 -13.65
CA THR D 509 11.49 30.99 -14.60
C THR D 509 10.91 31.18 -16.00
N LEU D 510 10.08 30.25 -16.45
CA LEU D 510 9.43 30.37 -17.76
C LEU D 510 8.41 31.50 -17.77
N LEU D 511 7.71 31.71 -16.65
CA LEU D 511 6.77 32.82 -16.54
C LEU D 511 7.49 34.16 -16.50
N LEU D 512 8.70 34.21 -15.94
CA LEU D 512 9.46 35.45 -15.95
C LEU D 512 10.06 35.74 -17.31
N THR D 513 10.48 34.72 -18.05
CA THR D 513 11.02 34.97 -19.39
C THR D 513 9.94 35.19 -20.43
N PHE D 514 8.68 34.86 -20.14
CA PHE D 514 7.60 35.25 -21.04
C PHE D 514 7.32 36.74 -20.97
N PHE D 515 7.34 37.30 -19.76
CA PHE D 515 6.98 38.71 -19.57
C PHE D 515 8.09 39.64 -20.08
N TYR D 516 9.36 39.29 -19.85
CA TYR D 516 10.44 40.19 -20.21
C TYR D 516 10.67 40.21 -21.72
N ARG D 517 10.46 39.10 -22.40
CA ARG D 517 10.74 39.01 -23.83
C ARG D 517 9.57 39.43 -24.71
N GLN D 518 8.36 39.53 -24.17
CA GLN D 518 7.19 39.84 -24.97
C GLN D 518 6.48 41.11 -24.54
N MET D 519 6.39 41.37 -23.24
CA MET D 519 5.70 42.55 -22.71
C MET D 519 6.63 43.30 -21.75
N PRO D 520 7.65 43.99 -22.28
CA PRO D 520 8.64 44.60 -21.38
C PRO D 520 8.17 45.87 -20.69
N GLU D 521 7.15 46.56 -21.22
CA GLU D 521 6.72 47.82 -20.64
C GLU D 521 5.92 47.58 -19.36
N ILE D 522 5.23 46.45 -19.25
CA ILE D 522 4.51 46.10 -18.02
C ILE D 522 5.50 45.85 -16.89
N VAL D 523 6.63 45.20 -17.19
CA VAL D 523 7.68 44.98 -16.20
C VAL D 523 8.35 46.30 -15.84
N GLU D 524 8.55 47.18 -16.83
CA GLU D 524 9.23 48.44 -16.56
C GLU D 524 8.37 49.41 -15.78
N ARG D 525 7.05 49.32 -15.91
CA ARG D 525 6.15 50.22 -15.18
C ARG D 525 5.76 49.67 -13.80
N GLY D 526 6.22 48.47 -13.45
CA GLY D 526 6.04 47.95 -12.10
C GLY D 526 4.65 47.39 -11.81
N HIS D 527 4.24 46.36 -12.53
CA HIS D 527 2.96 45.72 -12.32
C HIS D 527 3.06 44.25 -11.94
N VAL D 528 4.27 43.71 -11.77
CA VAL D 528 4.48 42.28 -11.54
C VAL D 528 5.03 42.09 -10.13
N TYR D 529 4.39 41.18 -9.38
CA TYR D 529 4.75 40.89 -8.00
C TYR D 529 4.99 39.40 -7.84
N ILE D 530 5.64 39.03 -6.73
CA ILE D 530 5.91 37.64 -6.40
C ILE D 530 5.43 37.39 -4.96
N ALA D 531 4.52 36.43 -4.79
CA ALA D 531 3.98 36.07 -3.49
C ALA D 531 4.88 35.08 -2.77
N GLN D 532 4.85 35.12 -1.44
CA GLN D 532 5.73 34.33 -0.60
C GLN D 532 4.94 33.56 0.45
N PRO D 533 4.48 32.35 0.13
CA PRO D 533 3.82 31.52 1.15
C PRO D 533 4.84 30.96 2.12
N PRO D 534 4.42 30.63 3.34
CA PRO D 534 5.36 30.04 4.31
C PRO D 534 5.66 28.58 3.98
N LEU D 535 6.68 28.06 4.65
CA LEU D 535 7.22 26.72 4.37
C LEU D 535 7.02 25.73 5.51
N TYR D 536 7.23 26.14 6.75
CA TYR D 536 7.13 25.24 7.90
C TYR D 536 6.00 25.65 8.82
N LYS D 537 5.38 24.64 9.44
CA LYS D 537 4.42 24.84 10.52
C LYS D 537 4.89 24.04 11.73
N VAL D 538 5.10 24.72 12.85
CA VAL D 538 5.68 24.13 14.04
C VAL D 538 4.67 24.21 15.17
N LYS D 539 4.34 23.07 15.77
CA LYS D 539 3.39 22.98 16.88
C LYS D 539 4.15 22.55 18.12
N LYS D 540 4.32 23.48 19.07
CA LYS D 540 5.00 23.22 20.33
C LYS D 540 3.96 23.13 21.44
N GLY D 541 3.39 21.93 21.60
CA GLY D 541 2.45 21.68 22.67
C GLY D 541 1.07 22.25 22.42
N LYS D 542 0.93 23.58 22.54
CA LYS D 542 -0.34 24.25 22.35
C LYS D 542 -0.24 25.51 21.50
N GLN D 543 0.95 25.87 21.02
CA GLN D 543 1.15 27.08 20.24
C GLN D 543 1.69 26.71 18.87
N GLU D 544 1.17 27.39 17.84
CA GLU D 544 1.59 27.16 16.47
C GLU D 544 2.28 28.39 15.91
N GLN D 545 3.32 28.16 15.11
CA GLN D 545 4.06 29.23 14.46
C GLN D 545 4.38 28.82 13.03
N TYR D 546 4.57 29.83 12.17
CA TYR D 546 4.95 29.62 10.79
C TYR D 546 6.36 30.13 10.57
N ILE D 547 7.19 29.33 9.91
CA ILE D 547 8.60 29.64 9.70
C ILE D 547 8.80 29.93 8.23
N LYS D 548 9.48 31.04 7.92
CA LYS D 548 9.65 31.47 6.54
C LYS D 548 10.65 30.59 5.80
N ASP D 549 11.89 30.53 6.28
CA ASP D 549 12.93 29.79 5.58
C ASP D 549 13.78 28.95 6.54
N ASP D 550 14.88 28.41 6.03
CA ASP D 550 15.69 27.48 6.82
C ASP D 550 16.50 28.19 7.90
N GLU D 551 16.94 29.42 7.64
CA GLU D 551 17.71 30.17 8.63
C GLU D 551 16.85 30.54 9.83
N ALA D 552 15.59 30.90 9.60
CA ALA D 552 14.66 31.15 10.70
C ALA D 552 14.36 29.87 11.48
N MET D 553 14.33 28.72 10.79
CA MET D 553 14.16 27.44 11.48
C MET D 553 15.36 27.13 12.37
N ASP D 554 16.57 27.41 11.88
CA ASP D 554 17.77 27.19 12.68
C ASP D 554 17.81 28.12 13.89
N GLN D 555 17.43 29.39 13.71
CA GLN D 555 17.38 30.32 14.83
C GLN D 555 16.31 29.92 15.84
N TYR D 556 15.16 29.43 15.36
CA TYR D 556 14.10 28.99 16.25
C TYR D 556 14.51 27.76 17.06
N GLN D 557 15.16 26.79 16.43
CA GLN D 557 15.55 25.60 17.18
C GLN D 557 16.72 25.88 18.13
N ILE D 558 17.60 26.82 17.77
CA ILE D 558 18.65 27.25 18.69
C ILE D 558 18.06 27.98 19.90
N SER D 559 17.08 28.85 19.67
CA SER D 559 16.44 29.57 20.77
C SER D 559 15.60 28.65 21.65
N ILE D 560 14.99 27.62 21.07
CA ILE D 560 14.23 26.69 21.90
C ILE D 560 15.15 25.67 22.58
N ALA D 561 16.38 25.49 22.09
CA ALA D 561 17.33 24.66 22.82
C ALA D 561 17.96 25.43 23.97
N LEU D 562 18.21 26.73 23.80
CA LEU D 562 18.85 27.55 24.81
C LEU D 562 17.85 28.28 25.70
N ASP D 563 16.67 27.69 25.92
CA ASP D 563 15.68 28.30 26.81
C ASP D 563 16.15 28.27 28.25
N GLY D 564 16.63 27.10 28.70
CA GLY D 564 17.26 27.00 30.00
C GLY D 564 18.70 26.57 29.86
N ALA D 565 19.63 27.48 30.17
CA ALA D 565 21.07 27.23 29.99
C ALA D 565 21.80 27.60 31.27
N THR D 566 21.95 26.63 32.16
CA THR D 566 22.70 26.79 33.41
C THR D 566 23.89 25.84 33.33
N LEU D 567 25.00 26.32 32.77
CA LEU D 567 26.21 25.53 32.65
C LEU D 567 27.04 25.72 33.90
N HIS D 568 27.19 24.66 34.69
CA HIS D 568 27.98 24.70 35.91
C HIS D 568 29.33 24.05 35.63
N THR D 569 30.39 24.85 35.74
CA THR D 569 31.74 24.32 35.54
C THR D 569 32.16 23.42 36.69
N ASN D 570 31.82 23.80 37.91
CA ASN D 570 32.13 23.02 39.10
C ASN D 570 31.13 23.36 40.19
N ALA D 571 31.11 22.55 41.23
CA ALA D 571 30.22 22.79 42.35
C ALA D 571 30.66 24.01 43.14
N SER D 572 29.69 24.65 43.80
CA SER D 572 29.86 25.89 44.59
C SER D 572 30.48 27.01 43.75
N ALA D 573 30.03 27.13 42.50
CA ALA D 573 30.50 28.15 41.59
C ALA D 573 29.30 28.76 40.87
N PRO D 574 29.37 30.05 40.52
CA PRO D 574 28.29 30.65 39.73
C PRO D 574 28.25 30.10 38.32
N ALA D 575 27.05 30.06 37.75
CA ALA D 575 26.81 29.49 36.44
C ALA D 575 26.81 30.56 35.36
N LEU D 576 26.88 30.11 34.11
CA LEU D 576 26.86 30.98 32.95
C LEU D 576 25.50 30.92 32.28
N ALA D 577 24.91 32.07 31.99
CA ALA D 577 23.62 32.14 31.34
C ALA D 577 23.49 33.46 30.61
N GLY D 578 22.72 33.46 29.52
CA GLY D 578 22.39 34.67 28.83
C GLY D 578 23.33 35.04 27.68
N GLU D 579 24.17 36.04 27.91
CA GLU D 579 24.99 36.60 26.84
C GLU D 579 26.18 35.73 26.47
N ALA D 580 26.60 34.82 27.35
CA ALA D 580 27.79 34.01 27.09
C ALA D 580 27.47 32.71 26.35
N LEU D 581 26.37 32.06 26.72
CA LEU D 581 26.01 30.78 26.12
C LEU D 581 25.67 30.91 24.64
N GLU D 582 24.94 31.97 24.28
CA GLU D 582 24.56 32.19 22.88
C GLU D 582 25.78 32.48 22.01
N LYS D 583 26.72 33.28 22.53
CA LYS D 583 27.94 33.58 21.78
C LYS D 583 28.82 32.34 21.62
N LEU D 584 28.93 31.53 22.68
CA LEU D 584 29.71 30.29 22.59
C LEU D 584 29.09 29.30 21.60
N VAL D 585 27.76 29.17 21.63
CA VAL D 585 27.05 28.27 20.73
C VAL D 585 27.19 28.74 19.28
N SER D 586 27.06 30.05 19.04
CA SER D 586 27.19 30.60 17.69
C SER D 586 28.61 30.43 17.14
N GLU D 587 29.63 30.68 17.97
CA GLU D 587 31.02 30.52 17.53
C GLU D 587 31.34 29.05 17.26
N TYR D 588 30.84 28.15 18.11
CA TYR D 588 31.08 26.72 17.90
C TYR D 588 30.40 26.22 16.63
N ASN D 589 29.17 26.70 16.37
CA ASN D 589 28.47 26.29 15.15
C ASN D 589 29.14 26.85 13.90
N ALA D 590 29.68 28.08 13.98
CA ALA D 590 30.42 28.63 12.85
C ALA D 590 31.69 27.84 12.56
N THR D 591 32.42 27.44 13.61
CA THR D 591 33.63 26.64 13.39
C THR D 591 33.30 25.24 12.88
N GLN D 592 32.20 24.64 13.35
CA GLN D 592 31.80 23.33 12.85
C GLN D 592 31.31 23.39 11.41
N LYS D 593 30.69 24.50 11.01
CA LYS D 593 30.34 24.67 9.60
C LYS D 593 31.57 24.92 8.74
N MET D 594 32.61 25.56 9.30
CA MET D 594 33.84 25.73 8.54
C MET D 594 34.59 24.41 8.35
N ILE D 595 34.52 23.52 9.35
CA ILE D 595 35.26 22.25 9.28
C ILE D 595 34.68 21.33 8.20
N ASN D 596 33.36 21.31 8.05
CA ASN D 596 32.70 20.39 7.12
C ASN D 596 33.02 20.71 5.65
N ARG D 597 33.36 21.96 5.35
CA ARG D 597 33.79 22.31 4.00
C ARG D 597 35.24 21.95 3.73
N MET D 598 36.01 21.62 4.77
CA MET D 598 37.42 21.29 4.64
C MET D 598 37.65 19.79 4.60
N GLU D 599 36.59 18.98 4.47
CA GLU D 599 36.71 17.54 4.52
C GLU D 599 37.36 16.96 3.26
N ARG D 600 37.33 17.70 2.14
CA ARG D 600 37.89 17.20 0.90
C ARG D 600 39.41 17.21 0.87
N ARG D 601 40.06 17.91 1.80
CA ARG D 601 41.51 17.99 1.83
C ARG D 601 42.14 17.38 3.07
N TYR D 602 41.43 17.35 4.19
CA TYR D 602 41.94 16.82 5.45
C TYR D 602 40.91 15.89 6.07
N PRO D 603 41.35 14.91 6.88
CA PRO D 603 40.40 14.08 7.61
C PRO D 603 39.64 14.89 8.66
N LYS D 604 38.40 14.46 8.89
CA LYS D 604 37.54 15.20 9.82
C LYS D 604 37.92 14.98 11.26
N ALA D 605 38.43 13.79 11.60
CA ALA D 605 38.80 13.50 12.98
C ALA D 605 40.09 14.20 13.39
N MET D 606 40.96 14.53 12.43
CA MET D 606 42.19 15.22 12.76
C MET D 606 41.95 16.70 13.05
N LEU D 607 41.02 17.33 12.32
CA LEU D 607 40.77 18.76 12.49
C LEU D 607 40.07 19.06 13.80
N LYS D 608 39.18 18.17 14.26
CA LYS D 608 38.51 18.40 15.53
C LYS D 608 39.42 18.17 16.72
N GLU D 609 40.52 17.42 16.55
CA GLU D 609 41.47 17.23 17.63
C GLU D 609 42.33 18.46 17.86
N LEU D 610 42.54 19.27 16.83
CA LEU D 610 43.40 20.45 16.93
C LEU D 610 42.80 21.57 17.76
N ILE D 611 41.51 21.49 18.09
CA ILE D 611 40.89 22.50 18.94
C ILE D 611 41.42 22.40 20.37
N TYR D 612 41.54 21.18 20.89
CA TYR D 612 41.96 20.97 22.26
C TYR D 612 43.47 20.84 22.41
N GLN D 613 44.21 20.81 21.31
CA GLN D 613 45.67 20.76 21.36
C GLN D 613 46.24 22.16 21.60
N PRO D 614 47.43 22.26 22.21
CA PRO D 614 48.09 23.57 22.32
C PRO D 614 48.49 24.12 20.96
N THR D 615 48.47 25.44 20.86
CA THR D 615 48.71 26.11 19.60
C THR D 615 50.19 26.07 19.22
N LEU D 616 50.45 26.05 17.91
CA LEU D 616 51.80 26.01 17.37
C LEU D 616 52.08 27.31 16.65
N THR D 617 53.14 28.00 17.04
CA THR D 617 53.49 29.29 16.47
C THR D 617 54.55 29.14 15.39
N GLU D 618 54.84 30.26 14.72
CA GLU D 618 55.85 30.26 13.68
C GLU D 618 57.26 30.15 14.25
N ALA D 619 57.47 30.66 15.47
CA ALA D 619 58.78 30.60 16.09
C ALA D 619 59.12 29.22 16.63
N ASP D 620 58.13 28.35 16.80
CA ASP D 620 58.36 26.99 17.27
C ASP D 620 58.74 26.03 16.15
N LEU D 621 58.73 26.49 14.90
CA LEU D 621 59.09 25.64 13.76
C LEU D 621 60.60 25.58 13.53
N SER D 622 61.40 26.28 14.32
CA SER D 622 62.85 26.27 14.19
C SER D 622 63.52 25.29 15.14
N ASP D 623 62.77 24.53 15.92
CA ASP D 623 63.32 23.56 16.86
C ASP D 623 62.70 22.20 16.60
N GLU D 624 63.53 21.15 16.62
CA GLU D 624 63.04 19.81 16.32
C GLU D 624 62.25 19.22 17.47
N GLN D 625 62.69 19.46 18.71
CA GLN D 625 62.12 18.80 19.87
C GLN D 625 60.69 19.23 20.14
N THR D 626 60.40 20.52 19.99
CA THR D 626 59.05 21.03 20.23
C THR D 626 58.06 20.51 19.20
N VAL D 627 58.45 20.49 17.92
CA VAL D 627 57.52 20.03 16.89
C VAL D 627 57.35 18.52 16.95
N THR D 628 58.39 17.76 17.32
CA THR D 628 58.21 16.32 17.42
C THR D 628 57.41 15.95 18.68
N ARG D 629 57.51 16.74 19.75
CA ARG D 629 56.68 16.51 20.92
C ARG D 629 55.22 16.85 20.63
N TRP D 630 55.00 17.92 19.87
CA TRP D 630 53.63 18.31 19.49
C TRP D 630 52.98 17.27 18.60
N VAL D 631 53.72 16.75 17.61
CA VAL D 631 53.11 15.77 16.72
C VAL D 631 52.97 14.39 17.40
N ASN D 632 53.85 14.07 18.37
CA ASN D 632 53.69 12.83 19.12
C ASN D 632 52.49 12.90 20.06
N ALA D 633 52.29 14.05 20.72
CA ALA D 633 51.12 14.21 21.56
C ALA D 633 49.84 14.31 20.73
N LEU D 634 49.93 14.73 19.46
CA LEU D 634 48.76 14.74 18.60
C LEU D 634 48.36 13.31 18.22
N VAL D 635 49.33 12.48 17.81
CA VAL D 635 49.00 11.13 17.34
C VAL D 635 48.89 10.12 18.46
N SER D 636 49.17 10.50 19.71
CA SER D 636 49.06 9.53 20.81
C SER D 636 47.60 9.23 21.14
N GLU D 637 46.75 10.26 21.21
CA GLU D 637 45.37 10.06 21.63
C GLU D 637 44.42 9.74 20.49
N LEU D 638 44.82 9.96 19.24
CA LEU D 638 44.01 9.55 18.10
C LEU D 638 43.92 8.03 18.01
N ASN D 639 44.98 7.32 18.41
CA ASN D 639 44.89 5.87 18.53
C ASN D 639 44.08 5.45 19.74
N ASP D 640 44.02 6.29 20.77
CA ASP D 640 43.31 5.93 22.00
C ASP D 640 41.80 6.03 21.82
N LYS D 641 41.32 7.04 21.10
CA LYS D 641 39.90 7.24 20.94
C LYS D 641 39.36 6.66 19.64
N GLU D 642 40.16 5.88 18.91
CA GLU D 642 39.74 5.34 17.62
C GLU D 642 38.72 4.22 17.80
N GLN D 643 37.64 4.27 17.01
CA GLN D 643 36.58 3.28 17.07
C GLN D 643 36.30 2.59 15.74
N HIS D 644 36.98 3.00 14.66
CA HIS D 644 36.72 2.45 13.33
C HIS D 644 37.88 1.64 12.78
N GLY D 645 38.92 1.40 13.57
CA GLY D 645 40.04 0.58 13.13
C GLY D 645 40.98 1.27 12.16
N SER D 646 41.68 2.30 12.62
CA SER D 646 42.68 3.00 11.82
C SER D 646 43.96 3.15 12.63
N GLN D 647 45.08 3.29 11.91
CA GLN D 647 46.40 3.42 12.52
C GLN D 647 47.00 4.76 12.13
N TRP D 648 47.59 5.45 13.11
CA TRP D 648 48.14 6.78 12.91
C TRP D 648 49.63 6.76 13.23
N LYS D 649 50.43 7.41 12.37
CA LYS D 649 51.86 7.55 12.59
C LYS D 649 52.29 9.00 12.40
N PHE D 650 53.60 9.27 12.41
CA PHE D 650 54.08 10.63 12.28
C PHE D 650 55.49 10.62 11.67
N ASP D 651 55.91 11.80 11.21
CA ASP D 651 57.23 11.96 10.61
C ASP D 651 57.72 13.39 10.89
N VAL D 652 59.02 13.59 10.71
CA VAL D 652 59.66 14.85 11.09
C VAL D 652 59.82 15.78 9.88
N HIS D 653 60.34 15.24 8.77
CA HIS D 653 60.53 15.93 7.50
C HIS D 653 61.45 17.15 7.63
N THR D 654 62.72 16.89 7.93
CA THR D 654 63.73 17.93 8.01
C THR D 654 63.99 18.51 6.62
N ASN D 655 63.93 19.84 6.52
CA ASN D 655 64.14 20.53 5.26
C ASN D 655 65.42 21.35 5.34
N ALA D 656 66.04 21.65 4.20
CA ALA D 656 67.29 22.40 4.20
C ALA D 656 67.08 23.87 3.85
N GLU D 657 66.49 24.14 2.69
CA GLU D 657 66.17 25.51 2.32
C GLU D 657 64.87 25.93 3.00
N GLN D 658 64.74 27.24 3.27
CA GLN D 658 63.64 27.84 4.04
C GLN D 658 63.49 27.15 5.39
N ASN D 659 64.50 27.32 6.26
CA ASN D 659 64.74 26.45 7.41
C ASN D 659 63.56 26.40 8.37
N LEU D 660 62.88 25.25 8.39
CA LEU D 660 61.68 24.99 9.16
C LEU D 660 61.62 23.50 9.45
N PHE D 661 60.62 23.08 10.22
CA PHE D 661 60.39 21.65 10.45
C PHE D 661 58.88 21.41 10.41
N GLU D 662 58.42 20.72 9.37
CA GLU D 662 57.00 20.55 9.11
C GLU D 662 56.59 19.12 9.44
N PRO D 663 55.68 18.90 10.38
CA PRO D 663 55.27 17.53 10.72
C PRO D 663 54.39 16.91 9.64
N ILE D 664 54.44 15.59 9.56
CA ILE D 664 53.68 14.80 8.60
C ILE D 664 52.80 13.83 9.37
N VAL D 665 51.53 13.72 8.96
CA VAL D 665 50.57 12.80 9.57
C VAL D 665 50.28 11.69 8.58
N ARG D 666 50.42 10.44 9.02
CA ARG D 666 50.20 9.27 8.20
C ARG D 666 49.06 8.43 8.77
N VAL D 667 48.15 7.98 7.90
CA VAL D 667 47.00 7.19 8.32
C VAL D 667 46.83 6.02 7.35
N ARG D 668 46.13 4.98 7.82
CA ARG D 668 45.78 3.83 7.00
C ARG D 668 44.36 3.42 7.36
N THR D 669 43.41 3.63 6.44
CA THR D 669 41.99 3.48 6.76
C THR D 669 41.45 2.10 6.43
N HIS D 670 41.49 1.72 5.15
CA HIS D 670 40.98 0.44 4.69
C HIS D 670 42.08 -0.40 4.04
N GLY D 671 43.30 -0.26 4.54
CA GLY D 671 44.45 -0.82 3.88
C GLY D 671 45.14 0.11 2.90
N VAL D 672 44.70 1.36 2.81
CA VAL D 672 45.27 2.36 1.91
C VAL D 672 45.95 3.43 2.74
N ASP D 673 47.20 3.75 2.39
CA ASP D 673 48.00 4.69 3.15
C ASP D 673 48.08 6.04 2.43
N THR D 674 47.80 7.12 3.16
CA THR D 674 47.90 8.47 2.65
C THR D 674 48.67 9.35 3.63
N ASP D 675 49.33 10.37 3.10
CA ASP D 675 50.11 11.32 3.90
C ASP D 675 49.49 12.70 3.80
N TYR D 676 49.37 13.37 4.95
CA TYR D 676 48.82 14.73 5.00
C TYR D 676 49.85 15.68 5.59
N PRO D 677 50.60 16.41 4.77
CA PRO D 677 51.61 17.33 5.31
C PRO D 677 50.98 18.60 5.89
N LEU D 678 51.58 19.10 6.96
CA LEU D 678 51.19 20.35 7.60
C LEU D 678 52.32 21.34 7.37
N ASP D 679 52.25 22.05 6.25
CA ASP D 679 53.34 22.92 5.80
C ASP D 679 53.17 24.32 6.39
N HIS D 680 53.95 25.27 5.87
CA HIS D 680 53.93 26.65 6.36
C HIS D 680 52.66 27.39 5.95
N GLU D 681 51.99 26.95 4.88
CA GLU D 681 50.76 27.60 4.45
C GLU D 681 49.61 27.36 5.41
N PHE D 682 49.57 26.19 6.04
CA PHE D 682 48.48 25.85 6.96
C PHE D 682 48.62 26.57 8.29
N ILE D 683 49.85 26.76 8.77
CA ILE D 683 50.06 27.37 10.08
C ILE D 683 49.70 28.85 10.06
N THR D 684 50.12 29.57 9.02
CA THR D 684 49.87 31.01 8.93
C THR D 684 48.54 31.32 8.23
N GLY D 685 47.77 30.31 7.84
CA GLY D 685 46.51 30.55 7.16
C GLY D 685 45.42 31.02 8.09
N GLY D 686 44.33 31.50 7.50
CA GLY D 686 43.20 31.99 8.26
C GLY D 686 42.30 30.91 8.82
N GLU D 687 42.41 29.69 8.31
CA GLU D 687 41.58 28.59 8.82
C GLU D 687 42.08 28.07 10.16
N TYR D 688 43.39 28.08 10.38
CA TYR D 688 43.93 27.66 11.67
C TYR D 688 43.69 28.71 12.76
N ARG D 689 43.55 29.98 12.35
CA ARG D 689 43.35 31.06 13.33
C ARG D 689 41.99 30.96 13.99
N ARG D 690 40.95 30.55 13.25
CA ARG D 690 39.61 30.47 13.82
C ARG D 690 39.50 29.35 14.84
N ILE D 691 40.08 28.18 14.53
CA ILE D 691 40.07 27.09 15.50
C ILE D 691 41.08 27.31 16.62
N CYS D 692 42.06 28.19 16.42
CA CYS D 692 42.91 28.58 17.55
C CYS D 692 42.18 29.52 18.48
N THR D 693 41.41 30.47 17.94
CA THR D 693 40.65 31.39 18.79
C THR D 693 39.46 30.70 19.46
N LEU D 694 38.92 29.66 18.83
CA LEU D 694 37.91 28.85 19.50
C LEU D 694 38.49 28.08 20.68
N GLY D 695 39.69 27.54 20.51
CA GLY D 695 40.31 26.75 21.56
C GLY D 695 40.85 27.52 22.73
N GLU D 696 40.93 28.85 22.63
CA GLU D 696 41.40 29.64 23.77
C GLU D 696 40.37 29.66 24.90
N LYS D 697 39.08 29.62 24.56
CA LYS D 697 38.02 29.64 25.56
C LYS D 697 37.44 28.25 25.81
N LEU D 698 38.00 27.20 25.22
CA LEU D 698 37.53 25.84 25.44
C LEU D 698 38.57 24.92 26.04
N ARG D 699 39.86 25.23 25.94
CA ARG D 699 40.89 24.42 26.59
C ARG D 699 40.84 24.66 28.09
N GLY D 700 40.03 23.88 28.79
CA GLY D 700 39.72 24.11 30.18
C GLY D 700 38.22 24.18 30.37
N LEU D 701 37.77 24.98 31.34
CA LEU D 701 36.38 25.36 31.61
C LEU D 701 35.47 24.21 32.02
N LEU D 702 35.99 22.99 32.14
CA LEU D 702 35.18 21.84 32.53
C LEU D 702 36.02 20.94 33.42
N GLU D 703 35.78 21.00 34.73
CA GLU D 703 36.44 20.16 35.70
C GLU D 703 35.53 18.98 36.05
N GLU D 704 35.95 18.19 37.03
CA GLU D 704 35.12 17.11 37.50
C GLU D 704 33.95 17.65 38.31
N ASP D 705 32.89 16.84 38.42
CA ASP D 705 31.62 17.16 39.07
C ASP D 705 30.99 18.41 38.46
N ALA D 706 30.68 18.30 37.17
CA ALA D 706 30.03 19.36 36.41
C ALA D 706 28.70 18.86 35.86
N PHE D 707 27.70 19.73 35.86
CA PHE D 707 26.36 19.34 35.44
C PHE D 707 25.68 20.52 34.76
N ILE D 708 24.58 20.22 34.07
CA ILE D 708 23.76 21.22 33.42
C ILE D 708 22.30 21.01 33.84
N GLU D 709 21.52 22.08 33.85
CA GLU D 709 20.10 22.02 34.18
C GLU D 709 19.35 22.96 33.26
N ARG D 710 18.31 22.46 32.59
CA ARG D 710 17.54 23.30 31.67
C ARG D 710 16.33 23.91 32.38
N GLY D 711 15.38 23.08 32.77
CA GLY D 711 14.33 23.57 33.65
C GLY D 711 14.29 22.92 35.01
N GLU D 712 14.38 21.58 35.05
CA GLU D 712 14.43 20.86 36.30
C GLU D 712 15.33 19.64 36.28
N ARG D 713 15.93 19.29 35.14
CA ARG D 713 16.63 18.03 34.97
C ARG D 713 18.14 18.25 35.05
N ARG D 714 18.80 17.53 35.94
CA ARG D 714 20.23 17.63 36.14
C ARG D 714 20.91 16.35 35.65
N GLN D 715 21.90 16.51 34.79
CA GLN D 715 22.63 15.36 34.25
C GLN D 715 24.11 15.73 34.09
N PRO D 716 25.03 14.95 34.67
CA PRO D 716 26.44 15.30 34.57
C PRO D 716 27.02 15.05 33.18
N VAL D 717 27.94 15.92 32.77
CA VAL D 717 28.57 15.84 31.46
C VAL D 717 30.08 15.94 31.65
N ALA D 718 30.81 15.49 30.63
CA ALA D 718 32.26 15.55 30.63
C ALA D 718 32.84 16.32 29.43
N SER D 719 31.99 16.77 28.51
CA SER D 719 32.46 17.52 27.35
C SER D 719 31.40 18.55 26.96
N PHE D 720 31.84 19.55 26.20
CA PHE D 720 30.92 20.57 25.73
C PHE D 720 29.96 20.03 24.67
N GLU D 721 30.43 19.09 23.84
CA GLU D 721 29.58 18.50 22.81
C GLU D 721 28.48 17.65 23.41
N GLN D 722 28.81 16.90 24.48
CA GLN D 722 27.81 16.07 25.15
C GLN D 722 26.75 16.95 25.83
N ALA D 723 27.17 18.06 26.44
CA ALA D 723 26.23 18.99 27.05
C ALA D 723 25.33 19.64 26.02
N LEU D 724 25.88 20.04 24.88
CA LEU D 724 25.08 20.64 23.81
C LEU D 724 24.12 19.63 23.19
N ASP D 725 24.55 18.38 23.06
CA ASP D 725 23.67 17.34 22.51
C ASP D 725 22.55 16.99 23.48
N TRP D 726 22.83 16.96 24.78
CA TRP D 726 21.78 16.73 25.77
C TRP D 726 20.82 17.91 25.85
N LEU D 727 21.32 19.13 25.63
CA LEU D 727 20.45 20.30 25.65
C LEU D 727 19.55 20.35 24.42
N VAL D 728 20.08 19.94 23.26
CA VAL D 728 19.29 19.93 22.02
C VAL D 728 18.24 18.82 22.06
N LYS D 729 18.63 17.62 22.50
CA LYS D 729 17.74 16.47 22.47
C LYS D 729 16.59 16.58 23.47
N GLU D 730 16.75 17.36 24.53
CA GLU D 730 15.68 17.51 25.51
C GLU D 730 14.54 18.37 24.98
N SER D 731 14.84 19.34 24.11
CA SER D 731 13.82 20.25 23.59
C SER D 731 13.02 19.65 22.44
N ARG D 732 13.37 18.47 21.95
CA ARG D 732 12.68 17.83 20.84
C ARG D 732 11.76 16.70 21.29
N ARG D 733 11.10 16.86 22.45
CA ARG D 733 10.21 15.83 22.95
C ARG D 733 8.77 16.08 22.51
N GLY D 734 8.20 17.21 22.90
CA GLY D 734 6.86 17.57 22.47
C GLY D 734 6.86 18.50 21.27
N LEU D 735 7.44 18.06 20.16
CA LEU D 735 7.59 18.90 18.98
C LEU D 735 7.14 18.14 17.74
N SER D 736 6.41 18.82 16.87
CA SER D 736 5.96 18.27 15.60
C SER D 736 6.19 19.31 14.50
N ILE D 737 6.85 18.90 13.42
CA ILE D 737 7.23 19.79 12.33
C ILE D 737 6.62 19.27 11.04
N GLN D 738 5.86 20.13 10.35
CA GLN D 738 5.26 19.80 9.06
C GLN D 738 5.75 20.79 8.02
N ARG D 739 6.20 20.27 6.88
CA ARG D 739 6.70 21.09 5.78
C ARG D 739 5.76 21.00 4.60
N TYR D 740 5.34 22.15 4.09
CA TYR D 740 4.39 22.20 2.97
C TYR D 740 5.11 22.02 1.63
N LYS D 741 4.45 21.30 0.72
CA LYS D 741 4.97 21.12 -0.63
C LYS D 741 3.93 21.43 -1.70
N GLY D 742 2.95 22.26 -1.37
CA GLY D 742 1.92 22.64 -2.32
C GLY D 742 0.80 23.42 -1.64
N LEU D 743 0.05 24.20 -2.43
CA LEU D 743 -1.02 25.00 -1.87
C LEU D 743 -2.30 24.21 -1.64
N GLY D 744 -2.39 22.98 -2.16
CA GLY D 744 -3.54 22.14 -1.90
C GLY D 744 -3.52 21.42 -0.57
N GLU D 745 -2.43 21.54 0.18
CA GLU D 745 -2.30 20.95 1.50
C GLU D 745 -2.78 21.86 2.61
N MET D 746 -3.19 23.09 2.28
CA MET D 746 -3.59 24.07 3.27
C MET D 746 -5.09 24.30 3.19
N ASN D 747 -5.71 24.52 4.35
CA ASN D 747 -7.10 24.91 4.40
C ASN D 747 -7.26 26.32 3.85
N PRO D 748 -8.44 26.65 3.29
CA PRO D 748 -8.67 28.03 2.83
C PRO D 748 -8.63 29.09 3.93
N GLU D 749 -8.86 28.71 5.18
CA GLU D 749 -8.67 29.65 6.29
C GLU D 749 -7.21 29.96 6.52
N GLN D 750 -6.33 28.97 6.35
CA GLN D 750 -4.91 29.16 6.59
C GLN D 750 -4.23 29.93 5.46
N LEU D 751 -4.71 29.76 4.22
CA LEU D 751 -4.09 30.45 3.10
C LEU D 751 -4.42 31.94 3.10
N TRP D 752 -5.58 32.32 3.63
CA TRP D 752 -5.94 33.73 3.67
C TRP D 752 -5.13 34.51 4.69
N GLU D 753 -4.95 33.94 5.89
CA GLU D 753 -4.32 34.69 6.98
C GLU D 753 -2.82 34.84 6.82
N THR D 754 -2.18 34.05 5.95
CA THR D 754 -0.74 34.08 5.81
C THR D 754 -0.25 34.65 4.49
N THR D 755 -1.03 34.55 3.42
CA THR D 755 -0.56 34.90 2.09
C THR D 755 -1.38 35.98 1.40
N MET D 756 -2.71 35.92 1.50
CA MET D 756 -3.56 36.77 0.67
C MET D 756 -4.19 37.95 1.41
N ASP D 757 -4.07 38.02 2.73
CA ASP D 757 -4.61 39.15 3.47
C ASP D 757 -3.74 40.38 3.24
N PRO D 758 -4.30 41.51 2.77
CA PRO D 758 -3.45 42.67 2.45
C PRO D 758 -2.95 43.46 3.66
N GLU D 759 -3.19 42.96 4.87
CA GLU D 759 -2.67 43.60 6.08
C GLU D 759 -1.53 42.84 6.74
N SER D 760 -1.37 41.56 6.44
CA SER D 760 -0.34 40.74 7.08
C SER D 760 0.34 39.83 6.06
N ARG D 761 0.72 40.39 4.91
CA ARG D 761 1.40 39.63 3.87
C ARG D 761 2.71 40.30 3.49
N ARG D 762 3.61 39.49 2.95
CA ARG D 762 4.91 39.95 2.46
C ARG D 762 5.01 39.66 0.97
N MET D 763 5.48 40.63 0.20
CA MET D 763 5.45 40.53 -1.25
C MET D 763 6.64 41.27 -1.84
N LEU D 764 7.15 40.75 -2.95
CA LEU D 764 8.26 41.35 -3.67
C LEU D 764 7.77 42.07 -4.92
N ARG D 765 8.61 42.96 -5.44
CA ARG D 765 8.29 43.72 -6.64
C ARG D 765 9.51 43.73 -7.54
N VAL D 766 9.40 43.15 -8.74
CA VAL D 766 10.55 42.97 -9.61
C VAL D 766 10.89 44.27 -10.31
N THR D 767 12.17 44.57 -10.40
CA THR D 767 12.70 45.74 -11.10
C THR D 767 13.89 45.32 -11.95
N VAL D 768 14.28 46.20 -12.87
CA VAL D 768 15.41 45.98 -13.76
C VAL D 768 16.51 46.97 -13.41
N LYS D 769 17.72 46.46 -13.17
CA LYS D 769 18.84 47.32 -12.80
C LYS D 769 19.65 47.75 -14.02
N ASP D 770 20.19 46.80 -14.77
CA ASP D 770 20.93 47.07 -15.99
C ASP D 770 20.25 46.36 -17.15
N ALA D 771 19.92 47.11 -18.21
CA ALA D 771 19.27 46.51 -19.35
C ALA D 771 20.22 45.69 -20.22
N ILE D 772 21.49 46.11 -20.30
CA ILE D 772 22.47 45.38 -21.09
C ILE D 772 22.83 44.07 -20.42
N ALA D 773 22.97 44.06 -19.09
CA ALA D 773 23.35 42.86 -18.37
C ALA D 773 22.17 41.92 -18.11
N ALA D 774 20.94 42.34 -18.39
CA ALA D 774 19.79 41.47 -18.14
C ALA D 774 19.58 40.50 -19.29
N ASP D 775 19.51 40.99 -20.52
CA ASP D 775 19.23 40.13 -21.66
C ASP D 775 20.42 39.26 -22.05
N GLN D 776 21.62 39.54 -21.54
CA GLN D 776 22.73 38.63 -21.75
C GLN D 776 22.58 37.38 -20.88
N LEU D 777 21.98 37.51 -19.71
CA LEU D 777 21.76 36.36 -18.84
C LEU D 777 20.61 35.50 -19.34
N PHE D 778 19.60 36.10 -19.99
CA PHE D 778 18.51 35.32 -20.54
C PHE D 778 18.94 34.51 -21.75
N THR D 779 19.94 34.98 -22.49
CA THR D 779 20.45 34.22 -23.63
C THR D 779 21.28 33.03 -23.17
N THR D 780 22.03 33.19 -22.08
CA THR D 780 22.89 32.11 -21.60
C THR D 780 22.07 30.98 -20.98
N LEU D 781 21.09 31.33 -20.15
CA LEU D 781 20.39 30.30 -19.37
C LEU D 781 19.24 29.66 -20.15
N MET D 782 18.55 30.43 -20.99
CA MET D 782 17.35 29.94 -21.67
C MET D 782 17.54 29.78 -23.18
N GLY D 783 18.76 29.91 -23.68
CA GLY D 783 19.00 29.88 -25.12
C GLY D 783 19.18 28.48 -25.67
N ASP D 784 19.48 28.44 -26.98
CA ASP D 784 19.63 27.16 -27.67
C ASP D 784 20.96 26.49 -27.37
N ALA D 785 22.04 27.27 -27.22
CA ALA D 785 23.36 26.70 -27.03
C ALA D 785 23.53 26.11 -25.64
N VAL D 786 24.24 25.00 -25.56
CA VAL D 786 24.35 24.24 -24.31
C VAL D 786 25.71 24.40 -23.63
N GLU D 787 26.71 24.96 -24.32
CA GLU D 787 28.04 25.10 -23.75
C GLU D 787 28.20 26.26 -22.77
N PRO D 788 27.67 27.48 -23.00
CA PRO D 788 27.73 28.48 -21.91
C PRO D 788 26.89 28.12 -20.69
N ARG D 789 25.80 27.36 -20.87
CA ARG D 789 24.98 26.93 -19.75
C ARG D 789 25.72 25.94 -18.86
N ARG D 790 26.44 24.99 -19.47
CA ARG D 790 27.20 24.01 -18.71
C ARG D 790 28.37 24.66 -17.98
N ALA D 791 29.00 25.67 -18.58
CA ALA D 791 30.08 26.38 -17.90
C ALA D 791 29.56 27.31 -16.81
N PHE D 792 28.33 27.81 -16.96
CA PHE D 792 27.76 28.65 -15.91
C PHE D 792 27.37 27.83 -14.68
N ILE D 793 26.85 26.62 -14.90
CA ILE D 793 26.46 25.77 -13.78
C ILE D 793 27.68 25.27 -13.03
N GLU D 794 28.74 24.88 -13.76
CA GLU D 794 29.93 24.31 -13.13
C GLU D 794 30.73 25.34 -12.35
N GLU D 795 30.70 26.60 -12.78
CA GLU D 795 31.47 27.64 -12.10
C GLU D 795 30.89 27.97 -10.74
N ASN D 796 29.57 28.01 -10.62
CA ASN D 796 28.92 28.35 -9.35
C ASN D 796 28.96 27.21 -8.35
N ALA D 797 29.24 25.98 -8.80
CA ALA D 797 29.40 24.88 -7.86
C ALA D 797 30.73 24.96 -7.11
N LEU D 798 31.75 25.55 -7.75
CA LEU D 798 33.04 25.71 -7.09
C LEU D 798 33.01 26.84 -6.06
N LYS D 799 32.14 27.84 -6.24
CA LYS D 799 32.09 28.96 -5.31
C LYS D 799 31.51 28.55 -3.97
N ALA D 800 30.56 27.61 -3.95
CA ALA D 800 29.98 27.17 -2.69
C ALA D 800 30.96 26.32 -1.90
N ALA D 801 31.74 25.48 -2.57
CA ALA D 801 32.72 24.64 -1.91
C ALA D 801 34.02 25.41 -1.67
#